data_6RWG
#
_entry.id   6RWG
#
loop_
_entity.id
_entity.type
_entity.pdbx_description
1 polymer 'Gag polyprotein'
2 non-polymer 'ZINC ION'
#
_entity_poly.entity_id   1
_entity_poly.type   'polypeptide(L)'
_entity_poly.pdbx_seq_one_letter_code
;MYSPTSILDIRQGPKEPFRDYVDRFYKTLRAEQASQEVKNAATETLLVQNANPDCKTILKALGPGATLEEMMTACQGVGG
PGHKARVLAEAMSQVTNPATIMIQKGNFRNQRKTVKCFNCGKEGHIAKNCRAPRKKGCWKCGKEGHQMKDCTERQAN
;
_entity_poly.pdbx_strand_id   A
#
# COMPACT_ATOMS: atom_id res chain seq x y z
N MET A 1 -0.68 17.99 15.62
CA MET A 1 0.08 18.00 14.35
C MET A 1 -0.48 16.97 13.37
N TYR A 2 -0.88 15.82 13.89
CA TYR A 2 -1.32 14.71 13.05
C TYR A 2 -2.82 14.76 12.78
N SER A 3 -3.35 15.97 12.80
CA SER A 3 -4.74 16.20 12.44
C SER A 3 -4.87 17.49 11.63
N PRO A 4 -4.16 17.58 10.49
CA PRO A 4 -4.14 18.78 9.66
C PRO A 4 -5.16 18.74 8.53
N THR A 5 -4.99 19.58 7.52
CA THR A 5 -5.88 19.59 6.38
C THR A 5 -5.76 18.29 5.58
N SER A 6 -4.66 17.58 5.79
CA SER A 6 -4.42 16.30 5.12
C SER A 6 -5.55 15.31 5.37
N ILE A 7 -6.33 15.52 6.43
CA ILE A 7 -7.41 14.61 6.77
C ILE A 7 -8.61 14.84 5.83
N LEU A 8 -8.71 16.05 5.30
CA LEU A 8 -9.74 16.39 4.33
C LEU A 8 -9.29 15.98 2.93
N ASP A 9 -7.99 15.78 2.78
CA ASP A 9 -7.38 15.46 1.50
C ASP A 9 -7.29 13.95 1.27
N ILE A 10 -6.87 13.26 2.34
CA ILE A 10 -6.68 11.80 2.40
C ILE A 10 -6.23 11.12 1.11
N ARG A 11 -5.49 11.81 0.24
CA ARG A 11 -5.05 11.18 -1.00
C ARG A 11 -3.97 10.14 -0.73
N GLN A 12 -4.15 8.97 -1.33
CA GLN A 12 -3.27 7.83 -1.12
C GLN A 12 -1.85 8.11 -1.61
N GLY A 13 -0.88 7.85 -0.75
CA GLY A 13 0.50 7.91 -1.15
C GLY A 13 0.93 6.62 -1.81
N PRO A 14 1.94 6.65 -2.70
CA PRO A 14 2.36 5.46 -3.46
C PRO A 14 2.74 4.26 -2.58
N LYS A 15 3.11 4.52 -1.34
CA LYS A 15 3.53 3.45 -0.44
C LYS A 15 2.33 2.93 0.37
N GLU A 16 1.23 3.66 0.32
CA GLU A 16 0.10 3.40 1.20
C GLU A 16 -0.85 2.39 0.60
N PRO A 17 -1.24 1.37 1.37
CA PRO A 17 -2.29 0.45 0.96
C PRO A 17 -3.63 1.16 0.80
N PHE A 18 -4.26 0.97 -0.34
CA PHE A 18 -5.48 1.70 -0.73
C PHE A 18 -6.48 1.82 0.42
N ARG A 19 -6.96 0.68 0.91
CA ARG A 19 -8.02 0.65 1.89
C ARG A 19 -7.59 1.29 3.22
N ASP A 20 -6.30 1.42 3.43
CA ASP A 20 -5.78 1.97 4.68
C ASP A 20 -5.92 3.48 4.69
N TYR A 21 -5.67 4.11 3.54
CA TYR A 21 -5.85 5.55 3.44
C TYR A 21 -7.32 5.87 3.26
N VAL A 22 -8.04 4.97 2.58
CA VAL A 22 -9.48 5.09 2.42
C VAL A 22 -10.17 4.96 3.79
N ASP A 23 -9.51 4.26 4.70
CA ASP A 23 -10.05 4.04 6.05
C ASP A 23 -10.29 5.37 6.77
N ARG A 24 -9.38 6.33 6.61
CA ARG A 24 -9.52 7.60 7.31
C ARG A 24 -10.42 8.53 6.52
N PHE A 25 -10.60 8.24 5.23
CA PHE A 25 -11.61 8.93 4.46
C PHE A 25 -12.98 8.47 4.95
N TYR A 26 -13.04 7.21 5.35
CA TYR A 26 -14.28 6.59 5.75
C TYR A 26 -14.68 7.13 7.11
N LYS A 27 -13.69 7.52 7.89
CA LYS A 27 -13.93 8.04 9.22
C LYS A 27 -14.48 9.46 9.13
N THR A 28 -14.19 10.14 8.03
CA THR A 28 -14.75 11.45 7.80
C THR A 28 -16.13 11.29 7.18
N LEU A 29 -16.25 10.27 6.33
CA LEU A 29 -17.49 10.02 5.60
C LEU A 29 -18.59 9.60 6.56
N ARG A 30 -18.20 8.88 7.60
CA ARG A 30 -19.15 8.39 8.59
C ARG A 30 -19.67 9.53 9.46
N ALA A 31 -18.86 10.57 9.58
CA ALA A 31 -19.21 11.72 10.38
C ALA A 31 -20.04 12.73 9.59
N GLU A 32 -19.48 13.20 8.48
CA GLU A 32 -20.14 14.23 7.68
C GLU A 32 -21.08 13.64 6.64
N GLN A 33 -21.79 12.58 7.01
CA GLN A 33 -22.69 11.91 6.08
C GLN A 33 -24.06 12.58 6.02
N ALA A 34 -24.05 13.90 6.00
CA ALA A 34 -25.28 14.66 5.93
C ALA A 34 -25.82 14.64 4.50
N SER A 35 -25.06 15.21 3.59
CA SER A 35 -25.41 15.17 2.18
C SER A 35 -24.96 13.86 1.55
N GLN A 36 -25.67 12.78 1.87
CA GLN A 36 -25.35 11.46 1.36
C GLN A 36 -25.40 11.46 -0.17
N GLU A 37 -26.28 12.31 -0.71
CA GLU A 37 -26.47 12.42 -2.14
C GLU A 37 -25.22 12.91 -2.85
N VAL A 38 -24.54 13.88 -2.27
CA VAL A 38 -23.33 14.42 -2.87
C VAL A 38 -22.14 13.57 -2.47
N LYS A 39 -22.18 13.04 -1.25
CA LYS A 39 -21.10 12.23 -0.73
C LYS A 39 -20.90 10.98 -1.57
N ASN A 40 -21.98 10.23 -1.78
CA ASN A 40 -21.90 8.99 -2.57
C ASN A 40 -21.44 9.29 -3.99
N ALA A 41 -22.00 10.33 -4.59
CA ALA A 41 -21.64 10.72 -5.95
C ALA A 41 -20.18 11.15 -6.02
N ALA A 42 -19.70 11.76 -4.94
CA ALA A 42 -18.30 12.16 -4.86
C ALA A 42 -17.40 10.94 -4.74
N THR A 43 -17.68 10.10 -3.74
CA THR A 43 -16.84 8.93 -3.44
C THR A 43 -16.52 8.09 -4.69
N GLU A 44 -17.46 8.04 -5.62
CA GLU A 44 -17.27 7.29 -6.86
C GLU A 44 -16.00 7.73 -7.59
N THR A 45 -15.95 9.01 -7.92
CA THR A 45 -14.80 9.56 -8.62
C THR A 45 -13.69 9.95 -7.63
N LEU A 46 -14.08 10.26 -6.41
CA LEU A 46 -13.15 10.73 -5.39
C LEU A 46 -12.12 9.67 -5.03
N LEU A 47 -12.57 8.50 -4.59
CA LEU A 47 -11.63 7.47 -4.11
C LEU A 47 -10.71 6.96 -5.21
N VAL A 48 -11.18 6.95 -6.45
CA VAL A 48 -10.34 6.48 -7.55
C VAL A 48 -9.34 7.56 -7.97
N GLN A 49 -9.75 8.83 -7.84
CA GLN A 49 -8.87 9.96 -8.14
C GLN A 49 -7.94 10.22 -6.94
N ASN A 50 -8.39 9.76 -5.78
CA ASN A 50 -7.66 9.90 -4.52
C ASN A 50 -6.40 9.03 -4.52
N ALA A 51 -6.36 8.06 -5.43
CA ALA A 51 -5.28 7.10 -5.47
C ALA A 51 -4.05 7.72 -6.09
N ASN A 52 -2.88 7.16 -5.79
CA ASN A 52 -1.65 7.58 -6.45
C ASN A 52 -1.70 7.12 -7.90
N PRO A 53 -1.13 7.92 -8.82
CA PRO A 53 -1.19 7.66 -10.26
C PRO A 53 -1.09 6.19 -10.62
N ASP A 54 -0.10 5.51 -10.07
CA ASP A 54 0.15 4.11 -10.37
C ASP A 54 -1.01 3.22 -9.94
N CYS A 55 -1.59 3.56 -8.80
CA CYS A 55 -2.66 2.78 -8.18
C CYS A 55 -3.94 2.81 -9.01
N LYS A 56 -4.38 3.99 -9.42
CA LYS A 56 -5.59 4.09 -10.25
C LYS A 56 -5.31 3.51 -11.63
N THR A 57 -4.06 3.60 -12.04
CA THR A 57 -3.62 3.01 -13.30
C THR A 57 -3.82 1.49 -13.30
N ILE A 58 -3.44 0.82 -12.21
CA ILE A 58 -3.60 -0.63 -12.13
C ILE A 58 -5.07 -1.00 -11.96
N LEU A 59 -5.81 -0.22 -11.17
CA LEU A 59 -7.24 -0.46 -10.96
C LEU A 59 -7.96 -0.72 -12.26
N LYS A 60 -7.73 0.14 -13.24
CA LYS A 60 -8.41 0.04 -14.52
C LYS A 60 -7.78 -1.03 -15.41
N ALA A 61 -6.56 -1.43 -15.09
CA ALA A 61 -5.86 -2.45 -15.86
C ALA A 61 -6.30 -3.84 -15.44
N LEU A 62 -6.43 -4.05 -14.14
CA LEU A 62 -6.77 -5.38 -13.61
C LEU A 62 -8.23 -5.48 -13.23
N GLY A 63 -8.95 -4.38 -13.43
CA GLY A 63 -10.39 -4.34 -13.15
C GLY A 63 -11.15 -5.58 -13.61
N PRO A 64 -11.04 -6.00 -14.88
CA PRO A 64 -11.69 -7.21 -15.39
C PRO A 64 -11.37 -8.48 -14.59
N GLY A 65 -10.14 -8.58 -14.11
CA GLY A 65 -9.72 -9.78 -13.39
C GLY A 65 -9.82 -9.60 -11.89
N ALA A 66 -10.17 -8.40 -11.47
CA ALA A 66 -10.33 -8.09 -10.06
C ALA A 66 -11.73 -7.58 -9.78
N THR A 67 -12.52 -8.43 -9.12
CA THR A 67 -13.94 -8.14 -8.86
C THR A 67 -14.14 -6.87 -8.04
N LEU A 68 -13.83 -6.93 -6.76
CA LEU A 68 -14.00 -5.77 -5.88
C LEU A 68 -12.94 -5.78 -4.79
N GLU A 69 -12.88 -6.88 -4.07
CA GLU A 69 -11.92 -7.02 -2.99
C GLU A 69 -10.55 -7.29 -3.58
N GLU A 70 -10.55 -7.90 -4.75
CA GLU A 70 -9.34 -8.23 -5.46
C GLU A 70 -8.62 -6.95 -5.89
N MET A 71 -9.36 -6.01 -6.49
CA MET A 71 -8.76 -4.75 -6.91
C MET A 71 -8.37 -3.91 -5.70
N MET A 72 -9.09 -4.10 -4.60
CA MET A 72 -8.78 -3.42 -3.36
C MET A 72 -7.47 -3.94 -2.79
N THR A 73 -7.32 -5.25 -2.82
CA THR A 73 -6.11 -5.91 -2.36
C THR A 73 -4.94 -5.61 -3.30
N ALA A 74 -5.25 -5.47 -4.59
CA ALA A 74 -4.26 -5.14 -5.60
C ALA A 74 -3.59 -3.80 -5.30
N CYS A 75 -4.37 -2.88 -4.74
CA CYS A 75 -3.86 -1.57 -4.40
C CYS A 75 -3.42 -1.49 -2.94
N GLN A 76 -3.65 -2.57 -2.20
CA GLN A 76 -3.10 -2.68 -0.86
C GLN A 76 -1.65 -3.11 -0.95
N GLY A 77 -0.76 -2.23 -0.52
CA GLY A 77 0.66 -2.48 -0.66
C GLY A 77 1.06 -2.59 -2.11
N VAL A 78 1.00 -1.46 -2.82
CA VAL A 78 1.34 -1.42 -4.25
C VAL A 78 2.76 -1.92 -4.48
N GLY A 79 2.88 -3.15 -4.95
CA GLY A 79 4.19 -3.76 -5.14
C GLY A 79 4.91 -4.01 -3.83
N GLY A 80 4.16 -3.97 -2.74
CA GLY A 80 4.73 -4.12 -1.42
C GLY A 80 5.46 -2.88 -0.95
N PRO A 81 4.99 -2.23 0.13
CA PRO A 81 5.60 -1.00 0.65
C PRO A 81 7.08 -1.17 0.97
N GLY A 82 7.41 -2.27 1.62
CA GLY A 82 8.80 -2.55 1.97
C GLY A 82 9.38 -3.64 1.10
N HIS A 83 8.72 -3.92 -0.01
CA HIS A 83 9.18 -4.96 -0.93
C HIS A 83 10.11 -4.35 -1.97
N LYS A 84 11.06 -5.15 -2.42
CA LYS A 84 12.05 -4.71 -3.40
C LYS A 84 11.45 -4.80 -4.79
N ALA A 85 10.32 -5.48 -4.87
CA ALA A 85 9.60 -5.68 -6.11
C ALA A 85 9.22 -4.34 -6.72
N ARG A 86 8.76 -3.42 -5.89
CA ARG A 86 8.37 -2.10 -6.37
C ARG A 86 9.57 -1.31 -6.85
N VAL A 87 10.71 -1.51 -6.21
CA VAL A 87 11.90 -0.72 -6.49
C VAL A 87 12.48 -1.11 -7.84
N LEU A 88 12.35 -2.39 -8.16
CA LEU A 88 12.84 -2.90 -9.43
C LEU A 88 11.82 -2.62 -10.52
N ALA A 89 10.56 -2.68 -10.16
CA ALA A 89 9.47 -2.33 -11.07
C ALA A 89 9.59 -0.87 -11.51
N GLU A 90 10.04 -0.02 -10.60
CA GLU A 90 10.24 1.40 -10.92
C GLU A 90 11.34 1.56 -11.95
N ALA A 91 12.32 0.67 -11.92
CA ALA A 91 13.44 0.71 -12.84
C ALA A 91 13.05 0.09 -14.17
N MET A 92 12.23 -0.94 -14.08
CA MET A 92 11.73 -1.62 -15.27
C MET A 92 10.82 -0.70 -16.07
N SER A 93 9.98 0.03 -15.35
CA SER A 93 9.12 1.02 -15.97
C SER A 93 9.96 2.14 -16.59
N GLN A 94 11.02 2.51 -15.89
CA GLN A 94 11.85 3.65 -16.28
C GLN A 94 12.49 3.45 -17.65
N VAL A 95 13.00 2.25 -17.89
CA VAL A 95 13.65 1.96 -19.17
C VAL A 95 12.64 1.74 -20.28
N THR A 96 11.43 1.33 -19.91
CA THR A 96 10.42 0.98 -20.89
C THR A 96 9.67 2.20 -21.43
N ASN A 97 9.16 3.03 -20.52
CA ASN A 97 8.36 4.17 -20.94
C ASN A 97 9.05 5.48 -20.58
N PRO A 98 9.03 6.45 -21.52
CA PRO A 98 9.62 7.77 -21.32
C PRO A 98 8.79 8.66 -20.41
N ALA A 99 7.65 8.15 -19.96
CA ALA A 99 6.77 8.90 -19.08
C ALA A 99 7.40 9.07 -17.70
N THR A 100 8.46 8.30 -17.45
CA THR A 100 9.12 8.30 -16.16
C THR A 100 10.00 9.55 -16.01
N ILE A 101 10.44 10.12 -17.12
CA ILE A 101 11.23 11.35 -17.06
C ILE A 101 10.30 12.55 -16.88
N MET A 102 9.08 12.41 -17.37
CA MET A 102 8.08 13.46 -17.23
C MET A 102 7.67 13.60 -15.77
N ILE A 103 7.45 12.46 -15.12
CA ILE A 103 7.09 12.45 -13.70
C ILE A 103 8.32 12.75 -12.84
N GLN A 104 9.51 12.58 -13.45
CA GLN A 104 10.76 12.93 -12.79
C GLN A 104 10.88 14.45 -12.72
N LYS A 105 10.51 15.12 -13.81
CA LYS A 105 10.51 16.58 -13.83
C LYS A 105 9.40 17.10 -12.93
N GLY A 106 8.25 16.43 -12.98
CA GLY A 106 7.14 16.80 -12.12
C GLY A 106 7.44 16.60 -10.66
N ASN A 107 8.43 15.76 -10.36
CA ASN A 107 8.85 15.49 -8.99
C ASN A 107 9.35 16.76 -8.32
N PHE A 108 9.76 17.73 -9.13
CA PHE A 108 10.25 19.01 -8.62
C PHE A 108 9.12 19.78 -7.95
N ARG A 109 7.88 19.49 -8.36
CA ARG A 109 6.71 20.12 -7.77
C ARG A 109 6.37 19.43 -6.46
N ASN A 110 6.74 18.16 -6.36
CA ASN A 110 6.42 17.35 -5.19
C ASN A 110 7.44 17.59 -4.07
N GLN A 111 6.95 17.64 -2.85
CA GLN A 111 7.82 17.80 -1.69
C GLN A 111 8.40 16.45 -1.29
N ARG A 112 9.52 16.09 -1.92
CA ARG A 112 10.19 14.82 -1.67
C ARG A 112 11.10 14.92 -0.46
N LYS A 113 10.82 15.90 0.40
CA LYS A 113 11.66 16.18 1.55
C LYS A 113 11.34 15.24 2.72
N THR A 114 10.58 14.20 2.45
CA THR A 114 10.22 13.21 3.46
C THR A 114 11.39 12.28 3.73
N VAL A 115 12.37 12.30 2.82
CA VAL A 115 13.52 11.42 2.89
C VAL A 115 14.40 11.73 4.11
N LYS A 116 14.43 13.00 4.53
CA LYS A 116 15.26 13.39 5.66
C LYS A 116 14.84 12.67 6.92
N CYS A 117 15.80 11.99 7.53
CA CYS A 117 15.55 11.10 8.65
C CYS A 117 15.03 11.89 9.85
N PHE A 118 13.75 11.71 10.15
CA PHE A 118 13.07 12.45 11.22
C PHE A 118 13.51 11.98 12.61
N ASN A 119 14.77 12.19 12.91
CA ASN A 119 15.36 11.91 14.22
C ASN A 119 16.85 12.20 14.18
N CYS A 120 17.46 11.97 13.02
CA CYS A 120 18.87 12.24 12.81
C CYS A 120 19.07 13.59 12.09
N GLY A 121 18.03 14.03 11.38
CA GLY A 121 18.06 15.35 10.77
C GLY A 121 18.38 15.34 9.29
N LYS A 122 19.20 14.39 8.86
CA LYS A 122 19.69 14.37 7.48
C LYS A 122 19.06 13.21 6.70
N GLU A 123 19.14 13.29 5.37
CA GLU A 123 18.53 12.29 4.51
C GLU A 123 19.49 11.12 4.24
N GLY A 124 20.41 10.92 5.15
CA GLY A 124 21.35 9.82 5.03
C GLY A 124 20.67 8.48 5.28
N HIS A 125 19.55 8.54 5.98
CA HIS A 125 18.76 7.36 6.26
C HIS A 125 17.31 7.65 5.93
N ILE A 126 16.44 6.72 6.32
CA ILE A 126 15.01 6.91 6.24
C ILE A 126 14.41 6.48 7.57
N ALA A 127 13.59 7.35 8.15
CA ALA A 127 13.04 7.15 9.49
C ALA A 127 12.24 5.85 9.60
N LYS A 128 11.83 5.32 8.46
CA LYS A 128 11.06 4.08 8.42
C LYS A 128 11.93 2.86 8.73
N ASN A 129 13.23 2.98 8.48
CA ASN A 129 14.16 1.86 8.66
C ASN A 129 15.20 2.19 9.73
N CYS A 130 15.36 3.47 10.02
CA CYS A 130 16.37 3.90 10.95
C CYS A 130 15.83 3.92 12.38
N ARG A 131 16.17 2.89 13.13
CA ARG A 131 15.83 2.83 14.54
C ARG A 131 17.03 3.25 15.37
N ALA A 132 17.00 4.49 15.83
CA ALA A 132 18.10 5.05 16.60
C ALA A 132 17.60 6.12 17.56
N PRO A 133 17.78 5.89 18.88
CA PRO A 133 17.42 6.87 19.91
C PRO A 133 18.38 8.06 19.92
N ARG A 134 18.27 8.89 18.88
CA ARG A 134 19.08 10.08 18.77
C ARG A 134 18.57 11.15 19.74
N LYS A 135 17.43 11.74 19.40
CA LYS A 135 16.82 12.76 20.23
C LYS A 135 15.32 12.71 20.06
N LYS A 136 14.66 13.75 20.57
CA LYS A 136 13.20 13.85 20.60
C LYS A 136 12.59 12.92 21.65
N GLY A 137 13.26 11.80 21.89
CA GLY A 137 12.75 10.82 22.82
C GLY A 137 11.83 9.82 22.14
N CYS A 138 10.64 9.67 22.68
CA CYS A 138 9.65 8.78 22.10
C CYS A 138 8.97 9.43 20.91
N TRP A 139 9.16 8.85 19.72
CA TRP A 139 8.48 9.33 18.53
C TRP A 139 7.23 8.50 18.31
N LYS A 140 7.11 7.43 19.08
CA LYS A 140 6.11 6.41 18.84
C LYS A 140 4.74 6.82 19.35
N CYS A 141 4.65 7.18 20.63
CA CYS A 141 3.36 7.44 21.24
C CYS A 141 3.29 8.84 21.83
N GLY A 142 4.45 9.44 22.06
CA GLY A 142 4.48 10.75 22.65
C GLY A 142 4.83 11.81 21.64
N LYS A 143 5.84 11.51 20.83
CA LYS A 143 6.35 12.41 19.79
C LYS A 143 7.10 13.57 20.42
N GLU A 144 6.38 14.38 21.20
CA GLU A 144 6.99 15.50 21.90
C GLU A 144 7.58 15.06 23.24
N GLY A 145 7.30 13.82 23.64
CA GLY A 145 7.78 13.33 24.91
C GLY A 145 7.66 11.83 25.07
N HIS A 146 7.69 11.38 26.33
CA HIS A 146 7.67 9.96 26.71
C HIS A 146 9.06 9.34 26.53
N GLN A 147 9.40 8.41 27.42
CA GLN A 147 10.68 7.71 27.39
C GLN A 147 10.68 6.64 26.31
N MET A 148 11.53 6.82 25.31
CA MET A 148 11.60 5.89 24.17
C MET A 148 12.10 4.50 24.58
N LYS A 149 12.74 4.42 25.75
CA LYS A 149 13.27 3.16 26.23
C LYS A 149 12.19 2.32 26.89
N ASP A 150 11.15 2.97 27.37
CA ASP A 150 10.06 2.28 28.05
C ASP A 150 8.81 2.29 27.21
N CYS A 151 8.99 2.51 25.91
CA CYS A 151 7.88 2.53 24.99
C CYS A 151 7.82 1.22 24.22
N THR A 152 7.19 0.22 24.81
CA THR A 152 7.00 -1.04 24.15
C THR A 152 5.66 -1.03 23.41
N GLU A 153 5.70 -1.43 22.15
CA GLU A 153 4.51 -1.41 21.30
C GLU A 153 3.52 -2.47 21.75
N ARG A 154 2.42 -2.03 22.33
CA ARG A 154 1.37 -2.92 22.77
C ARG A 154 0.00 -2.32 22.49
N GLN A 155 -0.76 -2.97 21.62
CA GLN A 155 -2.10 -2.52 21.23
C GLN A 155 -2.04 -1.10 20.67
N ALA A 156 -0.99 -0.82 19.91
CA ALA A 156 -0.82 0.50 19.30
C ALA A 156 -0.34 0.37 17.86
N ASN A 157 0.86 -0.17 17.71
CA ASN A 157 1.45 -0.41 16.39
C ASN A 157 2.78 -1.15 16.56
N MET A 1 -14.74 16.53 18.39
CA MET A 1 -13.68 16.50 19.42
C MET A 1 -12.37 17.06 18.88
N TYR A 2 -11.81 16.39 17.88
CA TYR A 2 -10.59 16.83 17.26
C TYR A 2 -10.51 16.28 15.84
N SER A 3 -10.74 17.15 14.87
CA SER A 3 -10.73 16.75 13.48
C SER A 3 -9.74 17.59 12.68
N PRO A 4 -8.51 17.09 12.51
CA PRO A 4 -7.46 17.80 11.78
C PRO A 4 -7.73 17.85 10.27
N THR A 5 -6.95 18.67 9.57
CA THR A 5 -7.12 18.88 8.14
C THR A 5 -6.86 17.60 7.36
N SER A 6 -6.09 16.70 7.96
CA SER A 6 -5.73 15.42 7.34
C SER A 6 -6.97 14.61 6.95
N ILE A 7 -8.12 14.95 7.54
CA ILE A 7 -9.36 14.25 7.24
C ILE A 7 -9.96 14.74 5.92
N LEU A 8 -9.82 16.03 5.65
CA LEU A 8 -10.28 16.61 4.40
C LEU A 8 -9.23 16.39 3.31
N ASP A 9 -8.02 16.12 3.75
CA ASP A 9 -6.86 16.01 2.87
C ASP A 9 -6.44 14.55 2.72
N ILE A 10 -7.40 13.64 2.84
CA ILE A 10 -7.14 12.19 2.73
C ILE A 10 -6.71 11.75 1.33
N ARG A 11 -5.86 12.53 0.67
CA ARG A 11 -5.28 12.11 -0.59
C ARG A 11 -4.19 11.10 -0.28
N GLN A 12 -3.94 10.18 -1.18
CA GLN A 12 -3.04 9.09 -0.86
C GLN A 12 -1.92 8.91 -1.88
N GLY A 13 -0.86 8.30 -1.40
CA GLY A 13 0.29 8.02 -2.24
C GLY A 13 0.42 6.53 -2.50
N PRO A 14 1.51 6.10 -3.14
CA PRO A 14 1.68 4.71 -3.56
C PRO A 14 2.28 3.83 -2.48
N LYS A 15 2.14 4.25 -1.23
CA LYS A 15 2.69 3.49 -0.12
C LYS A 15 1.62 3.02 0.85
N GLU A 16 0.36 3.29 0.52
CA GLU A 16 -0.73 2.90 1.40
C GLU A 16 -1.36 1.57 0.97
N PRO A 17 -1.51 0.65 1.94
CA PRO A 17 -2.36 -0.52 1.77
C PRO A 17 -3.83 -0.10 1.78
N PHE A 18 -4.65 -0.80 0.99
CA PHE A 18 -6.06 -0.45 0.81
C PHE A 18 -6.74 -0.12 2.14
N ARG A 19 -6.76 -1.08 3.05
CA ARG A 19 -7.45 -0.91 4.34
C ARG A 19 -6.93 0.28 5.15
N ASP A 20 -5.73 0.75 4.83
CA ASP A 20 -5.13 1.87 5.55
C ASP A 20 -5.57 3.18 4.91
N TYR A 21 -5.58 3.20 3.57
CA TYR A 21 -6.09 4.33 2.81
C TYR A 21 -7.55 4.56 3.18
N VAL A 22 -8.31 3.48 3.23
CA VAL A 22 -9.74 3.55 3.52
C VAL A 22 -9.99 4.01 4.96
N ASP A 23 -9.05 3.70 5.84
CA ASP A 23 -9.16 4.05 7.26
C ASP A 23 -9.41 5.55 7.46
N ARG A 24 -8.63 6.38 6.76
CA ARG A 24 -8.76 7.82 6.90
C ARG A 24 -9.86 8.35 5.99
N PHE A 25 -10.03 7.70 4.84
CA PHE A 25 -11.04 8.11 3.88
C PHE A 25 -12.44 7.88 4.43
N TYR A 26 -12.58 6.88 5.29
CA TYR A 26 -13.88 6.52 5.82
C TYR A 26 -14.30 7.54 6.86
N LYS A 27 -13.31 8.20 7.45
CA LYS A 27 -13.54 9.23 8.44
C LYS A 27 -14.30 10.40 7.82
N THR A 28 -14.11 10.61 6.52
CA THR A 28 -14.81 11.68 5.82
C THR A 28 -16.29 11.37 5.70
N LEU A 29 -16.59 10.07 5.53
CA LEU A 29 -17.96 9.61 5.39
C LEU A 29 -18.75 9.84 6.67
N ARG A 30 -18.05 9.84 7.78
CA ARG A 30 -18.68 10.05 9.09
C ARG A 30 -18.94 11.53 9.31
N ALA A 31 -18.12 12.36 8.69
CA ALA A 31 -18.21 13.81 8.87
C ALA A 31 -19.23 14.43 7.92
N GLU A 32 -19.47 13.76 6.79
CA GLU A 32 -20.42 14.25 5.79
C GLU A 32 -21.84 13.81 6.13
N GLN A 33 -22.75 13.97 5.17
CA GLN A 33 -24.13 13.51 5.31
C GLN A 33 -24.15 11.99 5.49
N ALA A 34 -25.16 11.52 6.21
CA ALA A 34 -25.29 10.10 6.53
C ALA A 34 -25.84 9.30 5.37
N SER A 35 -26.49 9.99 4.43
CA SER A 35 -27.10 9.35 3.26
C SER A 35 -26.13 8.42 2.54
N GLN A 36 -26.36 7.11 2.69
CA GLN A 36 -25.48 6.11 2.13
C GLN A 36 -25.64 5.99 0.62
N GLU A 37 -26.84 6.32 0.13
CA GLU A 37 -27.12 6.26 -1.30
C GLU A 37 -26.18 7.16 -2.09
N VAL A 38 -25.78 8.28 -1.48
CA VAL A 38 -24.89 9.23 -2.13
C VAL A 38 -23.46 8.75 -2.04
N LYS A 39 -23.11 8.14 -0.92
CA LYS A 39 -21.74 7.72 -0.64
C LYS A 39 -21.23 6.77 -1.72
N ASN A 40 -22.04 5.80 -2.07
CA ASN A 40 -21.64 4.77 -3.03
C ASN A 40 -21.37 5.36 -4.41
N ALA A 41 -22.16 6.36 -4.79
CA ALA A 41 -22.01 7.00 -6.08
C ALA A 41 -20.85 7.98 -6.08
N ALA A 42 -20.57 8.54 -4.92
CA ALA A 42 -19.51 9.51 -4.77
C ALA A 42 -18.16 8.83 -4.60
N THR A 43 -18.04 8.03 -3.55
CA THR A 43 -16.77 7.42 -3.19
C THR A 43 -16.19 6.56 -4.30
N GLU A 44 -17.04 5.95 -5.13
CA GLU A 44 -16.58 5.06 -6.18
C GLU A 44 -15.56 5.77 -7.08
N THR A 45 -15.90 6.97 -7.54
CA THR A 45 -14.99 7.74 -8.38
C THR A 45 -14.06 8.59 -7.52
N LEU A 46 -14.58 9.09 -6.40
CA LEU A 46 -13.85 10.03 -5.57
C LEU A 46 -12.65 9.36 -4.86
N LEU A 47 -12.82 8.12 -4.45
CA LEU A 47 -11.74 7.38 -3.79
C LEU A 47 -10.59 7.13 -4.76
N VAL A 48 -10.92 6.65 -5.97
CA VAL A 48 -9.91 6.30 -6.95
C VAL A 48 -9.24 7.55 -7.55
N GLN A 49 -9.97 8.65 -7.56
CA GLN A 49 -9.43 9.90 -8.09
C GLN A 49 -8.46 10.55 -7.11
N ASN A 50 -8.55 10.16 -5.85
CA ASN A 50 -7.77 10.78 -4.78
C ASN A 50 -6.51 9.99 -4.47
N ALA A 51 -6.18 9.02 -5.33
CA ALA A 51 -5.03 8.18 -5.07
C ALA A 51 -3.84 8.60 -5.93
N ASN A 52 -2.72 7.92 -5.74
CA ASN A 52 -1.52 8.15 -6.55
C ASN A 52 -1.72 7.64 -7.97
N PRO A 53 -1.20 8.35 -8.98
CA PRO A 53 -1.30 7.96 -10.39
C PRO A 53 -1.19 6.45 -10.60
N ASP A 54 -0.15 5.85 -10.04
CA ASP A 54 0.13 4.42 -10.22
C ASP A 54 -0.98 3.57 -9.61
N CYS A 55 -1.37 3.94 -8.40
CA CYS A 55 -2.41 3.22 -7.66
C CYS A 55 -3.76 3.29 -8.37
N LYS A 56 -4.03 4.44 -8.99
CA LYS A 56 -5.23 4.60 -9.78
C LYS A 56 -5.11 3.78 -11.06
N THR A 57 -3.90 3.81 -11.62
CA THR A 57 -3.58 3.11 -12.85
C THR A 57 -3.91 1.63 -12.78
N ILE A 58 -3.41 0.94 -11.75
CA ILE A 58 -3.62 -0.50 -11.62
C ILE A 58 -5.10 -0.85 -11.60
N LEU A 59 -5.88 -0.05 -10.90
CA LEU A 59 -7.31 -0.32 -10.74
C LEU A 59 -8.02 -0.37 -12.08
N LYS A 60 -7.75 0.62 -12.92
CA LYS A 60 -8.39 0.70 -14.22
C LYS A 60 -7.72 -0.24 -15.22
N ALA A 61 -6.48 -0.62 -14.92
CA ALA A 61 -5.73 -1.54 -15.77
C ALA A 61 -6.17 -2.98 -15.54
N LEU A 62 -6.93 -3.20 -14.47
CA LEU A 62 -7.49 -4.52 -14.20
C LEU A 62 -8.57 -4.85 -15.23
N GLY A 63 -9.30 -3.82 -15.65
CA GLY A 63 -10.37 -4.01 -16.62
C GLY A 63 -11.66 -3.37 -16.17
N PRO A 64 -12.37 -3.97 -15.20
CA PRO A 64 -13.66 -3.45 -14.72
C PRO A 64 -13.52 -2.15 -13.93
N GLY A 65 -12.28 -1.77 -13.65
CA GLY A 65 -12.04 -0.55 -12.91
C GLY A 65 -11.97 -0.80 -11.42
N ALA A 66 -12.08 -2.07 -11.04
CA ALA A 66 -12.04 -2.50 -9.64
C ALA A 66 -13.27 -2.01 -8.87
N THR A 67 -14.17 -2.95 -8.59
CA THR A 67 -15.40 -2.62 -7.89
C THR A 67 -15.13 -2.32 -6.40
N LEU A 68 -14.81 -3.35 -5.62
CA LEU A 68 -14.52 -3.13 -4.20
C LEU A 68 -13.40 -4.07 -3.74
N GLU A 69 -13.66 -5.37 -3.79
CA GLU A 69 -12.66 -6.35 -3.37
C GLU A 69 -11.51 -6.39 -4.37
N GLU A 70 -11.82 -5.98 -5.59
CA GLU A 70 -10.84 -5.94 -6.65
C GLU A 70 -9.79 -4.87 -6.35
N MET A 71 -10.26 -3.67 -6.01
CA MET A 71 -9.37 -2.57 -5.69
C MET A 71 -8.64 -2.85 -4.37
N MET A 72 -9.27 -3.63 -3.50
CA MET A 72 -8.66 -4.04 -2.25
C MET A 72 -7.44 -4.91 -2.54
N THR A 73 -7.67 -5.93 -3.34
CA THR A 73 -6.62 -6.86 -3.74
C THR A 73 -5.55 -6.15 -4.56
N ALA A 74 -5.95 -5.11 -5.27
CA ALA A 74 -5.04 -4.35 -6.10
C ALA A 74 -4.20 -3.37 -5.28
N CYS A 75 -4.83 -2.66 -4.36
CA CYS A 75 -4.14 -1.65 -3.56
C CYS A 75 -3.51 -2.24 -2.31
N GLN A 76 -3.46 -3.55 -2.23
CA GLN A 76 -2.76 -4.21 -1.13
C GLN A 76 -1.45 -4.78 -1.66
N GLY A 77 -0.35 -4.37 -1.04
CA GLY A 77 0.96 -4.83 -1.48
C GLY A 77 1.36 -4.21 -2.81
N VAL A 78 0.68 -3.13 -3.18
CA VAL A 78 0.93 -2.47 -4.46
C VAL A 78 2.27 -1.76 -4.44
N GLY A 79 3.17 -2.20 -5.30
CA GLY A 79 4.50 -1.63 -5.34
C GLY A 79 5.47 -2.40 -4.46
N GLY A 80 4.94 -3.38 -3.75
CA GLY A 80 5.77 -4.21 -2.90
C GLY A 80 6.79 -5.00 -3.71
N PRO A 81 8.07 -4.97 -3.32
CA PRO A 81 9.14 -5.63 -4.06
C PRO A 81 9.04 -7.16 -4.04
N GLY A 82 8.11 -7.69 -4.83
CA GLY A 82 7.93 -9.13 -4.91
C GLY A 82 7.44 -9.72 -3.60
N HIS A 83 6.22 -9.36 -3.21
CA HIS A 83 5.66 -9.89 -1.96
C HIS A 83 5.13 -11.31 -2.19
N LYS A 84 6.06 -12.24 -2.30
CA LYS A 84 5.72 -13.63 -2.61
C LYS A 84 6.06 -14.56 -1.44
N ALA A 85 6.70 -14.01 -0.42
CA ALA A 85 7.23 -14.83 0.67
C ALA A 85 6.12 -15.56 1.41
N ARG A 86 4.94 -14.97 1.44
CA ARG A 86 3.81 -15.54 2.18
C ARG A 86 3.22 -16.73 1.42
N VAL A 87 3.07 -16.59 0.11
CA VAL A 87 2.50 -17.66 -0.70
C VAL A 87 3.52 -18.78 -0.91
N LEU A 88 4.79 -18.42 -0.97
CA LEU A 88 5.86 -19.40 -1.14
C LEU A 88 5.99 -20.26 0.11
N ALA A 89 6.15 -19.61 1.25
CA ALA A 89 6.26 -20.33 2.53
C ALA A 89 5.01 -21.18 2.76
N GLU A 90 3.88 -20.71 2.23
CA GLU A 90 2.63 -21.44 2.32
C GLU A 90 2.71 -22.75 1.53
N ALA A 91 3.07 -22.66 0.26
CA ALA A 91 2.99 -23.79 -0.63
C ALA A 91 4.16 -24.73 -0.41
N MET A 92 5.31 -24.15 -0.13
CA MET A 92 6.54 -24.94 -0.01
C MET A 92 6.45 -25.95 1.11
N SER A 93 5.76 -25.59 2.18
CA SER A 93 5.61 -26.45 3.33
C SER A 93 4.47 -27.46 3.13
N GLN A 94 3.54 -27.10 2.25
CA GLN A 94 2.35 -27.91 2.01
C GLN A 94 2.61 -29.00 0.97
N VAL A 95 3.24 -28.63 -0.13
CA VAL A 95 3.49 -29.56 -1.24
C VAL A 95 4.37 -30.72 -0.79
N THR A 96 5.12 -30.53 0.28
CA THR A 96 6.00 -31.55 0.81
C THR A 96 5.24 -32.85 1.07
N ASN A 97 4.28 -32.78 1.97
CA ASN A 97 3.48 -33.95 2.33
C ASN A 97 2.04 -33.53 2.64
N PRO A 98 1.30 -33.11 1.60
CA PRO A 98 -0.05 -32.55 1.78
C PRO A 98 -1.06 -33.58 2.24
N ALA A 99 -0.77 -34.84 1.97
CA ALA A 99 -1.67 -35.91 2.37
C ALA A 99 -1.39 -36.27 3.82
N THR A 100 -0.20 -35.94 4.28
CA THR A 100 0.21 -36.24 5.65
C THR A 100 -0.25 -35.13 6.59
N ILE A 101 -0.11 -33.88 6.14
CA ILE A 101 -0.56 -32.73 6.90
C ILE A 101 -2.04 -32.87 7.23
N MET A 102 -2.79 -33.28 6.23
CA MET A 102 -4.24 -33.46 6.36
C MET A 102 -4.61 -34.39 7.50
N ILE A 103 -3.90 -35.51 7.63
CA ILE A 103 -4.27 -36.53 8.59
C ILE A 103 -3.67 -36.28 9.97
N GLN A 104 -2.53 -35.62 10.01
CA GLN A 104 -1.90 -35.29 11.27
C GLN A 104 -2.41 -33.98 11.83
N LYS A 105 -3.07 -33.20 10.96
CA LYS A 105 -3.51 -31.83 11.28
C LYS A 105 -4.13 -31.71 12.67
N GLY A 106 -5.17 -32.49 12.91
CA GLY A 106 -5.92 -32.40 14.16
C GLY A 106 -5.04 -32.55 15.39
N ASN A 107 -4.12 -33.49 15.36
CA ASN A 107 -3.26 -33.76 16.50
C ASN A 107 -2.02 -32.86 16.50
N PHE A 108 -1.46 -32.64 15.32
CA PHE A 108 -0.18 -31.95 15.19
C PHE A 108 -0.33 -30.44 15.37
N ARG A 109 -1.55 -29.95 15.19
CA ARG A 109 -1.84 -28.53 15.37
C ARG A 109 -1.59 -28.08 16.81
N ASN A 110 -1.53 -29.07 17.71
CA ASN A 110 -1.30 -28.80 19.14
C ASN A 110 -0.02 -27.99 19.32
N GLN A 111 -0.20 -26.74 19.76
CA GLN A 111 0.90 -25.80 19.99
C GLN A 111 1.52 -25.35 18.66
N ARG A 112 2.31 -26.22 18.04
CA ARG A 112 3.03 -25.89 16.80
C ARG A 112 3.93 -27.06 16.42
N LYS A 113 4.75 -26.88 15.38
CA LYS A 113 5.57 -27.97 14.86
C LYS A 113 6.77 -28.29 15.77
N THR A 114 6.73 -27.79 16.99
CA THR A 114 7.73 -28.14 17.99
C THR A 114 7.35 -29.42 18.70
N VAL A 115 6.08 -29.82 18.54
CA VAL A 115 5.55 -31.01 19.21
C VAL A 115 5.91 -32.27 18.42
N LYS A 116 6.66 -32.10 17.33
CA LYS A 116 7.05 -33.23 16.50
C LYS A 116 7.94 -34.20 17.28
N CYS A 117 7.58 -35.47 17.22
CA CYS A 117 8.34 -36.52 17.88
C CYS A 117 9.67 -36.71 17.16
N PHE A 118 10.73 -36.13 17.69
CA PHE A 118 12.05 -36.29 17.11
C PHE A 118 12.60 -37.68 17.45
N ASN A 119 11.92 -38.69 16.91
CA ASN A 119 12.31 -40.08 17.04
C ASN A 119 11.39 -40.95 16.22
N CYS A 120 10.09 -40.61 16.20
CA CYS A 120 9.16 -41.27 15.30
C CYS A 120 9.16 -40.58 13.95
N GLY A 121 9.56 -39.31 13.94
CA GLY A 121 9.64 -38.57 12.71
C GLY A 121 9.06 -37.17 12.83
N LYS A 122 7.76 -37.08 13.14
CA LYS A 122 7.07 -35.79 13.11
C LYS A 122 5.64 -35.90 13.65
N GLU A 123 5.43 -36.84 14.54
CA GLU A 123 4.11 -37.07 15.10
C GLU A 123 3.90 -36.20 16.32
N GLY A 124 2.66 -36.05 16.75
CA GLY A 124 2.34 -35.18 17.87
C GLY A 124 2.62 -35.82 19.21
N HIS A 125 3.80 -36.40 19.33
CA HIS A 125 4.20 -37.08 20.56
C HIS A 125 5.23 -36.23 21.31
N ILE A 126 5.94 -36.88 22.22
CA ILE A 126 7.08 -36.30 22.89
C ILE A 126 8.16 -37.38 22.96
N ALA A 127 9.27 -37.14 22.29
CA ALA A 127 10.33 -38.15 22.15
C ALA A 127 10.85 -38.62 23.50
N LYS A 128 10.61 -37.83 24.54
CA LYS A 128 11.09 -38.13 25.88
C LYS A 128 10.27 -39.26 26.52
N ASN A 129 8.95 -39.20 26.35
CA ASN A 129 8.07 -40.15 27.03
C ASN A 129 7.49 -41.17 26.05
N CYS A 130 7.49 -40.81 24.77
CA CYS A 130 6.94 -41.67 23.72
C CYS A 130 7.64 -43.03 23.70
N ARG A 131 6.86 -44.09 23.83
CA ARG A 131 7.40 -45.44 23.77
C ARG A 131 7.68 -45.84 22.32
N ALA A 132 8.93 -45.72 21.94
CA ALA A 132 9.38 -46.08 20.60
C ALA A 132 10.90 -46.15 20.60
N PRO A 133 11.48 -47.16 19.91
CA PRO A 133 12.94 -47.34 19.82
C PRO A 133 13.66 -46.04 19.52
N ARG A 134 14.32 -45.51 20.54
CA ARG A 134 14.98 -44.22 20.44
C ARG A 134 16.29 -44.35 19.70
N LYS A 135 16.40 -43.63 18.60
CA LYS A 135 17.57 -43.67 17.75
C LYS A 135 18.78 -43.11 18.46
N LYS A 136 19.94 -43.52 17.98
CA LYS A 136 21.18 -43.09 18.58
C LYS A 136 21.83 -42.05 17.69
N GLY A 137 21.28 -40.84 17.76
CA GLY A 137 21.79 -39.75 16.96
C GLY A 137 20.81 -39.31 15.88
N CYS A 138 21.14 -39.54 14.62
CA CYS A 138 20.34 -39.02 13.52
C CYS A 138 19.13 -39.90 13.24
N TRP A 139 18.07 -39.27 12.72
CA TRP A 139 16.85 -39.98 12.38
C TRP A 139 16.63 -40.02 10.87
N LYS A 140 17.21 -39.05 10.17
CA LYS A 140 17.00 -38.91 8.74
C LYS A 140 18.09 -39.60 7.96
N CYS A 141 19.33 -39.24 8.25
CA CYS A 141 20.48 -39.78 7.53
C CYS A 141 20.75 -41.22 7.96
N GLY A 142 20.08 -41.67 9.01
CA GLY A 142 20.31 -43.01 9.50
C GLY A 142 20.11 -43.11 10.98
N LYS A 143 21.21 -43.30 11.70
CA LYS A 143 21.19 -43.33 13.15
C LYS A 143 22.55 -42.96 13.74
N GLU A 144 23.55 -43.84 13.62
CA GLU A 144 24.83 -43.61 14.28
C GLU A 144 25.87 -43.05 13.32
N GLY A 145 25.48 -42.86 12.07
CA GLY A 145 26.39 -42.30 11.08
C GLY A 145 26.89 -40.94 11.51
N HIS A 146 25.99 -40.17 12.11
CA HIS A 146 26.33 -38.90 12.71
C HIS A 146 25.79 -38.86 14.12
N GLN A 147 26.37 -38.02 14.97
CA GLN A 147 25.88 -37.88 16.34
C GLN A 147 24.75 -36.86 16.42
N MET A 148 24.18 -36.55 15.25
CA MET A 148 23.08 -35.58 15.11
C MET A 148 23.54 -34.15 15.42
N LYS A 149 24.12 -33.95 16.59
CA LYS A 149 24.61 -32.64 17.01
C LYS A 149 25.67 -32.12 16.05
N ASP A 150 26.56 -33.03 15.66
CA ASP A 150 27.63 -32.70 14.72
C ASP A 150 27.21 -32.97 13.28
N CYS A 151 25.91 -33.06 13.06
CA CYS A 151 25.38 -33.30 11.72
C CYS A 151 25.01 -31.97 11.08
N THR A 152 25.81 -31.55 10.12
CA THR A 152 25.56 -30.29 9.42
C THR A 152 25.01 -30.57 8.03
N GLU A 153 23.78 -30.14 7.80
CA GLU A 153 23.14 -30.32 6.51
C GLU A 153 23.39 -29.08 5.65
N ARG A 154 24.24 -29.22 4.64
CA ARG A 154 24.62 -28.10 3.81
C ARG A 154 24.97 -28.56 2.41
N GLN A 155 24.45 -27.85 1.41
CA GLN A 155 24.67 -28.22 0.02
C GLN A 155 25.95 -27.60 -0.53
N ALA A 156 26.98 -27.55 0.31
CA ALA A 156 28.26 -26.98 -0.09
C ALA A 156 29.21 -28.10 -0.52
N ASN A 157 28.73 -29.32 -0.45
CA ASN A 157 29.52 -30.47 -0.85
C ASN A 157 29.10 -30.92 -2.24
N MET A 1 -17.60 9.53 16.62
CA MET A 1 -16.65 8.39 16.79
C MET A 1 -15.24 8.89 17.07
N TYR A 2 -14.70 9.71 16.16
CA TYR A 2 -13.37 10.30 16.33
C TYR A 2 -13.13 11.33 15.24
N SER A 3 -12.39 12.37 15.58
CA SER A 3 -12.10 13.45 14.64
C SER A 3 -10.60 13.76 14.63
N PRO A 4 -9.85 13.04 13.80
CA PRO A 4 -8.42 13.23 13.66
C PRO A 4 -8.06 14.14 12.49
N THR A 5 -6.79 14.52 12.40
CA THR A 5 -6.30 15.30 11.27
C THR A 5 -6.01 14.38 10.09
N SER A 6 -5.96 13.09 10.37
CA SER A 6 -5.67 12.07 9.36
C SER A 6 -6.73 12.06 8.25
N ILE A 7 -7.88 12.67 8.51
CA ILE A 7 -8.94 12.71 7.50
C ILE A 7 -8.65 13.80 6.47
N LEU A 8 -7.70 14.67 6.78
CA LEU A 8 -7.18 15.62 5.81
C LEU A 8 -6.11 14.95 4.96
N ASP A 9 -5.60 13.83 5.46
CA ASP A 9 -4.50 13.11 4.81
C ASP A 9 -5.02 11.88 4.09
N ILE A 10 -6.29 11.93 3.70
CA ILE A 10 -6.96 10.80 3.05
C ILE A 10 -6.46 10.56 1.63
N ARG A 11 -5.20 10.21 1.51
CA ARG A 11 -4.61 9.83 0.25
C ARG A 11 -3.81 8.55 0.42
N GLN A 12 -3.32 7.98 -0.67
CA GLN A 12 -2.68 6.68 -0.61
C GLN A 12 -1.26 6.73 -1.16
N GLY A 13 -0.39 5.96 -0.53
CA GLY A 13 0.95 5.77 -1.06
C GLY A 13 1.06 4.39 -1.71
N PRO A 14 2.15 4.12 -2.44
CA PRO A 14 2.32 2.84 -3.13
C PRO A 14 2.35 1.65 -2.17
N LYS A 15 2.91 1.86 -0.99
CA LYS A 15 3.04 0.78 -0.01
C LYS A 15 1.87 0.80 0.97
N GLU A 16 0.93 1.69 0.75
CA GLU A 16 -0.18 1.88 1.67
C GLU A 16 -1.26 0.83 1.43
N PRO A 17 -1.67 0.14 2.49
CA PRO A 17 -2.84 -0.74 2.45
C PRO A 17 -4.08 0.05 2.05
N PHE A 18 -4.59 -0.23 0.86
CA PHE A 18 -5.74 0.48 0.29
C PHE A 18 -6.91 0.52 1.26
N ARG A 19 -7.07 -0.55 2.02
CA ARG A 19 -8.21 -0.66 2.93
C ARG A 19 -8.07 0.28 4.13
N ASP A 20 -6.87 0.76 4.40
CA ASP A 20 -6.65 1.54 5.61
C ASP A 20 -6.95 3.02 5.40
N TYR A 21 -6.25 3.65 4.47
CA TYR A 21 -6.40 5.08 4.27
C TYR A 21 -7.70 5.43 3.55
N VAL A 22 -8.20 4.48 2.79
CA VAL A 22 -9.46 4.67 2.07
C VAL A 22 -10.63 4.46 3.04
N ASP A 23 -10.40 3.67 4.09
CA ASP A 23 -11.37 3.55 5.16
C ASP A 23 -11.58 4.90 5.82
N ARG A 24 -10.49 5.65 5.90
CA ARG A 24 -10.51 6.99 6.49
C ARG A 24 -11.26 7.94 5.57
N PHE A 25 -11.10 7.70 4.26
CA PHE A 25 -11.80 8.48 3.25
C PHE A 25 -13.30 8.31 3.39
N TYR A 26 -13.70 7.10 3.80
CA TYR A 26 -15.11 6.80 4.00
C TYR A 26 -15.56 7.32 5.37
N LYS A 27 -14.67 7.22 6.34
CA LYS A 27 -14.93 7.70 7.69
C LYS A 27 -15.22 9.19 7.71
N THR A 28 -14.42 9.96 6.98
CA THR A 28 -14.58 11.40 6.94
C THR A 28 -15.90 11.77 6.23
N LEU A 29 -16.34 10.91 5.32
CA LEU A 29 -17.60 11.12 4.62
C LEU A 29 -18.76 10.83 5.55
N ARG A 30 -18.52 9.99 6.55
CA ARG A 30 -19.52 9.70 7.56
C ARG A 30 -19.72 10.90 8.48
N ALA A 31 -18.65 11.63 8.72
CA ALA A 31 -18.72 12.81 9.58
C ALA A 31 -19.54 13.91 8.92
N GLU A 32 -19.12 14.31 7.73
CA GLU A 32 -19.85 15.30 6.94
C GLU A 32 -20.88 14.62 6.02
N GLN A 33 -21.59 13.65 6.58
CA GLN A 33 -22.54 12.85 5.82
C GLN A 33 -23.69 13.70 5.26
N ALA A 34 -23.83 14.92 5.76
CA ALA A 34 -24.88 15.82 5.31
C ALA A 34 -24.56 16.37 3.94
N SER A 35 -23.27 16.54 3.66
CA SER A 35 -22.82 17.12 2.41
C SER A 35 -22.78 16.08 1.28
N GLN A 36 -23.90 15.40 1.06
CA GLN A 36 -23.98 14.37 0.02
C GLN A 36 -23.86 15.01 -1.36
N GLU A 37 -24.40 16.22 -1.47
CA GLU A 37 -24.31 17.01 -2.69
C GLU A 37 -22.86 17.21 -3.11
N VAL A 38 -21.97 17.30 -2.13
CA VAL A 38 -20.55 17.49 -2.39
C VAL A 38 -19.90 16.16 -2.73
N LYS A 39 -20.34 15.11 -2.02
CA LYS A 39 -19.78 13.77 -2.17
C LYS A 39 -19.80 13.31 -3.61
N ASN A 40 -20.91 13.58 -4.30
CA ASN A 40 -21.11 13.16 -5.69
C ASN A 40 -19.87 13.39 -6.54
N ALA A 41 -19.40 14.63 -6.57
CA ALA A 41 -18.21 14.95 -7.34
C ALA A 41 -16.96 14.63 -6.55
N ALA A 42 -16.97 15.00 -5.27
CA ALA A 42 -15.78 14.89 -4.43
C ALA A 42 -15.29 13.45 -4.30
N THR A 43 -16.18 12.56 -3.89
CA THR A 43 -15.79 11.20 -3.54
C THR A 43 -15.10 10.48 -4.71
N GLU A 44 -15.49 10.83 -5.93
CA GLU A 44 -14.95 10.18 -7.12
C GLU A 44 -13.64 10.82 -7.55
N THR A 45 -13.57 12.13 -7.54
CA THR A 45 -12.43 12.85 -8.05
C THR A 45 -11.33 12.96 -6.98
N LEU A 46 -11.76 12.94 -5.73
CA LEU A 46 -10.85 13.01 -4.61
C LEU A 46 -10.09 11.71 -4.46
N LEU A 47 -10.81 10.60 -4.42
CA LEU A 47 -10.18 9.30 -4.23
C LEU A 47 -9.33 8.94 -5.45
N VAL A 48 -9.69 9.50 -6.60
CA VAL A 48 -8.95 9.24 -7.83
C VAL A 48 -7.71 10.13 -7.92
N GLN A 49 -7.80 11.32 -7.33
CA GLN A 49 -6.67 12.24 -7.29
C GLN A 49 -5.73 11.88 -6.14
N ASN A 50 -6.31 11.65 -4.98
CA ASN A 50 -5.55 11.34 -3.77
C ASN A 50 -4.88 9.97 -3.83
N ALA A 51 -5.32 9.13 -4.75
CA ALA A 51 -4.73 7.81 -4.87
C ALA A 51 -3.35 7.91 -5.49
N ASN A 52 -2.51 6.94 -5.15
CA ASN A 52 -1.17 6.89 -5.72
C ASN A 52 -1.25 6.54 -7.19
N PRO A 53 -0.48 7.24 -8.05
CA PRO A 53 -0.53 7.08 -9.51
C PRO A 53 -0.71 5.64 -9.95
N ASP A 54 0.13 4.75 -9.42
CA ASP A 54 0.17 3.37 -9.81
C ASP A 54 -1.15 2.66 -9.57
N CYS A 55 -1.71 2.86 -8.39
CA CYS A 55 -2.86 2.08 -7.95
C CYS A 55 -4.14 2.53 -8.65
N LYS A 56 -4.33 3.83 -8.82
CA LYS A 56 -5.52 4.33 -9.49
C LYS A 56 -5.42 4.05 -10.99
N THR A 57 -4.19 3.91 -11.46
CA THR A 57 -3.94 3.49 -12.83
C THR A 57 -4.36 2.04 -13.06
N ILE A 58 -4.00 1.15 -12.13
CA ILE A 58 -4.30 -0.27 -12.30
C ILE A 58 -5.78 -0.58 -12.06
N LEU A 59 -6.45 0.26 -11.30
CA LEU A 59 -7.88 0.06 -10.99
C LEU A 59 -8.72 -0.05 -12.25
N LYS A 60 -8.47 0.85 -13.20
CA LYS A 60 -9.28 0.92 -14.41
C LYS A 60 -9.05 -0.29 -15.32
N ALA A 61 -7.92 -0.95 -15.14
CA ALA A 61 -7.63 -2.16 -15.90
C ALA A 61 -8.26 -3.39 -15.25
N LEU A 62 -8.31 -3.38 -13.92
CA LEU A 62 -8.84 -4.49 -13.16
C LEU A 62 -10.35 -4.47 -13.08
N GLY A 63 -10.92 -3.28 -13.16
CA GLY A 63 -12.36 -3.08 -12.99
C GLY A 63 -13.24 -4.22 -13.48
N PRO A 64 -13.18 -4.57 -14.78
CA PRO A 64 -14.00 -5.66 -15.34
C PRO A 64 -13.81 -7.02 -14.66
N GLY A 65 -12.57 -7.47 -14.55
CA GLY A 65 -12.32 -8.83 -14.12
C GLY A 65 -12.02 -8.94 -12.63
N ALA A 66 -11.84 -7.81 -11.98
CA ALA A 66 -11.52 -7.78 -10.56
C ALA A 66 -12.61 -7.07 -9.77
N THR A 67 -12.99 -7.68 -8.66
CA THR A 67 -13.95 -7.08 -7.76
C THR A 67 -13.25 -6.18 -6.76
N LEU A 68 -14.03 -5.58 -5.85
CA LEU A 68 -13.51 -4.62 -4.89
C LEU A 68 -12.31 -5.17 -4.12
N GLU A 69 -12.42 -6.41 -3.66
CA GLU A 69 -11.39 -6.98 -2.80
C GLU A 69 -10.13 -7.31 -3.58
N GLU A 70 -10.29 -7.58 -4.87
CA GLU A 70 -9.17 -7.99 -5.69
C GLU A 70 -8.36 -6.78 -6.14
N MET A 71 -9.06 -5.68 -6.39
CA MET A 71 -8.39 -4.43 -6.74
C MET A 71 -7.79 -3.80 -5.49
N MET A 72 -8.41 -4.08 -4.34
CA MET A 72 -7.89 -3.62 -3.06
C MET A 72 -6.59 -4.32 -2.73
N THR A 73 -6.54 -5.62 -3.02
CA THR A 73 -5.34 -6.41 -2.82
C THR A 73 -4.26 -6.00 -3.83
N ALA A 74 -4.71 -5.53 -4.98
CA ALA A 74 -3.81 -5.10 -6.04
C ALA A 74 -3.15 -3.77 -5.72
N CYS A 75 -3.86 -2.91 -4.97
CA CYS A 75 -3.37 -1.57 -4.68
C CYS A 75 -2.46 -1.55 -3.44
N GLN A 76 -2.64 -2.51 -2.56
CA GLN A 76 -1.84 -2.54 -1.34
C GLN A 76 -0.46 -3.12 -1.62
N GLY A 77 0.56 -2.29 -1.46
CA GLY A 77 1.91 -2.74 -1.68
C GLY A 77 2.24 -2.86 -3.15
N VAL A 78 2.08 -1.78 -3.91
CA VAL A 78 2.50 -1.76 -5.30
C VAL A 78 4.01 -1.61 -5.38
N GLY A 79 4.72 -2.71 -5.12
CA GLY A 79 6.16 -2.68 -5.09
C GLY A 79 6.69 -2.11 -3.79
N GLY A 80 5.78 -1.73 -2.92
CA GLY A 80 6.16 -1.13 -1.65
C GLY A 80 6.57 0.31 -1.82
N PRO A 81 7.72 0.72 -1.25
CA PRO A 81 8.28 2.05 -1.44
C PRO A 81 8.75 2.28 -2.88
N GLY A 82 9.75 3.15 -3.05
CA GLY A 82 10.27 3.44 -4.37
C GLY A 82 11.14 2.33 -4.92
N HIS A 83 10.57 1.15 -5.10
CA HIS A 83 11.28 0.01 -5.65
C HIS A 83 11.11 -0.07 -7.15
N LYS A 84 11.46 -1.23 -7.71
CA LYS A 84 11.36 -1.47 -9.16
C LYS A 84 9.91 -1.61 -9.63
N ALA A 85 8.97 -1.09 -8.84
CA ALA A 85 7.54 -1.24 -9.07
C ALA A 85 7.14 -0.85 -10.50
N ARG A 86 7.97 -0.07 -11.16
CA ARG A 86 7.75 0.31 -12.55
C ARG A 86 7.68 -0.92 -13.45
N VAL A 87 8.47 -1.94 -13.13
CA VAL A 87 8.47 -3.18 -13.91
C VAL A 87 7.21 -3.98 -13.59
N LEU A 88 6.62 -3.71 -12.44
CA LEU A 88 5.38 -4.36 -12.04
C LEU A 88 4.22 -3.73 -12.78
N ALA A 89 4.25 -2.41 -12.89
CA ALA A 89 3.26 -1.69 -13.69
C ALA A 89 3.42 -2.04 -15.16
N GLU A 90 4.65 -2.37 -15.53
CA GLU A 90 4.95 -2.85 -16.86
C GLU A 90 4.39 -4.26 -17.07
N ALA A 91 4.49 -5.07 -16.02
CA ALA A 91 4.03 -6.46 -16.07
C ALA A 91 2.51 -6.50 -15.98
N MET A 92 1.95 -5.41 -15.46
CA MET A 92 0.50 -5.25 -15.34
C MET A 92 -0.22 -5.59 -16.65
N SER A 93 0.40 -5.23 -17.77
CA SER A 93 -0.19 -5.45 -19.07
C SER A 93 -0.24 -6.96 -19.39
N GLN A 94 0.68 -7.71 -18.82
CA GLN A 94 0.73 -9.16 -19.02
C GLN A 94 -0.16 -9.89 -18.02
N VAL A 95 -0.06 -9.51 -16.75
CA VAL A 95 -0.77 -10.19 -15.68
C VAL A 95 -2.28 -10.01 -15.77
N THR A 96 -2.72 -8.98 -16.49
CA THR A 96 -4.14 -8.77 -16.73
C THR A 96 -4.73 -9.91 -17.56
N ASN A 97 -3.86 -10.63 -18.25
CA ASN A 97 -4.23 -11.83 -18.98
C ASN A 97 -3.36 -12.98 -18.48
N PRO A 98 -3.64 -13.45 -17.25
CA PRO A 98 -2.75 -14.36 -16.55
C PRO A 98 -2.89 -15.81 -17.00
N ALA A 99 -3.85 -16.04 -17.86
CA ALA A 99 -4.14 -17.39 -18.32
C ALA A 99 -3.06 -17.88 -19.28
N THR A 100 -2.49 -16.96 -20.03
CA THR A 100 -1.49 -17.31 -21.01
C THR A 100 -0.10 -17.26 -20.41
N ILE A 101 0.31 -16.06 -20.03
CA ILE A 101 1.69 -15.81 -19.64
C ILE A 101 1.92 -16.12 -18.17
N MET A 102 1.10 -15.52 -17.34
CA MET A 102 1.36 -15.50 -15.89
C MET A 102 1.36 -16.90 -15.29
N ILE A 103 0.55 -17.80 -15.83
CA ILE A 103 0.48 -19.15 -15.27
C ILE A 103 1.54 -20.06 -15.90
N GLN A 104 1.82 -19.83 -17.19
CA GLN A 104 2.78 -20.65 -17.91
C GLN A 104 4.19 -20.37 -17.40
N LYS A 105 4.56 -19.09 -17.35
CA LYS A 105 5.89 -18.70 -16.89
C LYS A 105 6.07 -19.02 -15.42
N GLY A 106 4.97 -19.17 -14.70
CA GLY A 106 5.04 -19.55 -13.31
C GLY A 106 5.34 -21.02 -13.13
N ASN A 107 4.43 -21.86 -13.60
CA ASN A 107 4.52 -23.31 -13.36
C ASN A 107 5.66 -23.95 -14.16
N PHE A 108 5.82 -23.53 -15.41
CA PHE A 108 6.80 -24.16 -16.30
C PHE A 108 8.22 -23.92 -15.81
N ARG A 109 8.47 -22.74 -15.26
CA ARG A 109 9.79 -22.43 -14.74
C ARG A 109 9.97 -23.04 -13.35
N ASN A 110 9.02 -22.77 -12.47
CA ASN A 110 9.05 -23.29 -11.11
C ASN A 110 7.77 -22.95 -10.36
N GLN A 111 7.65 -21.69 -9.94
CA GLN A 111 6.47 -21.18 -9.26
C GLN A 111 6.68 -19.70 -9.00
N ARG A 112 5.62 -18.91 -9.00
CA ARG A 112 5.76 -17.46 -8.79
C ARG A 112 6.39 -17.18 -7.42
N LYS A 113 5.86 -17.82 -6.39
CA LYS A 113 6.29 -17.56 -5.02
C LYS A 113 7.56 -18.34 -4.65
N THR A 114 8.27 -18.85 -5.66
CA THR A 114 9.51 -19.58 -5.40
C THR A 114 10.62 -18.62 -5.02
N VAL A 115 10.38 -17.33 -5.26
CA VAL A 115 11.37 -16.30 -5.00
C VAL A 115 11.29 -15.86 -3.52
N LYS A 116 10.40 -16.49 -2.77
CA LYS A 116 10.24 -16.15 -1.36
C LYS A 116 10.80 -17.27 -0.50
N CYS A 117 11.54 -16.89 0.52
CA CYS A 117 12.06 -17.83 1.50
C CYS A 117 10.97 -18.28 2.45
N PHE A 118 10.41 -19.45 2.22
CA PHE A 118 9.50 -20.03 3.19
C PHE A 118 10.30 -20.64 4.34
N ASN A 119 10.99 -19.77 5.07
CA ASN A 119 11.81 -20.16 6.21
C ASN A 119 12.43 -18.95 6.89
N CYS A 120 12.96 -17.99 6.10
CA CYS A 120 13.63 -16.83 6.69
C CYS A 120 12.67 -15.64 6.77
N GLY A 121 11.40 -15.88 6.44
CA GLY A 121 10.40 -14.85 6.58
C GLY A 121 9.91 -14.29 5.25
N LYS A 122 9.48 -15.19 4.35
CA LYS A 122 8.90 -14.82 3.05
C LYS A 122 9.72 -13.73 2.35
N GLU A 123 11.03 -13.83 2.47
CA GLU A 123 11.92 -12.82 1.92
C GLU A 123 12.36 -13.23 0.51
N GLY A 124 12.74 -12.25 -0.29
CA GLY A 124 13.00 -12.48 -1.70
C GLY A 124 14.37 -13.08 -2.00
N HIS A 125 14.74 -14.11 -1.26
CA HIS A 125 15.96 -14.86 -1.54
C HIS A 125 15.58 -16.23 -2.10
N ILE A 126 16.33 -17.25 -1.68
CA ILE A 126 15.96 -18.63 -1.91
C ILE A 126 16.06 -19.38 -0.57
N ALA A 127 14.99 -20.12 -0.25
CA ALA A 127 14.87 -20.78 1.04
C ALA A 127 15.99 -21.78 1.28
N LYS A 128 16.65 -22.22 0.21
CA LYS A 128 17.72 -23.20 0.33
C LYS A 128 19.06 -22.54 0.68
N ASN A 129 19.09 -21.22 0.73
CA ASN A 129 20.33 -20.52 1.06
C ASN A 129 20.27 -19.92 2.46
N CYS A 130 19.07 -19.67 2.94
CA CYS A 130 18.90 -19.08 4.25
C CYS A 130 18.76 -20.16 5.31
N ARG A 131 19.52 -20.03 6.39
CA ARG A 131 19.50 -21.02 7.45
C ARG A 131 18.29 -20.84 8.35
N ALA A 132 17.28 -21.64 8.09
CA ALA A 132 16.04 -21.63 8.84
C ALA A 132 15.24 -22.88 8.49
N PRO A 133 14.42 -23.39 9.41
CA PRO A 133 13.62 -24.60 9.18
C PRO A 133 12.63 -24.43 8.03
N ARG A 134 13.11 -24.70 6.82
CA ARG A 134 12.31 -24.50 5.62
C ARG A 134 11.28 -25.60 5.44
N LYS A 135 10.21 -25.26 4.73
CA LYS A 135 9.03 -26.12 4.60
C LYS A 135 8.36 -26.22 5.96
N LYS A 136 8.81 -27.19 6.75
CA LYS A 136 8.41 -27.31 8.16
C LYS A 136 6.90 -27.18 8.36
N GLY A 137 6.14 -27.66 7.40
CA GLY A 137 4.70 -27.55 7.49
C GLY A 137 4.16 -26.28 6.87
N CYS A 138 3.46 -25.47 7.66
CA CYS A 138 2.81 -24.28 7.15
C CYS A 138 3.44 -23.01 7.69
N TRP A 139 4.16 -22.29 6.84
CA TRP A 139 4.62 -20.96 7.19
C TRP A 139 3.52 -19.93 6.97
N LYS A 140 2.47 -20.35 6.25
CA LYS A 140 1.33 -19.47 6.01
C LYS A 140 0.22 -19.71 7.03
N CYS A 141 -0.22 -20.97 7.15
CA CYS A 141 -1.24 -21.32 8.13
C CYS A 141 -0.69 -21.22 9.55
N GLY A 142 0.64 -21.22 9.66
CA GLY A 142 1.29 -21.15 10.97
C GLY A 142 1.22 -22.46 11.71
N LYS A 143 0.69 -23.49 11.06
CA LYS A 143 0.54 -24.80 11.67
C LYS A 143 1.52 -25.80 11.07
N GLU A 144 1.39 -27.05 11.46
CA GLU A 144 2.28 -28.11 11.02
C GLU A 144 1.55 -29.06 10.09
N GLY A 145 0.55 -28.56 9.37
CA GLY A 145 -0.31 -29.41 8.58
C GLY A 145 0.19 -29.65 7.17
N HIS A 146 -0.06 -28.69 6.28
CA HIS A 146 0.31 -28.82 4.87
C HIS A 146 1.83 -28.92 4.74
N GLN A 147 2.31 -29.72 3.81
CA GLN A 147 3.75 -29.90 3.63
C GLN A 147 4.33 -28.83 2.71
N MET A 148 3.96 -27.58 2.99
CA MET A 148 4.38 -26.40 2.22
C MET A 148 3.77 -26.36 0.81
N LYS A 149 3.97 -27.42 0.03
CA LYS A 149 3.42 -27.49 -1.31
C LYS A 149 1.90 -27.65 -1.25
N ASP A 150 1.43 -28.42 -0.29
CA ASP A 150 0.00 -28.63 -0.09
C ASP A 150 -0.63 -27.38 0.53
N CYS A 151 0.22 -26.47 0.99
CA CYS A 151 -0.24 -25.22 1.57
C CYS A 151 -0.66 -24.27 0.44
N THR A 152 -1.88 -24.45 -0.03
CA THR A 152 -2.39 -23.68 -1.15
C THR A 152 -3.42 -22.65 -0.70
N GLU A 153 -3.52 -21.58 -1.46
CA GLU A 153 -4.47 -20.52 -1.19
C GLU A 153 -5.54 -20.49 -2.26
N ARG A 154 -6.80 -20.59 -1.84
CA ARG A 154 -7.95 -20.64 -2.74
C ARG A 154 -7.97 -21.94 -3.57
N GLN A 155 -9.19 -22.36 -3.91
CA GLN A 155 -9.42 -23.53 -4.76
C GLN A 155 -9.12 -24.84 -4.03
N ALA A 156 -7.87 -25.04 -3.67
CA ALA A 156 -7.43 -26.26 -3.03
C ALA A 156 -7.47 -26.12 -1.51
N ASN A 157 -8.53 -26.63 -0.90
CA ASN A 157 -8.69 -26.55 0.55
C ASN A 157 -9.05 -27.92 1.09
N MET A 1 -9.87 16.05 14.24
CA MET A 1 -10.94 15.41 15.05
C MET A 1 -12.01 16.43 15.35
N TYR A 2 -13.25 16.09 15.00
CA TYR A 2 -14.38 17.00 15.10
C TYR A 2 -14.12 18.23 14.24
N SER A 3 -13.40 18.00 13.16
CA SER A 3 -12.95 19.05 12.27
C SER A 3 -12.94 18.55 10.84
N PRO A 4 -13.08 19.45 9.86
CA PRO A 4 -13.03 19.08 8.44
C PRO A 4 -11.59 18.82 7.97
N THR A 5 -10.82 18.17 8.84
CA THR A 5 -9.44 17.83 8.53
C THR A 5 -9.37 16.47 7.85
N SER A 6 -10.37 15.65 8.12
CA SER A 6 -10.41 14.30 7.60
C SER A 6 -10.53 14.29 6.07
N ILE A 7 -11.01 15.40 5.51
CA ILE A 7 -11.38 15.41 4.09
C ILE A 7 -10.18 15.65 3.18
N LEU A 8 -9.19 16.37 3.67
CA LEU A 8 -7.96 16.56 2.92
C LEU A 8 -7.01 15.40 3.20
N ASP A 9 -7.29 14.71 4.29
CA ASP A 9 -6.48 13.59 4.75
C ASP A 9 -6.72 12.34 3.91
N ILE A 10 -7.89 12.27 3.29
CA ILE A 10 -8.29 11.07 2.56
C ILE A 10 -7.60 10.94 1.20
N ARG A 11 -6.27 10.96 1.24
CA ARG A 11 -5.46 10.69 0.07
C ARG A 11 -4.46 9.60 0.39
N GLN A 12 -3.97 8.94 -0.64
CA GLN A 12 -3.12 7.76 -0.44
C GLN A 12 -1.68 8.07 -0.81
N GLY A 13 -0.75 7.50 -0.06
CA GLY A 13 0.64 7.60 -0.39
C GLY A 13 1.05 6.52 -1.38
N PRO A 14 2.17 6.72 -2.10
CA PRO A 14 2.66 5.79 -3.12
C PRO A 14 2.57 4.31 -2.72
N LYS A 15 3.05 3.98 -1.55
CA LYS A 15 3.11 2.58 -1.12
C LYS A 15 2.19 2.31 0.06
N GLU A 16 1.27 3.24 0.32
CA GLU A 16 0.34 3.11 1.43
C GLU A 16 -0.64 1.98 1.18
N PRO A 17 -0.83 1.10 2.18
CA PRO A 17 -1.85 0.06 2.13
C PRO A 17 -3.23 0.65 1.93
N PHE A 18 -3.87 0.28 0.83
CA PHE A 18 -5.18 0.81 0.47
C PHE A 18 -6.18 0.63 1.60
N ARG A 19 -6.01 -0.43 2.38
CA ARG A 19 -6.88 -0.71 3.51
C ARG A 19 -6.88 0.45 4.51
N ASP A 20 -5.75 1.11 4.65
CA ASP A 20 -5.63 2.24 5.59
C ASP A 20 -6.08 3.53 4.91
N TYR A 21 -5.81 3.65 3.62
CA TYR A 21 -6.34 4.75 2.81
C TYR A 21 -7.87 4.75 2.89
N VAL A 22 -8.43 3.57 2.96
CA VAL A 22 -9.88 3.40 3.10
C VAL A 22 -10.34 3.79 4.49
N ASP A 23 -9.53 3.44 5.48
CA ASP A 23 -9.83 3.72 6.88
C ASP A 23 -10.17 5.19 7.11
N ARG A 24 -9.35 6.06 6.56
CA ARG A 24 -9.51 7.50 6.77
C ARG A 24 -10.72 8.01 5.98
N PHE A 25 -10.88 7.48 4.78
CA PHE A 25 -12.01 7.80 3.93
C PHE A 25 -13.32 7.33 4.56
N TYR A 26 -13.23 6.29 5.36
CA TYR A 26 -14.41 5.69 5.96
C TYR A 26 -14.86 6.51 7.16
N LYS A 27 -13.88 6.98 7.92
CA LYS A 27 -14.14 7.78 9.10
C LYS A 27 -14.82 9.12 8.77
N THR A 28 -14.56 9.66 7.59
CA THR A 28 -15.22 10.88 7.18
C THR A 28 -16.66 10.59 6.72
N LEU A 29 -16.86 9.40 6.17
CA LEU A 29 -18.16 9.02 5.63
C LEU A 29 -19.17 8.79 6.76
N ARG A 30 -18.69 8.32 7.91
CA ARG A 30 -19.55 8.06 9.05
C ARG A 30 -20.05 9.38 9.65
N ALA A 31 -19.30 10.44 9.38
CA ALA A 31 -19.68 11.77 9.80
C ALA A 31 -20.69 12.37 8.84
N GLU A 32 -20.32 12.43 7.56
CA GLU A 32 -21.15 13.03 6.52
C GLU A 32 -22.14 12.00 5.96
N GLN A 33 -22.87 11.36 6.84
CA GLN A 33 -23.87 10.35 6.47
C GLN A 33 -25.01 10.96 5.65
N ALA A 34 -25.14 12.27 5.71
CA ALA A 34 -26.23 12.96 5.02
C ALA A 34 -25.91 13.15 3.55
N SER A 35 -24.65 13.45 3.25
CA SER A 35 -24.22 13.72 1.89
C SER A 35 -23.96 12.42 1.13
N GLN A 36 -25.02 11.68 0.86
CA GLN A 36 -24.91 10.39 0.18
C GLN A 36 -24.53 10.57 -1.28
N GLU A 37 -25.14 11.53 -1.95
CA GLU A 37 -24.86 11.77 -3.36
C GLU A 37 -23.45 12.32 -3.54
N VAL A 38 -22.98 13.01 -2.52
CA VAL A 38 -21.65 13.59 -2.54
C VAL A 38 -20.58 12.50 -2.42
N LYS A 39 -20.79 11.57 -1.49
CA LYS A 39 -19.83 10.48 -1.29
C LYS A 39 -19.93 9.46 -2.41
N ASN A 40 -21.09 9.43 -3.05
CA ASN A 40 -21.31 8.58 -4.21
C ASN A 40 -20.47 9.10 -5.37
N ALA A 41 -20.24 10.40 -5.38
CA ALA A 41 -19.38 11.03 -6.37
C ALA A 41 -17.93 10.93 -5.93
N ALA A 42 -17.71 11.09 -4.63
CA ALA A 42 -16.38 11.05 -4.04
C ALA A 42 -15.68 9.73 -4.32
N THR A 43 -16.42 8.63 -4.32
CA THR A 43 -15.80 7.33 -4.53
C THR A 43 -15.12 7.25 -5.90
N GLU A 44 -15.78 7.77 -6.92
CA GLU A 44 -15.24 7.72 -8.27
C GLU A 44 -14.29 8.88 -8.57
N THR A 45 -14.66 10.08 -8.19
CA THR A 45 -13.86 11.25 -8.51
C THR A 45 -12.73 11.46 -7.50
N LEU A 46 -13.06 11.32 -6.23
CA LEU A 46 -12.14 11.65 -5.15
C LEU A 46 -11.27 10.45 -4.79
N LEU A 47 -11.88 9.30 -4.55
CA LEU A 47 -11.17 8.12 -4.04
C LEU A 47 -10.21 7.61 -5.11
N VAL A 48 -10.53 7.88 -6.36
CA VAL A 48 -9.66 7.52 -7.46
C VAL A 48 -8.52 8.54 -7.64
N GLN A 49 -8.88 9.81 -7.65
CA GLN A 49 -7.92 10.88 -7.91
C GLN A 49 -6.95 11.09 -6.74
N ASN A 50 -7.42 10.85 -5.53
CA ASN A 50 -6.64 11.17 -4.34
C ASN A 50 -5.61 10.10 -4.00
N ALA A 51 -5.50 9.05 -4.80
CA ALA A 51 -4.52 8.03 -4.47
C ALA A 51 -3.32 8.11 -5.39
N ASN A 52 -2.37 7.23 -5.18
CA ASN A 52 -1.19 7.15 -6.02
C ASN A 52 -1.58 6.81 -7.45
N PRO A 53 -1.24 7.68 -8.42
CA PRO A 53 -1.62 7.51 -9.83
C PRO A 53 -1.56 6.05 -10.29
N ASP A 54 -0.40 5.43 -10.06
CA ASP A 54 -0.16 4.04 -10.45
C ASP A 54 -1.23 3.10 -9.91
N CYS A 55 -1.53 3.26 -8.63
CA CYS A 55 -2.49 2.40 -7.94
C CYS A 55 -3.86 2.47 -8.58
N LYS A 56 -4.28 3.67 -8.96
CA LYS A 56 -5.56 3.83 -9.65
C LYS A 56 -5.45 3.50 -11.13
N THR A 57 -4.25 3.59 -11.62
CA THR A 57 -3.94 3.23 -13.00
C THR A 57 -4.11 1.73 -13.24
N ILE A 58 -3.59 0.91 -12.33
CA ILE A 58 -3.66 -0.54 -12.48
C ILE A 58 -5.09 -1.05 -12.32
N LEU A 59 -5.89 -0.34 -11.53
CA LEU A 59 -7.28 -0.73 -11.30
C LEU A 59 -8.06 -0.91 -12.60
N LYS A 60 -7.88 0.00 -13.54
CA LYS A 60 -8.59 -0.07 -14.81
C LYS A 60 -8.08 -1.23 -15.66
N ALA A 61 -6.86 -1.67 -15.35
CA ALA A 61 -6.26 -2.80 -16.07
C ALA A 61 -6.80 -4.12 -15.56
N LEU A 62 -7.49 -4.07 -14.41
CA LEU A 62 -8.14 -5.25 -13.86
C LEU A 62 -9.43 -5.54 -14.63
N GLY A 63 -9.88 -4.56 -15.39
CA GLY A 63 -11.07 -4.74 -16.21
C GLY A 63 -12.09 -3.66 -16.00
N PRO A 64 -12.99 -3.81 -15.02
CA PRO A 64 -14.12 -2.90 -14.79
C PRO A 64 -13.71 -1.65 -14.02
N GLY A 65 -12.44 -1.54 -13.71
CA GLY A 65 -11.96 -0.41 -12.95
C GLY A 65 -11.92 -0.70 -11.47
N ALA A 66 -12.12 -1.99 -11.13
CA ALA A 66 -12.11 -2.46 -9.75
C ALA A 66 -13.29 -1.94 -8.97
N THR A 67 -14.14 -2.85 -8.51
CA THR A 67 -15.34 -2.49 -7.78
C THR A 67 -15.04 -2.03 -6.36
N LEU A 68 -14.89 -2.96 -5.44
CA LEU A 68 -14.61 -2.62 -4.06
C LEU A 68 -13.45 -3.46 -3.52
N GLU A 69 -13.62 -4.77 -3.54
CA GLU A 69 -12.61 -5.66 -2.97
C GLU A 69 -11.41 -5.74 -3.90
N GLU A 70 -11.67 -5.56 -5.18
CA GLU A 70 -10.64 -5.64 -6.20
C GLU A 70 -9.63 -4.53 -6.01
N MET A 71 -10.13 -3.30 -5.88
CA MET A 71 -9.26 -2.14 -5.74
C MET A 71 -8.57 -2.15 -4.39
N MET A 72 -9.25 -2.73 -3.40
CA MET A 72 -8.70 -2.79 -2.06
C MET A 72 -7.51 -3.71 -2.02
N THR A 73 -7.69 -4.88 -2.58
CA THR A 73 -6.64 -5.88 -2.65
C THR A 73 -5.51 -5.43 -3.57
N ALA A 74 -5.89 -4.94 -4.75
CA ALA A 74 -4.93 -4.57 -5.80
C ALA A 74 -3.94 -3.51 -5.34
N CYS A 75 -4.42 -2.53 -4.59
CA CYS A 75 -3.57 -1.42 -4.18
C CYS A 75 -2.84 -1.71 -2.87
N GLN A 76 -2.87 -2.95 -2.41
CA GLN A 76 -2.10 -3.35 -1.24
C GLN A 76 -0.80 -4.04 -1.67
N GLY A 77 0.32 -3.42 -1.34
CA GLY A 77 1.60 -4.01 -1.65
C GLY A 77 2.30 -3.33 -2.81
N VAL A 78 1.64 -2.33 -3.40
CA VAL A 78 2.19 -1.61 -4.53
C VAL A 78 3.40 -0.79 -4.10
N GLY A 79 4.59 -1.24 -4.48
CA GLY A 79 5.81 -0.57 -4.09
C GLY A 79 6.16 -0.83 -2.65
N GLY A 80 5.60 -1.90 -2.10
CA GLY A 80 5.82 -2.22 -0.70
C GLY A 80 7.10 -2.99 -0.46
N PRO A 81 7.12 -3.87 0.55
CA PRO A 81 8.32 -4.61 0.93
C PRO A 81 8.55 -5.86 0.07
N GLY A 82 7.93 -5.90 -1.09
CA GLY A 82 8.07 -7.04 -1.96
C GLY A 82 7.06 -8.13 -1.65
N HIS A 83 5.79 -7.83 -1.87
CA HIS A 83 4.72 -8.78 -1.62
C HIS A 83 4.61 -9.76 -2.80
N LYS A 84 5.53 -10.70 -2.87
CA LYS A 84 5.55 -11.68 -3.96
C LYS A 84 5.29 -13.08 -3.43
N ALA A 85 6.24 -13.60 -2.66
CA ALA A 85 6.18 -14.97 -2.19
C ALA A 85 5.01 -15.18 -1.25
N ARG A 86 4.64 -14.14 -0.53
CA ARG A 86 3.58 -14.23 0.48
C ARG A 86 2.23 -14.60 -0.14
N VAL A 87 1.99 -14.19 -1.39
CA VAL A 87 0.70 -14.43 -2.01
C VAL A 87 0.62 -15.86 -2.55
N LEU A 88 1.77 -16.40 -2.94
CA LEU A 88 1.82 -17.74 -3.50
C LEU A 88 1.94 -18.77 -2.39
N ALA A 89 2.71 -18.43 -1.36
CA ALA A 89 2.88 -19.30 -0.19
C ALA A 89 1.55 -19.44 0.54
N GLU A 90 0.75 -18.38 0.48
CA GLU A 90 -0.57 -18.37 1.10
C GLU A 90 -1.45 -19.48 0.52
N ALA A 91 -1.40 -19.63 -0.81
CA ALA A 91 -2.20 -20.63 -1.49
C ALA A 91 -1.55 -22.00 -1.38
N MET A 92 -0.22 -21.99 -1.24
CA MET A 92 0.54 -23.22 -1.12
C MET A 92 0.12 -23.99 0.13
N SER A 93 -0.10 -23.27 1.22
CA SER A 93 -0.52 -23.88 2.47
C SER A 93 -1.99 -24.29 2.40
N GLN A 94 -2.76 -23.62 1.54
CA GLN A 94 -4.19 -23.90 1.42
C GLN A 94 -4.45 -25.19 0.67
N VAL A 95 -3.56 -25.54 -0.25
CA VAL A 95 -3.70 -26.78 -1.00
C VAL A 95 -3.09 -27.97 -0.25
N THR A 96 -2.08 -27.69 0.56
CA THR A 96 -1.42 -28.73 1.34
C THR A 96 -2.18 -29.00 2.63
N ASN A 97 -2.51 -27.94 3.32
CA ASN A 97 -3.26 -28.03 4.57
C ASN A 97 -4.74 -27.90 4.30
N PRO A 98 -5.57 -28.67 5.00
CA PRO A 98 -7.03 -28.62 4.86
C PRO A 98 -7.65 -27.37 5.49
N ALA A 99 -6.93 -26.26 5.39
CA ALA A 99 -7.38 -25.01 5.97
C ALA A 99 -8.65 -24.53 5.28
N THR A 100 -8.80 -24.92 4.03
CA THR A 100 -9.98 -24.60 3.25
C THR A 100 -11.14 -25.51 3.63
N ILE A 101 -10.80 -26.76 3.94
CA ILE A 101 -11.80 -27.74 4.36
C ILE A 101 -12.31 -27.37 5.75
N MET A 102 -11.42 -26.79 6.53
CA MET A 102 -11.77 -26.28 7.86
C MET A 102 -12.87 -25.21 7.76
N ILE A 103 -13.06 -24.65 6.58
CA ILE A 103 -14.10 -23.65 6.36
C ILE A 103 -15.48 -24.31 6.30
N GLN A 104 -15.58 -25.41 5.57
CA GLN A 104 -16.85 -26.13 5.45
C GLN A 104 -17.11 -26.94 6.71
N LYS A 105 -16.04 -27.37 7.37
CA LYS A 105 -16.12 -28.09 8.62
C LYS A 105 -16.44 -27.15 9.78
N GLY A 106 -16.24 -25.85 9.53
CA GLY A 106 -16.45 -24.84 10.54
C GLY A 106 -17.83 -24.87 11.18
N ASN A 107 -18.82 -25.37 10.45
CA ASN A 107 -20.19 -25.42 10.96
C ASN A 107 -20.32 -26.44 12.11
N PHE A 108 -19.43 -27.42 12.12
CA PHE A 108 -19.46 -28.46 13.14
C PHE A 108 -18.83 -27.96 14.44
N ARG A 109 -17.65 -27.37 14.34
CA ARG A 109 -16.93 -26.89 15.50
C ARG A 109 -17.48 -25.54 15.96
N ASN A 110 -17.96 -24.75 15.00
CA ASN A 110 -18.53 -23.43 15.24
C ASN A 110 -17.50 -22.47 15.85
N GLN A 111 -17.30 -22.56 17.15
CA GLN A 111 -16.41 -21.67 17.86
C GLN A 111 -15.49 -22.48 18.78
N ARG A 112 -14.71 -23.36 18.17
CA ARG A 112 -13.78 -24.20 18.92
C ARG A 112 -12.78 -23.33 19.70
N LYS A 113 -12.62 -23.67 20.97
CA LYS A 113 -11.73 -22.94 21.87
C LYS A 113 -10.29 -23.02 21.39
N THR A 114 -9.95 -24.15 20.79
CA THR A 114 -8.59 -24.40 20.32
C THR A 114 -8.14 -23.38 19.28
N VAL A 115 -9.10 -22.72 18.62
CA VAL A 115 -8.79 -21.72 17.61
C VAL A 115 -8.15 -20.50 18.25
N LYS A 116 -8.48 -20.26 19.52
CA LYS A 116 -7.89 -19.16 20.26
C LYS A 116 -6.58 -19.61 20.88
N CYS A 117 -5.58 -18.75 20.83
CA CYS A 117 -4.25 -19.10 21.29
C CYS A 117 -4.16 -19.08 22.82
N PHE A 118 -4.25 -20.26 23.42
CA PHE A 118 -4.19 -20.37 24.87
C PHE A 118 -2.75 -20.43 25.36
N ASN A 119 -2.03 -19.33 25.17
CA ASN A 119 -0.67 -19.20 25.70
C ASN A 119 -0.17 -17.76 25.57
N CYS A 120 -0.36 -17.14 24.41
CA CYS A 120 0.05 -15.76 24.22
C CYS A 120 -1.09 -14.81 24.56
N GLY A 121 -2.30 -15.35 24.63
CA GLY A 121 -3.43 -14.55 25.06
C GLY A 121 -4.53 -14.45 24.02
N LYS A 122 -5.15 -15.60 23.71
CA LYS A 122 -6.34 -15.64 22.85
C LYS A 122 -5.98 -15.26 21.42
N GLU A 123 -6.99 -14.80 20.67
CA GLU A 123 -6.86 -14.49 19.25
C GLU A 123 -6.70 -15.75 18.41
N GLY A 124 -6.95 -15.62 17.12
CA GLY A 124 -6.91 -16.76 16.22
C GLY A 124 -5.51 -17.16 15.83
N HIS A 125 -4.64 -17.26 16.82
CA HIS A 125 -3.27 -17.69 16.61
C HIS A 125 -3.18 -19.19 16.90
N ILE A 126 -2.07 -19.81 16.56
CA ILE A 126 -1.92 -21.23 16.76
C ILE A 126 -0.88 -21.52 17.82
N ALA A 127 -1.33 -22.05 18.95
CA ALA A 127 -0.47 -22.33 20.10
C ALA A 127 0.61 -23.35 19.75
N LYS A 128 0.36 -24.10 18.69
CA LYS A 128 1.27 -25.16 18.26
C LYS A 128 2.48 -24.57 17.54
N ASN A 129 2.36 -23.34 17.06
CA ASN A 129 3.48 -22.63 16.45
C ASN A 129 3.72 -21.35 17.23
N CYS A 130 3.41 -21.41 18.52
CA CYS A 130 3.47 -20.23 19.36
C CYS A 130 4.37 -20.48 20.56
N ARG A 131 5.45 -19.73 20.64
CA ARG A 131 6.40 -19.85 21.73
C ARG A 131 6.09 -18.84 22.82
N ALA A 132 5.52 -19.32 23.91
CA ALA A 132 5.15 -18.48 25.03
C ALA A 132 5.12 -19.31 26.31
N PRO A 133 6.06 -19.02 27.24
CA PRO A 133 6.19 -19.75 28.52
C PRO A 133 4.88 -19.85 29.30
N ARG A 134 4.10 -20.86 28.96
CA ARG A 134 2.80 -21.12 29.56
C ARG A 134 2.14 -22.29 28.84
N LYS A 135 2.00 -22.15 27.53
CA LYS A 135 1.28 -23.13 26.71
C LYS A 135 -0.16 -23.28 27.17
N LYS A 136 -0.85 -24.28 26.64
CA LYS A 136 -2.25 -24.46 26.96
C LYS A 136 -2.39 -25.14 28.32
N GLY A 137 -2.21 -26.44 28.36
CA GLY A 137 -2.38 -27.17 29.60
C GLY A 137 -3.81 -27.06 30.11
N CYS A 138 -3.95 -26.64 31.36
CA CYS A 138 -5.25 -26.40 31.93
C CYS A 138 -5.35 -24.96 32.41
N TRP A 139 -6.06 -24.13 31.66
CA TRP A 139 -6.20 -22.72 32.01
C TRP A 139 -7.25 -22.54 33.11
N LYS A 140 -7.89 -23.63 33.49
CA LYS A 140 -8.86 -23.61 34.58
C LYS A 140 -8.15 -23.57 35.91
N CYS A 141 -7.26 -24.54 36.11
CA CYS A 141 -6.54 -24.65 37.37
C CYS A 141 -5.18 -23.96 37.27
N GLY A 142 -4.75 -23.72 36.04
CA GLY A 142 -3.51 -22.99 35.82
C GLY A 142 -2.29 -23.88 35.86
N LYS A 143 -2.49 -25.15 35.55
CA LYS A 143 -1.41 -26.14 35.60
C LYS A 143 -1.49 -27.03 34.38
N GLU A 144 -0.35 -27.44 33.85
CA GLU A 144 -0.30 -28.24 32.64
C GLU A 144 -0.49 -29.72 32.97
N GLY A 145 -0.71 -30.02 34.23
CA GLY A 145 -0.97 -31.38 34.65
C GLY A 145 -2.22 -31.93 34.01
N HIS A 146 -3.22 -31.07 33.85
CA HIS A 146 -4.47 -31.45 33.22
C HIS A 146 -4.56 -30.78 31.86
N GLN A 147 -5.11 -31.46 30.89
CA GLN A 147 -5.44 -30.82 29.63
C GLN A 147 -6.82 -30.19 29.76
N MET A 148 -6.98 -28.99 29.22
CA MET A 148 -8.23 -28.22 29.34
C MET A 148 -9.48 -29.09 29.18
N LYS A 149 -9.47 -29.95 28.16
CA LYS A 149 -10.63 -30.78 27.83
C LYS A 149 -10.69 -32.03 28.69
N ASP A 150 -9.55 -32.38 29.25
CA ASP A 150 -9.41 -33.65 29.97
C ASP A 150 -9.21 -33.44 31.46
N CYS A 151 -9.51 -32.25 31.95
CA CYS A 151 -9.36 -31.98 33.37
C CYS A 151 -10.52 -32.59 34.16
N THR A 152 -10.33 -33.83 34.55
CA THR A 152 -11.29 -34.52 35.40
C THR A 152 -10.54 -35.21 36.54
N GLU A 153 -10.61 -34.61 37.72
CA GLU A 153 -9.89 -35.12 38.86
C GLU A 153 -10.84 -35.65 39.93
N ARG A 154 -10.69 -36.92 40.26
CA ARG A 154 -11.51 -37.53 41.29
C ARG A 154 -10.67 -38.42 42.19
N GLN A 155 -9.80 -39.22 41.58
CA GLN A 155 -8.95 -40.14 42.34
C GLN A 155 -7.67 -39.44 42.79
N ALA A 156 -7.82 -38.44 43.64
CA ALA A 156 -6.70 -37.69 44.16
C ALA A 156 -6.64 -37.78 45.68
N ASN A 157 -6.39 -38.98 46.18
CA ASN A 157 -6.33 -39.22 47.61
C ASN A 157 -5.02 -38.68 48.18
N MET A 1 -26.31 3.94 1.46
CA MET A 1 -24.87 4.18 1.76
C MET A 1 -24.71 5.45 2.59
N TYR A 2 -25.11 6.60 2.03
CA TYR A 2 -24.95 7.92 2.66
C TYR A 2 -23.48 8.31 2.75
N SER A 3 -23.15 9.50 2.26
CA SER A 3 -21.77 9.94 2.23
C SER A 3 -21.65 11.42 2.63
N PRO A 4 -20.52 11.80 3.27
CA PRO A 4 -20.23 13.18 3.66
C PRO A 4 -19.30 13.91 2.69
N THR A 5 -18.78 15.06 3.13
CA THR A 5 -17.91 15.88 2.28
C THR A 5 -16.43 15.63 2.58
N SER A 6 -16.12 15.20 3.79
CA SER A 6 -14.74 14.98 4.21
C SER A 6 -14.06 13.88 3.40
N ILE A 7 -14.85 13.10 2.68
CA ILE A 7 -14.32 12.06 1.82
C ILE A 7 -13.61 12.68 0.61
N LEU A 8 -13.83 13.97 0.39
CA LEU A 8 -13.20 14.68 -0.72
C LEU A 8 -11.76 15.05 -0.39
N ASP A 9 -11.41 15.12 0.89
CA ASP A 9 -10.09 15.61 1.28
C ASP A 9 -9.15 14.50 1.78
N ILE A 10 -9.40 13.26 1.36
CA ILE A 10 -8.45 12.18 1.64
C ILE A 10 -7.47 12.08 0.47
N ARG A 11 -6.23 11.72 0.74
CA ARG A 11 -5.28 11.48 -0.35
C ARG A 11 -4.38 10.28 -0.04
N GLN A 12 -3.77 9.75 -1.09
CA GLN A 12 -2.81 8.66 -0.93
C GLN A 12 -1.43 9.15 -1.31
N GLY A 13 -0.44 8.78 -0.49
CA GLY A 13 0.92 9.18 -0.75
C GLY A 13 1.67 8.15 -1.59
N PRO A 14 2.99 8.04 -1.41
CA PRO A 14 3.83 7.11 -2.19
C PRO A 14 3.55 5.65 -1.85
N LYS A 15 3.87 5.26 -0.63
CA LYS A 15 3.76 3.88 -0.20
C LYS A 15 2.59 3.70 0.77
N GLU A 16 1.75 4.73 0.83
CA GLU A 16 0.58 4.71 1.70
C GLU A 16 -0.24 3.45 1.50
N PRO A 17 -0.39 2.62 2.54
CA PRO A 17 -1.24 1.44 2.49
C PRO A 17 -2.65 1.80 2.04
N PHE A 18 -3.11 1.17 0.97
CA PHE A 18 -4.42 1.46 0.41
C PHE A 18 -5.51 1.20 1.45
N ARG A 19 -5.25 0.26 2.35
CA ARG A 19 -6.22 -0.05 3.41
C ARG A 19 -6.31 1.11 4.41
N ASP A 20 -5.26 1.93 4.46
CA ASP A 20 -5.25 3.09 5.34
C ASP A 20 -5.85 4.28 4.61
N TYR A 21 -5.51 4.40 3.34
CA TYR A 21 -6.11 5.40 2.46
C TYR A 21 -7.63 5.25 2.46
N VAL A 22 -8.07 4.01 2.45
CA VAL A 22 -9.49 3.70 2.49
C VAL A 22 -10.03 3.88 3.91
N ASP A 23 -9.20 3.55 4.89
CA ASP A 23 -9.56 3.69 6.30
C ASP A 23 -10.00 5.11 6.63
N ARG A 24 -9.22 6.09 6.20
CA ARG A 24 -9.51 7.49 6.53
C ARG A 24 -10.74 7.95 5.77
N PHE A 25 -10.88 7.43 4.56
CA PHE A 25 -12.02 7.71 3.70
C PHE A 25 -13.31 7.15 4.30
N TYR A 26 -13.22 5.93 4.81
CA TYR A 26 -14.41 5.18 5.19
C TYR A 26 -14.85 5.56 6.60
N LYS A 27 -13.90 5.98 7.42
CA LYS A 27 -14.18 6.31 8.81
C LYS A 27 -14.97 7.60 8.91
N THR A 28 -14.70 8.54 8.00
CA THR A 28 -15.46 9.77 7.96
C THR A 28 -16.74 9.56 7.14
N LEU A 29 -16.68 8.60 6.21
CA LEU A 29 -17.80 8.28 5.33
C LEU A 29 -19.03 7.86 6.14
N ARG A 30 -18.77 7.13 7.21
CA ARG A 30 -19.83 6.53 8.00
C ARG A 30 -20.43 7.50 9.01
N ALA A 31 -19.62 8.39 9.54
CA ALA A 31 -20.06 9.22 10.66
C ALA A 31 -20.83 10.45 10.19
N GLU A 32 -20.18 11.30 9.43
CA GLU A 32 -20.73 12.62 9.09
C GLU A 32 -21.49 12.61 7.76
N GLN A 33 -22.06 11.46 7.42
CA GLN A 33 -22.70 11.25 6.13
C GLN A 33 -24.04 12.02 6.00
N ALA A 34 -23.95 13.34 5.90
CA ALA A 34 -25.16 14.18 5.89
C ALA A 34 -25.74 14.33 4.49
N SER A 35 -25.01 14.97 3.59
CA SER A 35 -25.52 15.28 2.25
C SER A 35 -25.32 14.11 1.28
N GLN A 36 -26.02 13.01 1.55
CA GLN A 36 -25.82 11.76 0.81
C GLN A 36 -25.83 11.94 -0.71
N GLU A 37 -26.80 12.68 -1.22
CA GLU A 37 -27.07 12.73 -2.65
C GLU A 37 -25.84 13.00 -3.51
N VAL A 38 -25.16 14.11 -3.28
CA VAL A 38 -24.05 14.49 -4.15
C VAL A 38 -22.77 13.78 -3.74
N LYS A 39 -22.72 13.36 -2.49
CA LYS A 39 -21.51 12.78 -1.95
C LYS A 39 -21.39 11.32 -2.38
N ASN A 40 -22.52 10.62 -2.45
CA ASN A 40 -22.56 9.22 -2.90
C ASN A 40 -21.89 9.06 -4.26
N ALA A 41 -22.08 10.05 -5.12
CA ALA A 41 -21.46 10.03 -6.44
C ALA A 41 -19.96 10.25 -6.33
N ALA A 42 -19.56 10.99 -5.31
CA ALA A 42 -18.16 11.27 -5.07
C ALA A 42 -17.45 10.05 -4.47
N THR A 43 -18.17 9.31 -3.63
CA THR A 43 -17.65 8.16 -2.90
C THR A 43 -16.87 7.21 -3.81
N GLU A 44 -17.38 7.02 -5.03
CA GLU A 44 -16.79 6.09 -5.96
C GLU A 44 -15.63 6.71 -6.72
N THR A 45 -15.81 7.94 -7.16
CA THR A 45 -14.83 8.59 -8.01
C THR A 45 -13.71 9.24 -7.21
N LEU A 46 -13.98 9.52 -5.95
CA LEU A 46 -13.01 10.17 -5.08
C LEU A 46 -11.92 9.20 -4.66
N LEU A 47 -12.30 7.95 -4.41
CA LEU A 47 -11.34 6.91 -4.06
C LEU A 47 -10.23 6.80 -5.11
N VAL A 48 -10.60 6.83 -6.38
CA VAL A 48 -9.61 6.75 -7.45
C VAL A 48 -8.98 8.11 -7.74
N GLN A 49 -9.72 9.17 -7.44
CA GLN A 49 -9.27 10.53 -7.74
C GLN A 49 -7.98 10.88 -7.01
N ASN A 50 -8.01 10.78 -5.68
CA ASN A 50 -6.88 11.23 -4.86
C ASN A 50 -5.93 10.09 -4.51
N ALA A 51 -6.09 8.96 -5.18
CA ALA A 51 -5.22 7.82 -4.94
C ALA A 51 -3.86 8.03 -5.63
N ASN A 52 -2.94 7.14 -5.33
CA ASN A 52 -1.62 7.16 -5.97
C ASN A 52 -1.76 6.86 -7.45
N PRO A 53 -1.09 7.64 -8.32
CA PRO A 53 -1.19 7.50 -9.77
C PRO A 53 -1.29 6.05 -10.25
N ASP A 54 -0.36 5.22 -9.80
CA ASP A 54 -0.29 3.82 -10.26
C ASP A 54 -1.39 2.99 -9.64
N CYS A 55 -1.65 3.26 -8.36
CA CYS A 55 -2.64 2.49 -7.60
C CYS A 55 -4.03 2.59 -8.20
N LYS A 56 -4.46 3.79 -8.57
CA LYS A 56 -5.78 3.95 -9.17
C LYS A 56 -5.77 3.45 -10.61
N THR A 57 -4.59 3.45 -11.20
CA THR A 57 -4.40 2.92 -12.54
C THR A 57 -4.73 1.43 -12.57
N ILE A 58 -4.26 0.69 -11.56
CA ILE A 58 -4.47 -0.75 -11.50
C ILE A 58 -5.82 -1.11 -10.88
N LEU A 59 -6.33 -0.26 -9.98
CA LEU A 59 -7.62 -0.48 -9.33
C LEU A 59 -8.69 -0.91 -10.33
N LYS A 60 -8.83 -0.16 -11.41
CA LYS A 60 -9.86 -0.43 -12.40
C LYS A 60 -9.48 -1.59 -13.30
N ALA A 61 -8.19 -1.91 -13.35
CA ALA A 61 -7.71 -2.99 -14.21
C ALA A 61 -7.93 -4.35 -13.56
N LEU A 62 -7.70 -4.42 -12.25
CA LEU A 62 -7.85 -5.68 -11.54
C LEU A 62 -9.19 -5.76 -10.83
N GLY A 63 -9.93 -4.66 -10.87
CA GLY A 63 -11.25 -4.59 -10.26
C GLY A 63 -12.16 -5.77 -10.59
N PRO A 64 -12.31 -6.16 -11.87
CA PRO A 64 -13.13 -7.31 -12.28
C PRO A 64 -12.93 -8.54 -11.39
N GLY A 65 -11.67 -8.91 -11.16
CA GLY A 65 -11.40 -10.09 -10.36
C GLY A 65 -11.18 -9.77 -8.90
N ALA A 66 -10.89 -8.52 -8.61
CA ALA A 66 -10.62 -8.09 -7.25
C ALA A 66 -11.82 -7.35 -6.67
N THR A 67 -12.55 -8.05 -5.80
CA THR A 67 -13.81 -7.55 -5.27
C THR A 67 -13.63 -6.34 -4.34
N LEU A 68 -13.05 -6.55 -3.16
CA LEU A 68 -12.90 -5.47 -2.20
C LEU A 68 -11.52 -5.49 -1.54
N GLU A 69 -11.22 -6.53 -0.79
CA GLU A 69 -9.94 -6.59 -0.08
C GLU A 69 -8.84 -7.01 -1.05
N GLU A 70 -9.26 -7.68 -2.11
CA GLU A 70 -8.35 -8.13 -3.14
C GLU A 70 -7.71 -6.93 -3.84
N MET A 71 -8.55 -5.97 -4.24
CA MET A 71 -8.08 -4.76 -4.90
C MET A 71 -7.40 -3.83 -3.91
N MET A 72 -7.78 -3.95 -2.65
CA MET A 72 -7.19 -3.15 -1.59
C MET A 72 -5.75 -3.59 -1.33
N THR A 73 -5.60 -4.88 -1.11
CA THR A 73 -4.30 -5.48 -0.90
C THR A 73 -3.40 -5.30 -2.12
N ALA A 74 -4.01 -5.35 -3.30
CA ALA A 74 -3.29 -5.23 -4.55
C ALA A 74 -2.67 -3.84 -4.72
N CYS A 75 -3.19 -2.86 -3.99
CA CYS A 75 -2.76 -1.49 -4.18
C CYS A 75 -2.10 -0.91 -2.93
N GLN A 76 -1.81 -1.75 -1.95
CA GLN A 76 -1.13 -1.26 -0.75
C GLN A 76 0.35 -1.60 -0.81
N GLY A 77 1.16 -0.55 -0.84
CA GLY A 77 2.60 -0.72 -0.94
C GLY A 77 2.99 -1.36 -2.26
N VAL A 78 2.64 -0.70 -3.36
CA VAL A 78 2.93 -1.21 -4.69
C VAL A 78 4.35 -0.81 -5.12
N GLY A 79 5.16 -0.46 -4.13
CA GLY A 79 6.47 0.08 -4.43
C GLY A 79 6.39 1.55 -4.73
N GLY A 80 5.17 2.08 -4.66
CA GLY A 80 4.94 3.48 -4.95
C GLY A 80 5.36 3.87 -6.36
N PRO A 81 4.81 3.22 -7.40
CA PRO A 81 5.20 3.46 -8.78
C PRO A 81 4.56 4.73 -9.34
N GLY A 82 3.62 5.28 -8.57
CA GLY A 82 3.05 6.56 -8.93
C GLY A 82 3.88 7.70 -8.38
N HIS A 83 4.81 7.35 -7.51
CA HIS A 83 5.70 8.32 -6.90
C HIS A 83 7.04 8.30 -7.64
N LYS A 84 7.04 8.87 -8.84
CA LYS A 84 8.24 8.91 -9.66
C LYS A 84 8.70 10.34 -9.86
N ALA A 85 7.82 11.16 -10.42
CA ALA A 85 8.14 12.56 -10.70
C ALA A 85 8.57 13.29 -9.44
N ARG A 86 8.03 12.85 -8.32
CA ARG A 86 8.32 13.46 -7.03
C ARG A 86 9.76 13.22 -6.59
N VAL A 87 10.35 12.09 -6.97
CA VAL A 87 11.72 11.79 -6.55
C VAL A 87 12.72 12.65 -7.34
N LEU A 88 12.29 13.08 -8.52
CA LEU A 88 13.11 13.93 -9.37
C LEU A 88 12.89 15.39 -9.00
N ALA A 89 11.62 15.77 -8.85
CA ALA A 89 11.26 17.13 -8.49
C ALA A 89 11.84 17.52 -7.13
N GLU A 90 11.96 16.55 -6.25
CA GLU A 90 12.51 16.80 -4.92
C GLU A 90 14.03 16.86 -4.97
N ALA A 91 14.60 16.19 -5.96
CA ALA A 91 16.05 16.15 -6.11
C ALA A 91 16.54 17.42 -6.79
N MET A 92 15.65 18.02 -7.58
CA MET A 92 15.96 19.27 -8.26
C MET A 92 16.23 20.38 -7.25
N SER A 93 15.46 20.40 -6.18
CA SER A 93 15.63 21.39 -5.13
C SER A 93 16.87 21.07 -4.28
N GLN A 94 17.31 19.82 -4.34
CA GLN A 94 18.49 19.40 -3.60
C GLN A 94 19.77 19.70 -4.36
N VAL A 95 19.80 19.33 -5.63
CA VAL A 95 21.00 19.48 -6.46
C VAL A 95 21.34 20.96 -6.65
N THR A 96 20.35 21.82 -6.52
CA THR A 96 20.57 23.26 -6.67
C THR A 96 21.06 23.88 -5.35
N ASN A 97 21.03 23.08 -4.29
CA ASN A 97 21.53 23.51 -2.99
C ASN A 97 22.56 22.50 -2.50
N PRO A 98 23.79 22.52 -3.04
CA PRO A 98 24.85 21.57 -2.67
C PRO A 98 25.16 21.59 -1.19
N ALA A 99 24.80 22.68 -0.52
CA ALA A 99 24.99 22.78 0.92
C ALA A 99 24.09 21.79 1.64
N THR A 100 22.96 21.50 1.03
CA THR A 100 22.02 20.55 1.59
C THR A 100 22.39 19.12 1.18
N ILE A 101 23.11 19.02 0.07
CA ILE A 101 23.58 17.72 -0.43
C ILE A 101 24.59 17.10 0.54
N MET A 102 25.59 17.87 0.90
CA MET A 102 26.66 17.40 1.79
C MET A 102 26.10 16.96 3.15
N ILE A 103 25.05 17.62 3.62
CA ILE A 103 24.44 17.26 4.89
C ILE A 103 23.35 16.21 4.71
N GLN A 104 22.92 16.04 3.47
CA GLN A 104 21.87 15.08 3.11
C GLN A 104 22.34 13.65 3.37
N LYS A 105 23.65 13.48 3.56
CA LYS A 105 24.24 12.18 3.87
C LYS A 105 23.61 11.58 5.13
N GLY A 106 23.01 12.46 5.93
CA GLY A 106 22.29 12.04 7.12
C GLY A 106 21.17 11.05 6.83
N ASN A 107 20.74 10.98 5.56
CA ASN A 107 19.68 10.06 5.15
C ASN A 107 20.05 8.61 5.44
N PHE A 108 21.35 8.35 5.59
CA PHE A 108 21.82 7.02 5.97
C PHE A 108 21.24 6.63 7.33
N ARG A 109 21.20 7.59 8.24
CA ARG A 109 20.60 7.40 9.55
C ARG A 109 19.08 7.29 9.39
N ASN A 110 18.53 8.16 8.56
CA ASN A 110 17.09 8.21 8.32
C ASN A 110 16.32 8.41 9.63
N GLN A 111 16.71 9.44 10.36
CA GLN A 111 16.02 9.82 11.59
C GLN A 111 15.27 11.12 11.36
N ARG A 112 15.44 11.66 10.15
CA ARG A 112 14.84 12.94 9.77
C ARG A 112 13.31 12.83 9.74
N LYS A 113 12.80 11.61 9.76
CA LYS A 113 11.36 11.39 9.76
C LYS A 113 10.79 11.46 11.18
N THR A 114 11.35 12.35 12.00
CA THR A 114 11.00 12.43 13.42
C THR A 114 9.48 12.50 13.64
N VAL A 115 8.81 13.58 13.26
CA VAL A 115 7.35 13.56 13.23
C VAL A 115 6.75 14.44 12.13
N LYS A 116 7.17 15.69 12.04
CA LYS A 116 6.66 16.59 11.00
C LYS A 116 7.63 17.73 10.74
N CYS A 117 7.86 18.02 9.48
CA CYS A 117 8.68 19.17 9.09
C CYS A 117 7.87 20.45 9.18
N PHE A 118 8.48 21.51 9.68
CA PHE A 118 7.81 22.80 9.71
C PHE A 118 8.04 23.54 8.39
N ASN A 119 7.55 22.91 7.32
CA ASN A 119 7.53 23.48 5.97
C ASN A 119 7.07 22.43 4.96
N CYS A 120 7.51 21.19 5.15
CA CYS A 120 7.07 20.10 4.29
C CYS A 120 5.73 19.55 4.78
N GLY A 121 5.44 19.78 6.06
CA GLY A 121 4.19 19.31 6.63
C GLY A 121 4.29 17.88 7.13
N LYS A 122 5.25 17.14 6.59
CA LYS A 122 5.42 15.73 6.90
C LYS A 122 6.89 15.41 6.98
N GLU A 123 7.22 14.35 7.71
CA GLU A 123 8.59 13.94 7.95
C GLU A 123 9.34 15.01 8.73
N GLY A 124 9.82 14.64 9.91
CA GLY A 124 10.25 15.62 10.89
C GLY A 124 11.59 16.25 10.61
N HIS A 125 11.73 16.86 9.46
CA HIS A 125 12.90 17.67 9.16
C HIS A 125 12.90 18.86 10.11
N ILE A 126 14.05 19.49 10.27
CA ILE A 126 14.12 20.71 11.03
C ILE A 126 14.13 21.89 10.08
N ALA A 127 13.19 22.79 10.27
CA ALA A 127 12.96 23.90 9.36
C ALA A 127 14.19 24.80 9.24
N LYS A 128 15.10 24.73 10.20
CA LYS A 128 16.30 25.56 10.16
C LYS A 128 17.37 24.91 9.29
N ASN A 129 17.12 23.69 8.85
CA ASN A 129 18.07 22.97 8.01
C ASN A 129 17.42 22.57 6.68
N CYS A 130 16.10 22.48 6.70
CA CYS A 130 15.35 22.11 5.50
C CYS A 130 15.18 23.33 4.60
N ARG A 131 15.76 23.27 3.40
CA ARG A 131 15.61 24.34 2.43
C ARG A 131 14.37 24.10 1.57
N ALA A 132 13.30 24.79 1.91
CA ALA A 132 12.05 24.67 1.17
C ALA A 132 11.32 25.99 1.15
N PRO A 133 10.97 26.50 -0.05
CA PRO A 133 10.27 27.78 -0.22
C PRO A 133 8.79 27.68 0.16
N ARG A 134 8.49 26.82 1.10
CA ARG A 134 7.13 26.62 1.56
C ARG A 134 6.94 27.30 2.92
N LYS A 135 8.03 27.42 3.67
CA LYS A 135 7.98 27.93 5.03
C LYS A 135 7.68 29.43 5.06
N LYS A 136 8.74 30.25 5.03
CA LYS A 136 8.60 31.71 5.13
C LYS A 136 7.85 32.11 6.40
N GLY A 137 7.90 31.23 7.41
CA GLY A 137 7.08 31.41 8.60
C GLY A 137 5.62 31.18 8.31
N CYS A 138 5.07 32.04 7.47
CA CYS A 138 3.71 31.91 7.00
C CYS A 138 3.67 31.05 5.76
N TRP A 139 2.99 29.92 5.84
CA TRP A 139 2.90 29.00 4.71
C TRP A 139 2.05 29.61 3.60
N LYS A 140 1.02 30.34 4.00
CA LYS A 140 0.10 30.99 3.08
C LYS A 140 0.50 32.45 2.90
N CYS A 141 0.65 33.14 4.02
CA CYS A 141 1.08 34.53 4.06
C CYS A 141 2.59 34.62 3.84
N GLY A 142 3.13 33.67 3.10
CA GLY A 142 4.55 33.65 2.81
C GLY A 142 4.94 34.74 1.83
N LYS A 143 4.96 35.96 2.31
CA LYS A 143 5.38 37.09 1.49
C LYS A 143 6.90 37.18 1.47
N GLU A 144 7.48 37.62 2.58
CA GLU A 144 8.92 37.67 2.72
C GLU A 144 9.41 36.72 3.81
N GLY A 145 8.60 36.57 4.85
CA GLY A 145 8.96 35.69 5.95
C GLY A 145 8.62 36.32 7.29
N HIS A 146 7.49 35.91 7.85
CA HIS A 146 7.02 36.51 9.10
C HIS A 146 6.61 35.41 10.08
N GLN A 147 6.11 35.82 11.23
CA GLN A 147 5.51 34.92 12.18
C GLN A 147 4.04 34.73 11.84
N MET A 148 3.67 33.49 11.51
CA MET A 148 2.33 33.16 11.05
C MET A 148 1.27 33.55 12.09
N LYS A 149 1.62 33.47 13.36
CA LYS A 149 0.70 33.79 14.44
C LYS A 149 0.49 35.30 14.56
N ASP A 150 1.53 36.08 14.26
CA ASP A 150 1.46 37.54 14.39
C ASP A 150 0.75 38.15 13.19
N CYS A 151 0.76 37.45 12.07
CA CYS A 151 0.09 37.93 10.88
C CYS A 151 -1.40 37.65 10.93
N THR A 152 -2.19 38.70 10.99
CA THR A 152 -3.62 38.58 10.83
C THR A 152 -3.95 38.68 9.35
N GLU A 153 -4.60 37.65 8.81
CA GLU A 153 -4.91 37.60 7.38
C GLU A 153 -5.71 38.83 6.94
N ARG A 154 -5.32 39.37 5.80
CA ARG A 154 -5.95 40.55 5.21
C ARG A 154 -5.82 41.76 6.14
N GLN A 155 -4.58 42.17 6.36
CA GLN A 155 -4.29 43.38 7.11
C GLN A 155 -3.19 44.16 6.41
N ALA A 156 -3.43 45.44 6.19
CA ALA A 156 -2.47 46.29 5.52
C ALA A 156 -2.00 47.41 6.43
N ASN A 157 -1.42 47.03 7.56
CA ASN A 157 -0.94 47.99 8.54
C ASN A 157 0.40 47.54 9.12
N MET A 1 5.22 14.72 14.82
CA MET A 1 5.29 15.68 13.70
C MET A 1 4.45 15.19 12.53
N TYR A 2 3.14 15.27 12.70
CA TYR A 2 2.20 14.89 11.65
C TYR A 2 1.04 15.88 11.64
N SER A 3 0.76 16.44 10.47
CA SER A 3 -0.33 17.39 10.35
C SER A 3 -1.68 16.68 10.41
N PRO A 4 -2.55 17.10 11.35
CA PRO A 4 -3.88 16.50 11.52
C PRO A 4 -4.87 16.97 10.47
N THR A 5 -4.35 17.34 9.32
CA THR A 5 -5.16 17.79 8.20
C THR A 5 -5.38 16.65 7.23
N SER A 6 -4.57 15.60 7.39
CA SER A 6 -4.62 14.44 6.51
C SER A 6 -5.96 13.74 6.55
N ILE A 7 -6.76 14.03 7.58
CA ILE A 7 -8.06 13.40 7.71
C ILE A 7 -9.14 14.18 6.95
N LEU A 8 -8.84 15.43 6.64
CA LEU A 8 -9.75 16.23 5.83
C LEU A 8 -9.51 15.97 4.35
N ASP A 9 -8.24 15.83 3.99
CA ASP A 9 -7.84 15.54 2.62
C ASP A 9 -7.99 14.06 2.31
N ILE A 10 -7.77 13.22 3.33
CA ILE A 10 -7.84 11.75 3.24
C ILE A 10 -7.48 11.21 1.85
N ARG A 11 -6.34 11.67 1.34
CA ARG A 11 -5.83 11.22 0.05
C ARG A 11 -4.94 10.02 0.25
N GLN A 12 -4.51 9.41 -0.83
CA GLN A 12 -3.62 8.26 -0.72
C GLN A 12 -2.17 8.70 -0.73
N GLY A 13 -1.54 8.69 0.42
CA GLY A 13 -0.12 8.91 0.49
C GLY A 13 0.64 7.80 -0.21
N PRO A 14 1.85 8.06 -0.70
CA PRO A 14 2.62 7.08 -1.47
C PRO A 14 3.06 5.88 -0.64
N LYS A 15 2.68 5.86 0.64
CA LYS A 15 3.02 4.76 1.53
C LYS A 15 1.78 4.06 2.07
N GLU A 16 0.61 4.49 1.62
CA GLU A 16 -0.64 4.07 2.25
C GLU A 16 -1.21 2.82 1.58
N PRO A 17 -1.36 1.73 2.36
CA PRO A 17 -2.04 0.52 1.89
C PRO A 17 -3.54 0.74 1.75
N PHE A 18 -4.14 0.14 0.72
CA PHE A 18 -5.53 0.37 0.37
C PHE A 18 -6.48 0.32 1.56
N ARG A 19 -6.48 -0.80 2.28
CA ARG A 19 -7.41 -1.04 3.38
C ARG A 19 -7.37 0.09 4.41
N ASP A 20 -6.19 0.62 4.68
CA ASP A 20 -6.05 1.69 5.68
C ASP A 20 -6.43 3.02 5.06
N TYR A 21 -5.96 3.25 3.84
CA TYR A 21 -6.31 4.43 3.06
C TYR A 21 -7.83 4.60 3.00
N VAL A 22 -8.51 3.49 2.77
CA VAL A 22 -9.96 3.49 2.66
C VAL A 22 -10.61 3.61 4.04
N ASP A 23 -9.95 3.04 5.05
CA ASP A 23 -10.46 3.10 6.42
C ASP A 23 -10.54 4.55 6.88
N ARG A 24 -9.53 5.33 6.50
CA ARG A 24 -9.48 6.74 6.83
C ARG A 24 -10.56 7.47 6.05
N PHE A 25 -10.58 7.20 4.77
CA PHE A 25 -11.49 7.85 3.83
C PHE A 25 -12.95 7.56 4.18
N TYR A 26 -13.21 6.41 4.80
CA TYR A 26 -14.56 6.03 5.14
C TYR A 26 -14.95 6.55 6.52
N LYS A 27 -13.98 6.62 7.42
CA LYS A 27 -14.25 7.00 8.78
C LYS A 27 -14.66 8.46 8.89
N THR A 28 -14.17 9.28 7.96
CA THR A 28 -14.59 10.67 7.88
C THR A 28 -16.04 10.77 7.37
N LEU A 29 -16.42 9.82 6.52
CA LEU A 29 -17.76 9.81 5.93
C LEU A 29 -18.82 9.47 6.97
N ARG A 30 -18.47 8.60 7.90
CA ARG A 30 -19.39 8.19 8.94
C ARG A 30 -19.44 9.23 10.06
N ALA A 31 -18.33 9.96 10.20
CA ALA A 31 -18.23 10.99 11.23
C ALA A 31 -18.99 12.25 10.85
N GLU A 32 -19.10 12.52 9.56
CA GLU A 32 -19.82 13.69 9.08
C GLU A 32 -21.31 13.42 9.01
N GLN A 33 -22.03 14.27 8.29
CA GLN A 33 -23.45 14.08 8.09
C GLN A 33 -23.73 12.75 7.40
N ALA A 34 -24.90 12.20 7.70
CA ALA A 34 -25.25 10.85 7.30
C ALA A 34 -25.62 10.75 5.82
N SER A 35 -25.96 11.89 5.20
CA SER A 35 -26.37 11.96 3.80
C SER A 35 -25.52 11.07 2.89
N GLN A 36 -26.00 9.88 2.62
CA GLN A 36 -25.23 8.88 1.87
C GLN A 36 -25.32 9.13 0.38
N GLU A 37 -26.43 9.69 -0.07
CA GLU A 37 -26.67 9.89 -1.49
C GLU A 37 -25.56 10.71 -2.14
N VAL A 38 -25.02 11.66 -1.41
CA VAL A 38 -23.92 12.48 -1.91
C VAL A 38 -22.60 11.73 -1.79
N LYS A 39 -22.41 11.08 -0.65
CA LYS A 39 -21.12 10.46 -0.32
C LYS A 39 -20.85 9.24 -1.18
N ASN A 40 -21.82 8.34 -1.23
CA ASN A 40 -21.66 7.06 -1.92
C ASN A 40 -21.36 7.24 -3.40
N ALA A 41 -21.95 8.26 -4.02
CA ALA A 41 -21.71 8.52 -5.44
C ALA A 41 -20.41 9.29 -5.64
N ALA A 42 -20.15 10.25 -4.75
CA ALA A 42 -18.94 11.05 -4.84
C ALA A 42 -17.70 10.20 -4.62
N THR A 43 -17.71 9.44 -3.53
CA THR A 43 -16.55 8.65 -3.12
C THR A 43 -16.05 7.70 -4.21
N GLU A 44 -16.95 7.28 -5.10
CA GLU A 44 -16.56 6.40 -6.21
C GLU A 44 -15.50 7.08 -7.06
N THR A 45 -15.82 8.27 -7.52
CA THR A 45 -14.90 9.06 -8.31
C THR A 45 -13.86 9.74 -7.42
N LEU A 46 -14.29 10.11 -6.22
CA LEU A 46 -13.43 10.80 -5.26
C LEU A 46 -12.21 9.96 -4.93
N LEU A 47 -12.45 8.71 -4.50
CA LEU A 47 -11.38 7.81 -4.08
C LEU A 47 -10.42 7.55 -5.25
N VAL A 48 -10.96 7.65 -6.46
CA VAL A 48 -10.17 7.49 -7.68
C VAL A 48 -9.41 8.77 -8.00
N GLN A 49 -9.94 9.89 -7.53
CA GLN A 49 -9.35 11.19 -7.78
C GLN A 49 -8.15 11.45 -6.87
N ASN A 50 -8.34 11.21 -5.58
CA ASN A 50 -7.30 11.52 -4.59
C ASN A 50 -6.39 10.33 -4.30
N ALA A 51 -6.46 9.31 -5.14
CA ALA A 51 -5.58 8.16 -5.01
C ALA A 51 -4.25 8.45 -5.69
N ASN A 52 -3.27 7.60 -5.42
CA ASN A 52 -1.98 7.67 -6.08
C ASN A 52 -2.17 7.36 -7.56
N PRO A 53 -1.68 8.23 -8.46
CA PRO A 53 -1.84 8.07 -9.91
C PRO A 53 -1.75 6.61 -10.38
N ASP A 54 -0.64 5.97 -10.02
CA ASP A 54 -0.39 4.59 -10.42
C ASP A 54 -1.41 3.64 -9.82
N CYS A 55 -1.71 3.89 -8.56
CA CYS A 55 -2.57 3.03 -7.76
C CYS A 55 -3.99 2.93 -8.33
N LYS A 56 -4.53 4.04 -8.78
CA LYS A 56 -5.86 4.02 -9.39
C LYS A 56 -5.76 3.52 -10.82
N THR A 57 -4.59 3.65 -11.40
CA THR A 57 -4.33 3.24 -12.76
C THR A 57 -4.38 1.71 -12.89
N ILE A 58 -3.84 1.01 -11.92
CA ILE A 58 -3.84 -0.45 -11.95
C ILE A 58 -5.26 -1.00 -11.85
N LEU A 59 -6.11 -0.30 -11.09
CA LEU A 59 -7.50 -0.71 -10.92
C LEU A 59 -8.22 -0.80 -12.25
N LYS A 60 -8.03 0.22 -13.07
CA LYS A 60 -8.67 0.28 -14.37
C LYS A 60 -7.93 -0.58 -15.38
N ALA A 61 -6.67 -0.88 -15.06
CA ALA A 61 -5.87 -1.75 -15.91
C ALA A 61 -6.30 -3.20 -15.75
N LEU A 62 -6.79 -3.56 -14.57
CA LEU A 62 -7.27 -4.90 -14.29
C LEU A 62 -8.40 -5.27 -15.24
N GLY A 63 -9.27 -4.31 -15.51
CA GLY A 63 -10.38 -4.57 -16.43
C GLY A 63 -11.68 -3.95 -15.96
N PRO A 64 -12.38 -4.60 -15.00
CA PRO A 64 -13.69 -4.16 -14.53
C PRO A 64 -13.62 -2.95 -13.61
N GLY A 65 -12.43 -2.41 -13.44
CA GLY A 65 -12.24 -1.26 -12.58
C GLY A 65 -12.02 -1.67 -11.15
N ALA A 66 -11.95 -2.98 -10.92
CA ALA A 66 -11.72 -3.55 -9.60
C ALA A 66 -12.87 -3.21 -8.64
N THR A 67 -13.81 -4.13 -8.54
CA THR A 67 -15.04 -3.90 -7.78
C THR A 67 -14.78 -3.71 -6.29
N LEU A 68 -14.37 -4.76 -5.59
CA LEU A 68 -14.16 -4.66 -4.16
C LEU A 68 -12.87 -5.34 -3.73
N GLU A 69 -12.80 -6.66 -3.89
CA GLU A 69 -11.65 -7.40 -3.40
C GLU A 69 -10.50 -7.26 -4.36
N GLU A 70 -10.82 -6.97 -5.60
CA GLU A 70 -9.82 -6.74 -6.63
C GLU A 70 -9.00 -5.51 -6.29
N MET A 71 -9.70 -4.41 -6.03
CA MET A 71 -9.04 -3.14 -5.74
C MET A 71 -8.33 -3.19 -4.39
N MET A 72 -8.84 -4.02 -3.49
CA MET A 72 -8.23 -4.16 -2.18
C MET A 72 -6.91 -4.90 -2.31
N THR A 73 -6.94 -6.03 -3.00
CA THR A 73 -5.77 -6.86 -3.20
C THR A 73 -4.75 -6.18 -4.12
N ALA A 74 -5.25 -5.40 -5.08
CA ALA A 74 -4.40 -4.72 -6.03
C ALA A 74 -3.61 -3.58 -5.40
N CYS A 75 -4.28 -2.82 -4.55
CA CYS A 75 -3.68 -1.60 -4.00
C CYS A 75 -3.12 -1.80 -2.59
N GLN A 76 -3.21 -3.01 -2.05
CA GLN A 76 -2.62 -3.27 -0.75
C GLN A 76 -1.14 -3.54 -0.88
N GLY A 77 -0.34 -2.64 -0.31
CA GLY A 77 1.10 -2.77 -0.35
C GLY A 77 1.64 -2.85 -1.78
N VAL A 78 1.37 -1.82 -2.58
CA VAL A 78 1.88 -1.78 -3.95
C VAL A 78 3.39 -1.70 -3.94
N GLY A 79 4.03 -2.85 -4.10
CA GLY A 79 5.48 -2.92 -3.98
C GLY A 79 5.92 -2.85 -2.53
N GLY A 80 4.99 -3.16 -1.63
CA GLY A 80 5.26 -3.05 -0.20
C GLY A 80 4.67 -1.77 0.36
N PRO A 81 4.35 -1.72 1.66
CA PRO A 81 3.82 -0.51 2.30
C PRO A 81 4.82 0.65 2.25
N GLY A 82 5.93 0.48 2.96
CA GLY A 82 6.95 1.52 2.98
C GLY A 82 7.98 1.31 1.89
N HIS A 83 7.51 1.16 0.66
CA HIS A 83 8.41 0.92 -0.48
C HIS A 83 9.27 2.15 -0.75
N LYS A 84 10.58 1.91 -0.93
CA LYS A 84 11.54 2.97 -1.22
C LYS A 84 11.26 3.60 -2.58
N ALA A 85 10.51 2.87 -3.40
CA ALA A 85 10.10 3.33 -4.72
C ALA A 85 9.39 4.68 -4.64
N ARG A 86 8.92 5.05 -3.45
CA ARG A 86 8.26 6.33 -3.22
C ARG A 86 9.09 7.50 -3.79
N VAL A 87 10.39 7.49 -3.52
CA VAL A 87 11.26 8.58 -3.96
C VAL A 87 11.46 8.52 -5.47
N LEU A 88 11.37 7.32 -6.03
CA LEU A 88 11.49 7.12 -7.46
C LEU A 88 10.20 7.51 -8.15
N ALA A 89 9.10 7.01 -7.62
CA ALA A 89 7.77 7.29 -8.16
C ALA A 89 7.46 8.78 -8.10
N GLU A 90 8.08 9.46 -7.14
CA GLU A 90 7.95 10.90 -7.02
C GLU A 90 8.52 11.58 -8.28
N ALA A 91 9.61 11.02 -8.78
CA ALA A 91 10.22 11.51 -10.02
C ALA A 91 9.52 10.90 -11.23
N MET A 92 8.94 9.72 -11.04
CA MET A 92 8.21 9.05 -12.11
C MET A 92 6.94 9.81 -12.45
N SER A 93 6.47 10.64 -11.53
CA SER A 93 5.24 11.39 -11.72
C SER A 93 5.30 12.23 -12.99
N GLN A 94 6.48 12.75 -13.31
CA GLN A 94 6.66 13.54 -14.52
C GLN A 94 6.96 12.66 -15.72
N VAL A 95 7.72 11.58 -15.51
CA VAL A 95 8.11 10.72 -16.62
C VAL A 95 6.94 9.86 -17.08
N THR A 96 5.95 9.68 -16.21
CA THR A 96 4.79 8.85 -16.50
C THR A 96 3.77 9.59 -17.37
N ASN A 97 4.18 10.75 -17.90
CA ASN A 97 3.37 11.48 -18.87
C ASN A 97 2.85 10.54 -19.96
N PRO A 98 1.66 10.83 -20.52
CA PRO A 98 0.91 9.91 -21.41
C PRO A 98 1.70 9.38 -22.61
N ALA A 99 2.83 9.99 -22.92
CA ALA A 99 3.66 9.50 -23.99
C ALA A 99 4.43 8.26 -23.54
N THR A 100 4.74 8.21 -22.25
CA THR A 100 5.56 7.16 -21.68
C THR A 100 4.72 5.96 -21.26
N ILE A 101 3.44 6.19 -20.95
CA ILE A 101 2.55 5.10 -20.53
C ILE A 101 2.42 4.07 -21.64
N MET A 102 2.66 4.51 -22.86
CA MET A 102 2.64 3.63 -24.02
C MET A 102 3.82 2.67 -23.96
N ILE A 103 4.90 3.11 -23.31
CA ILE A 103 6.09 2.28 -23.13
C ILE A 103 5.92 1.40 -21.90
N GLN A 104 5.25 1.94 -20.89
CA GLN A 104 5.03 1.23 -19.63
C GLN A 104 4.19 -0.03 -19.83
N LYS A 105 3.42 -0.05 -20.92
CA LYS A 105 2.61 -1.21 -21.26
C LYS A 105 3.49 -2.45 -21.43
N GLY A 106 4.62 -2.28 -22.08
CA GLY A 106 5.57 -3.37 -22.25
C GLY A 106 6.44 -3.54 -21.03
N ASN A 107 6.56 -2.48 -20.24
CA ASN A 107 7.38 -2.50 -19.02
C ASN A 107 6.70 -3.34 -17.95
N PHE A 108 5.38 -3.49 -18.06
CA PHE A 108 4.61 -4.29 -17.12
C PHE A 108 5.04 -5.76 -17.18
N ARG A 109 5.61 -6.15 -18.30
CA ARG A 109 6.08 -7.52 -18.48
C ARG A 109 7.36 -7.76 -17.68
N ASN A 110 8.01 -6.68 -17.28
CA ASN A 110 9.26 -6.74 -16.51
C ASN A 110 10.32 -7.55 -17.26
N GLN A 111 11.29 -8.08 -16.53
CA GLN A 111 12.30 -8.94 -17.13
C GLN A 111 11.81 -10.38 -17.14
N ARG A 112 11.15 -10.76 -16.05
CA ARG A 112 10.66 -12.12 -15.89
C ARG A 112 9.46 -12.15 -14.95
N LYS A 113 8.39 -11.46 -15.32
CA LYS A 113 7.18 -11.43 -14.51
C LYS A 113 6.40 -12.73 -14.69
N THR A 114 5.62 -12.81 -15.75
CA THR A 114 4.85 -14.01 -16.05
C THR A 114 5.70 -14.98 -16.88
N VAL A 115 6.78 -14.46 -17.43
CA VAL A 115 7.67 -15.23 -18.28
C VAL A 115 8.82 -15.85 -17.47
N LYS A 116 8.61 -16.01 -16.16
CA LYS A 116 9.62 -16.64 -15.32
C LYS A 116 9.43 -18.16 -15.26
N CYS A 117 10.50 -18.89 -15.57
CA CYS A 117 10.50 -20.34 -15.52
C CYS A 117 10.67 -20.87 -14.10
N PHE A 118 9.77 -21.75 -13.68
CA PHE A 118 9.91 -22.42 -12.39
C PHE A 118 10.65 -23.76 -12.59
N ASN A 119 11.87 -23.67 -13.08
CA ASN A 119 12.71 -24.85 -13.32
C ASN A 119 14.08 -24.41 -13.81
N CYS A 120 14.10 -23.42 -14.71
CA CYS A 120 15.35 -22.83 -15.18
C CYS A 120 15.94 -21.91 -14.11
N GLY A 121 15.22 -21.73 -13.01
CA GLY A 121 15.69 -20.91 -11.92
C GLY A 121 15.35 -19.45 -12.10
N LYS A 122 14.09 -19.17 -12.44
CA LYS A 122 13.62 -17.81 -12.66
C LYS A 122 14.33 -17.17 -13.84
N GLU A 123 14.06 -17.72 -15.01
CA GLU A 123 14.65 -17.23 -16.25
C GLU A 123 13.54 -16.74 -17.16
N GLY A 124 13.91 -15.98 -18.17
CA GLY A 124 12.92 -15.32 -19.02
C GLY A 124 12.40 -16.18 -20.15
N HIS A 125 11.99 -17.40 -19.83
CA HIS A 125 11.34 -18.28 -20.79
C HIS A 125 10.14 -18.93 -20.13
N ILE A 126 9.54 -19.90 -20.82
CA ILE A 126 8.40 -20.61 -20.27
C ILE A 126 8.75 -22.07 -20.06
N ALA A 127 8.47 -22.55 -18.86
CA ALA A 127 8.81 -23.92 -18.47
C ALA A 127 8.11 -24.95 -19.34
N LYS A 128 7.06 -24.50 -20.00
CA LYS A 128 6.27 -25.37 -20.87
C LYS A 128 7.01 -25.68 -22.16
N ASN A 129 7.98 -24.84 -22.52
CA ASN A 129 8.75 -25.05 -23.74
C ASN A 129 10.17 -25.50 -23.39
N CYS A 130 10.62 -25.19 -22.18
CA CYS A 130 11.94 -25.58 -21.74
C CYS A 130 11.96 -27.00 -21.22
N ARG A 131 12.78 -27.85 -21.82
CA ARG A 131 13.01 -29.17 -21.27
C ARG A 131 14.14 -29.09 -20.25
N ALA A 132 13.76 -29.05 -18.98
CA ALA A 132 14.71 -28.89 -17.89
C ALA A 132 14.13 -29.45 -16.60
N PRO A 133 14.94 -30.20 -15.84
CA PRO A 133 14.51 -30.81 -14.57
C PRO A 133 13.88 -29.79 -13.62
N ARG A 134 12.57 -29.91 -13.44
CA ARG A 134 11.84 -29.01 -12.56
C ARG A 134 11.99 -29.43 -11.11
N LYS A 135 11.74 -28.49 -10.21
CA LYS A 135 11.71 -28.78 -8.78
C LYS A 135 10.42 -29.52 -8.42
N LYS A 136 10.15 -29.68 -7.13
CA LYS A 136 8.97 -30.40 -6.68
C LYS A 136 7.72 -29.53 -6.78
N GLY A 137 7.52 -28.94 -7.96
CA GLY A 137 6.40 -28.03 -8.18
C GLY A 137 6.64 -26.68 -7.53
N CYS A 138 6.54 -26.66 -6.21
CA CYS A 138 6.80 -25.46 -5.44
C CYS A 138 8.31 -25.30 -5.19
N TRP A 139 8.75 -24.05 -5.14
CA TRP A 139 10.14 -23.75 -4.86
C TRP A 139 10.33 -23.37 -3.39
N LYS A 140 9.47 -22.48 -2.91
CA LYS A 140 9.47 -22.12 -1.50
C LYS A 140 8.77 -23.21 -0.71
N CYS A 141 7.60 -23.58 -1.20
CA CYS A 141 6.81 -24.65 -0.60
C CYS A 141 7.28 -26.00 -1.16
N GLY A 142 8.54 -26.07 -1.54
CA GLY A 142 9.09 -27.29 -2.11
C GLY A 142 9.24 -28.40 -1.09
N LYS A 143 8.23 -29.25 -0.97
CA LYS A 143 8.30 -30.37 -0.03
C LYS A 143 8.45 -31.70 -0.76
N GLU A 144 7.33 -32.29 -1.20
CA GLU A 144 7.39 -33.61 -1.84
C GLU A 144 7.03 -33.55 -3.32
N GLY A 145 6.11 -32.66 -3.68
CA GLY A 145 5.70 -32.56 -5.07
C GLY A 145 4.31 -31.99 -5.22
N HIS A 146 4.22 -30.67 -5.18
CA HIS A 146 2.96 -29.98 -5.37
C HIS A 146 3.17 -28.84 -6.34
N GLN A 147 2.33 -28.75 -7.34
CA GLN A 147 2.44 -27.70 -8.35
C GLN A 147 2.21 -26.34 -7.70
N MET A 148 3.14 -25.42 -7.89
CA MET A 148 3.18 -24.17 -7.13
C MET A 148 1.83 -23.44 -7.10
N LYS A 149 1.19 -23.33 -8.25
CA LYS A 149 -0.07 -22.61 -8.35
C LYS A 149 -1.21 -23.41 -7.75
N ASP A 150 -1.31 -24.66 -8.18
CA ASP A 150 -2.41 -25.53 -7.79
C ASP A 150 -2.25 -26.08 -6.38
N CYS A 151 -1.09 -25.85 -5.78
CA CYS A 151 -0.80 -26.35 -4.44
C CYS A 151 -1.82 -25.87 -3.42
N THR A 152 -2.66 -26.78 -2.96
CA THR A 152 -3.62 -26.49 -1.91
C THR A 152 -3.66 -27.67 -0.95
N GLU A 153 -3.67 -27.38 0.34
CA GLU A 153 -3.61 -28.42 1.35
C GLU A 153 -4.98 -28.97 1.69
N ARG A 154 -5.07 -30.28 1.74
CA ARG A 154 -6.30 -30.96 2.14
C ARG A 154 -5.97 -32.42 2.48
N GLN A 155 -4.96 -32.59 3.31
CA GLN A 155 -4.56 -33.90 3.78
C GLN A 155 -4.92 -34.04 5.26
N ALA A 156 -4.31 -33.21 6.07
CA ALA A 156 -4.61 -33.17 7.49
C ALA A 156 -5.84 -32.32 7.75
N ASN A 157 -6.01 -31.30 6.92
CA ASN A 157 -7.15 -30.42 7.01
C ASN A 157 -7.65 -30.07 5.62
N MET A 1 -3.05 21.71 15.62
CA MET A 1 -2.61 20.31 15.50
C MET A 1 -3.07 19.74 14.16
N TYR A 2 -2.34 18.75 13.66
CA TYR A 2 -2.66 18.15 12.36
C TYR A 2 -3.68 17.01 12.50
N SER A 3 -4.38 16.98 13.62
CA SER A 3 -5.37 15.95 13.87
C SER A 3 -6.51 16.00 12.83
N PRO A 4 -7.16 17.17 12.60
CA PRO A 4 -8.24 17.26 11.61
C PRO A 4 -7.71 17.49 10.20
N THR A 5 -6.44 17.18 10.02
CA THR A 5 -5.80 17.33 8.72
C THR A 5 -5.88 16.01 7.95
N SER A 6 -6.08 14.92 8.68
CA SER A 6 -6.22 13.61 8.07
C SER A 6 -7.46 13.57 7.19
N ILE A 7 -8.35 14.53 7.39
CA ILE A 7 -9.61 14.60 6.66
C ILE A 7 -9.36 15.02 5.21
N LEU A 8 -8.40 15.92 4.99
CA LEU A 8 -8.03 16.32 3.65
C LEU A 8 -7.02 15.33 3.06
N ASP A 9 -6.39 14.58 3.95
CA ASP A 9 -5.34 13.64 3.57
C ASP A 9 -5.92 12.25 3.30
N ILE A 10 -7.19 12.23 2.91
CA ILE A 10 -7.89 10.99 2.58
C ILE A 10 -7.45 10.43 1.23
N ARG A 11 -6.27 10.86 0.78
CA ARG A 11 -5.68 10.37 -0.45
C ARG A 11 -4.78 9.18 -0.16
N GLN A 12 -4.32 8.52 -1.20
CA GLN A 12 -3.38 7.43 -1.05
C GLN A 12 -1.97 7.89 -1.43
N GLY A 13 -1.05 7.80 -0.49
CA GLY A 13 0.34 8.06 -0.78
C GLY A 13 0.97 6.94 -1.60
N PRO A 14 2.18 7.15 -2.13
CA PRO A 14 2.85 6.18 -3.02
C PRO A 14 2.98 4.77 -2.42
N LYS A 15 3.17 4.69 -1.11
CA LYS A 15 3.35 3.40 -0.46
C LYS A 15 2.25 3.16 0.57
N GLU A 16 1.25 4.01 0.54
CA GLU A 16 0.16 3.95 1.51
C GLU A 16 -0.80 2.80 1.16
N PRO A 17 -1.07 1.90 2.13
CA PRO A 17 -1.97 0.77 1.93
C PRO A 17 -3.42 1.20 1.71
N PHE A 18 -4.10 0.55 0.78
CA PHE A 18 -5.48 0.90 0.42
C PHE A 18 -6.37 1.07 1.66
N ARG A 19 -6.51 -0.02 2.41
CA ARG A 19 -7.41 -0.03 3.56
C ARG A 19 -7.00 0.97 4.64
N ASP A 20 -5.84 1.59 4.47
CA ASP A 20 -5.37 2.55 5.45
C ASP A 20 -5.89 3.94 5.12
N TYR A 21 -5.77 4.36 3.87
CA TYR A 21 -6.21 5.69 3.47
C TYR A 21 -7.72 5.75 3.39
N VAL A 22 -8.33 4.62 3.01
CA VAL A 22 -9.78 4.53 2.94
C VAL A 22 -10.37 4.58 4.33
N ASP A 23 -9.57 4.19 5.32
CA ASP A 23 -10.02 4.16 6.71
C ASP A 23 -10.25 5.59 7.21
N ARG A 24 -9.41 6.52 6.76
CA ARG A 24 -9.58 7.92 7.12
C ARG A 24 -10.72 8.52 6.32
N PHE A 25 -10.84 8.06 5.09
CA PHE A 25 -11.93 8.48 4.21
C PHE A 25 -13.26 8.06 4.81
N TYR A 26 -13.27 6.90 5.46
CA TYR A 26 -14.48 6.36 6.05
C TYR A 26 -14.83 7.13 7.31
N LYS A 27 -13.80 7.57 8.01
CA LYS A 27 -13.97 8.39 9.21
C LYS A 27 -14.74 9.66 8.90
N THR A 28 -14.28 10.41 7.91
CA THR A 28 -14.94 11.65 7.54
C THR A 28 -16.26 11.33 6.82
N LEU A 29 -16.34 10.15 6.21
CA LEU A 29 -17.53 9.76 5.46
C LEU A 29 -18.72 9.60 6.39
N ARG A 30 -18.45 9.21 7.63
CA ARG A 30 -19.49 9.05 8.64
C ARG A 30 -19.99 10.42 9.10
N ALA A 31 -19.13 11.41 9.02
CA ALA A 31 -19.45 12.77 9.45
C ALA A 31 -20.13 13.57 8.35
N GLU A 32 -19.51 13.60 7.18
CA GLU A 32 -20.01 14.42 6.07
C GLU A 32 -21.06 13.66 5.25
N GLN A 33 -21.78 12.76 5.91
CA GLN A 33 -22.82 11.98 5.26
C GLN A 33 -24.05 12.83 4.96
N ALA A 34 -24.01 14.07 5.42
CA ALA A 34 -25.12 14.99 5.21
C ALA A 34 -25.33 15.25 3.73
N SER A 35 -24.26 15.64 3.05
CA SER A 35 -24.28 15.80 1.60
C SER A 35 -24.11 14.43 0.94
N GLN A 36 -25.16 13.62 0.96
CA GLN A 36 -25.09 12.23 0.53
C GLN A 36 -24.66 12.11 -0.93
N GLU A 37 -25.20 12.96 -1.78
CA GLU A 37 -24.93 12.89 -3.22
C GLU A 37 -23.44 12.96 -3.53
N VAL A 38 -22.75 13.92 -2.95
CA VAL A 38 -21.36 14.17 -3.28
C VAL A 38 -20.43 13.17 -2.60
N LYS A 39 -20.81 12.69 -1.42
CA LYS A 39 -19.97 11.75 -0.69
C LYS A 39 -20.11 10.35 -1.26
N ASN A 40 -21.29 10.07 -1.82
CA ASN A 40 -21.53 8.81 -2.50
C ASN A 40 -20.82 8.82 -3.84
N ALA A 41 -20.54 10.02 -4.33
CA ALA A 41 -19.78 10.19 -5.56
C ALA A 41 -18.30 10.09 -5.25
N ALA A 42 -17.90 10.72 -4.15
CA ALA A 42 -16.51 10.73 -3.71
C ALA A 42 -15.98 9.33 -3.48
N THR A 43 -16.80 8.45 -2.93
CA THR A 43 -16.37 7.10 -2.64
C THR A 43 -16.06 6.34 -3.92
N GLU A 44 -16.80 6.60 -4.98
CA GLU A 44 -16.59 5.90 -6.24
C GLU A 44 -15.50 6.57 -7.09
N THR A 45 -15.70 7.84 -7.43
CA THR A 45 -14.79 8.52 -8.36
C THR A 45 -13.57 9.11 -7.67
N LEU A 46 -13.72 9.53 -6.41
CA LEU A 46 -12.63 10.22 -5.74
C LEU A 46 -11.63 9.25 -5.13
N LEU A 47 -12.10 8.12 -4.60
CA LEU A 47 -11.18 7.14 -4.01
C LEU A 47 -10.17 6.63 -5.05
N VAL A 48 -10.60 6.52 -6.30
CA VAL A 48 -9.70 6.13 -7.37
C VAL A 48 -8.90 7.33 -7.87
N GLN A 49 -9.46 8.52 -7.72
CA GLN A 49 -8.82 9.75 -8.16
C GLN A 49 -7.66 10.09 -7.23
N ASN A 50 -7.93 10.13 -5.93
CA ASN A 50 -6.91 10.51 -4.95
C ASN A 50 -5.99 9.34 -4.61
N ALA A 51 -6.19 8.22 -5.29
CA ALA A 51 -5.35 7.05 -5.11
C ALA A 51 -3.95 7.30 -5.65
N ASN A 52 -3.03 6.42 -5.29
CA ASN A 52 -1.67 6.50 -5.79
C ASN A 52 -1.68 6.31 -7.31
N PRO A 53 -1.06 7.25 -8.06
CA PRO A 53 -1.05 7.26 -9.52
C PRO A 53 -0.98 5.87 -10.15
N ASP A 54 0.01 5.09 -9.75
CA ASP A 54 0.26 3.78 -10.34
C ASP A 54 -0.87 2.80 -10.02
N CYS A 55 -1.39 2.92 -8.81
CA CYS A 55 -2.44 2.01 -8.33
C CYS A 55 -3.71 2.16 -9.16
N LYS A 56 -4.20 3.37 -9.27
CA LYS A 56 -5.44 3.61 -10.00
C LYS A 56 -5.24 3.35 -11.49
N THR A 57 -4.00 3.47 -11.93
CA THR A 57 -3.63 3.15 -13.29
C THR A 57 -3.86 1.66 -13.60
N ILE A 58 -3.53 0.79 -12.65
CA ILE A 58 -3.71 -0.63 -12.86
C ILE A 58 -5.14 -1.08 -12.54
N LEU A 59 -5.84 -0.30 -11.72
CA LEU A 59 -7.22 -0.62 -11.37
C LEU A 59 -8.09 -0.71 -12.61
N LYS A 60 -7.89 0.22 -13.53
CA LYS A 60 -8.66 0.25 -14.76
C LYS A 60 -8.18 -0.82 -15.73
N ALA A 61 -6.94 -1.26 -15.53
CA ALA A 61 -6.38 -2.32 -16.36
C ALA A 61 -6.99 -3.66 -16.01
N LEU A 62 -7.51 -3.77 -14.78
CA LEU A 62 -8.20 -4.98 -14.33
C LEU A 62 -9.50 -5.17 -15.11
N GLY A 63 -10.04 -4.08 -15.62
CA GLY A 63 -11.25 -4.17 -16.40
C GLY A 63 -12.30 -3.14 -15.99
N PRO A 64 -13.08 -3.43 -14.93
CA PRO A 64 -14.20 -2.57 -14.51
C PRO A 64 -13.76 -1.36 -13.69
N GLY A 65 -12.46 -1.20 -13.54
CA GLY A 65 -11.94 -0.10 -12.74
C GLY A 65 -11.83 -0.46 -11.29
N ALA A 66 -11.90 -1.78 -11.02
CA ALA A 66 -11.81 -2.33 -9.66
C ALA A 66 -13.03 -1.96 -8.83
N THR A 67 -13.83 -2.97 -8.50
CA THR A 67 -15.09 -2.76 -7.80
C THR A 67 -14.87 -2.49 -6.31
N LEU A 68 -14.42 -3.49 -5.56
CA LEU A 68 -14.15 -3.29 -4.13
C LEU A 68 -12.95 -4.13 -3.69
N GLU A 69 -13.08 -5.45 -3.75
CA GLU A 69 -12.01 -6.32 -3.26
C GLU A 69 -10.83 -6.26 -4.21
N GLU A 70 -11.13 -5.92 -5.46
CA GLU A 70 -10.11 -5.77 -6.47
C GLU A 70 -9.19 -4.62 -6.12
N MET A 71 -9.79 -3.46 -5.90
CA MET A 71 -9.02 -2.24 -5.61
C MET A 71 -8.41 -2.32 -4.21
N MET A 72 -9.06 -3.07 -3.32
CA MET A 72 -8.58 -3.19 -1.96
C MET A 72 -7.28 -3.98 -1.94
N THR A 73 -7.23 -5.00 -2.78
CA THR A 73 -6.08 -5.86 -2.88
C THR A 73 -5.01 -5.27 -3.80
N ALA A 74 -5.46 -4.60 -4.84
CA ALA A 74 -4.56 -4.08 -5.87
C ALA A 74 -3.79 -2.86 -5.39
N CYS A 75 -4.50 -1.86 -4.88
CA CYS A 75 -3.88 -0.59 -4.51
C CYS A 75 -2.86 -0.73 -3.39
N GLN A 76 -2.99 -1.78 -2.58
CA GLN A 76 -2.04 -1.98 -1.49
C GLN A 76 -0.76 -2.63 -2.02
N GLY A 77 0.34 -1.92 -1.94
CA GLY A 77 1.61 -2.46 -2.37
C GLY A 77 2.11 -1.83 -3.65
N VAL A 78 1.23 -1.71 -4.64
CA VAL A 78 1.59 -1.16 -5.94
C VAL A 78 2.08 0.27 -5.81
N GLY A 79 3.34 0.49 -6.16
CA GLY A 79 3.92 1.80 -6.06
C GLY A 79 4.78 1.94 -4.82
N GLY A 80 4.65 0.97 -3.92
CA GLY A 80 5.38 1.01 -2.67
C GLY A 80 5.94 -0.34 -2.28
N PRO A 81 5.45 -0.93 -1.19
CA PRO A 81 6.00 -2.18 -0.65
C PRO A 81 5.43 -3.44 -1.30
N GLY A 82 5.47 -3.51 -2.62
CA GLY A 82 5.04 -4.73 -3.29
C GLY A 82 4.49 -4.49 -4.68
N HIS A 83 5.36 -4.54 -5.68
CA HIS A 83 4.94 -4.41 -7.07
C HIS A 83 4.22 -5.68 -7.51
N LYS A 84 2.97 -5.83 -7.09
CA LYS A 84 2.21 -7.04 -7.33
C LYS A 84 1.55 -7.01 -8.71
N ALA A 85 1.97 -6.09 -9.57
CA ALA A 85 1.44 -6.02 -10.92
C ALA A 85 1.72 -7.32 -11.67
N ARG A 86 2.89 -7.88 -11.40
CA ARG A 86 3.28 -9.17 -11.96
C ARG A 86 2.37 -10.27 -11.44
N VAL A 87 2.00 -10.17 -10.17
CA VAL A 87 1.13 -11.14 -9.54
C VAL A 87 -0.30 -11.00 -10.09
N LEU A 88 -0.71 -9.77 -10.33
CA LEU A 88 -2.03 -9.49 -10.88
C LEU A 88 -2.14 -10.06 -12.29
N ALA A 89 -1.16 -9.74 -13.12
CA ALA A 89 -1.11 -10.27 -14.48
C ALA A 89 -1.02 -11.79 -14.45
N GLU A 90 -0.38 -12.31 -13.41
CA GLU A 90 -0.25 -13.74 -13.24
C GLU A 90 -1.59 -14.36 -12.85
N ALA A 91 -2.32 -13.67 -11.97
CA ALA A 91 -3.57 -14.17 -11.44
C ALA A 91 -4.64 -14.14 -12.51
N MET A 92 -4.51 -13.17 -13.40
CA MET A 92 -5.42 -13.04 -14.54
C MET A 92 -5.26 -14.25 -15.46
N SER A 93 -4.09 -14.84 -15.45
CA SER A 93 -3.81 -16.04 -16.21
C SER A 93 -4.24 -17.29 -15.42
N GLN A 94 -4.32 -17.14 -14.10
CA GLN A 94 -4.62 -18.26 -13.23
C GLN A 94 -6.12 -18.51 -13.10
N VAL A 95 -6.92 -17.52 -13.49
CA VAL A 95 -8.39 -17.62 -13.40
C VAL A 95 -8.93 -18.85 -14.15
N THR A 96 -8.16 -19.36 -15.10
CA THR A 96 -8.53 -20.56 -15.83
C THR A 96 -8.50 -21.78 -14.88
N ASN A 97 -7.62 -21.70 -13.90
CA ASN A 97 -7.43 -22.78 -12.94
C ASN A 97 -8.10 -22.40 -11.61
N PRO A 98 -8.41 -23.40 -10.77
CA PRO A 98 -9.00 -23.16 -9.45
C PRO A 98 -8.00 -22.60 -8.45
N ALA A 99 -6.91 -22.03 -8.96
CA ALA A 99 -5.87 -21.45 -8.12
C ALA A 99 -6.34 -20.13 -7.53
N THR A 100 -7.14 -19.40 -8.29
CA THR A 100 -7.68 -18.12 -7.84
C THR A 100 -8.73 -18.35 -6.77
N ILE A 101 -9.34 -19.52 -6.82
CA ILE A 101 -10.32 -19.92 -5.82
C ILE A 101 -9.59 -20.35 -4.55
N MET A 102 -8.50 -21.06 -4.75
CA MET A 102 -7.67 -21.53 -3.64
C MET A 102 -7.07 -20.36 -2.87
N ILE A 103 -6.56 -19.37 -3.60
CA ILE A 103 -5.88 -18.24 -2.97
C ILE A 103 -6.90 -17.34 -2.26
N GLN A 104 -8.14 -17.38 -2.73
CA GLN A 104 -9.23 -16.62 -2.11
C GLN A 104 -9.44 -17.08 -0.68
N LYS A 105 -9.39 -18.39 -0.47
CA LYS A 105 -9.53 -18.96 0.86
C LYS A 105 -8.39 -18.51 1.76
N GLY A 106 -7.22 -18.34 1.15
CA GLY A 106 -6.07 -17.87 1.88
C GLY A 106 -6.14 -16.37 2.17
N ASN A 107 -6.62 -15.61 1.19
CA ASN A 107 -6.75 -14.16 1.34
C ASN A 107 -7.80 -13.82 2.37
N PHE A 108 -8.75 -14.72 2.56
CA PHE A 108 -9.75 -14.58 3.61
C PHE A 108 -9.08 -14.53 4.97
N ARG A 109 -8.05 -15.36 5.15
CA ARG A 109 -7.29 -15.37 6.39
C ARG A 109 -6.22 -14.29 6.37
N ASN A 110 -5.59 -14.13 5.19
CA ASN A 110 -4.56 -13.11 4.94
C ASN A 110 -3.25 -13.44 5.66
N GLN A 111 -3.31 -13.54 6.97
CA GLN A 111 -2.14 -13.85 7.77
C GLN A 111 -1.75 -15.31 7.57
N ARG A 112 -0.53 -15.55 7.12
CA ARG A 112 -0.11 -16.90 6.77
C ARG A 112 1.16 -17.31 7.51
N LYS A 113 2.30 -17.18 6.82
CA LYS A 113 3.56 -17.71 7.29
C LYS A 113 4.27 -16.77 8.26
N THR A 114 3.51 -16.04 9.07
CA THR A 114 4.08 -15.05 9.97
C THR A 114 4.95 -15.70 11.04
N VAL A 115 4.34 -16.48 11.93
CA VAL A 115 5.08 -17.15 12.99
C VAL A 115 4.61 -18.60 13.12
N LYS A 116 4.02 -19.12 12.06
CA LYS A 116 3.38 -20.43 12.12
C LYS A 116 4.26 -21.55 11.54
N CYS A 117 4.10 -22.76 12.11
CA CYS A 117 4.83 -24.04 11.83
C CYS A 117 4.66 -24.62 10.45
N PHE A 118 5.58 -25.51 10.05
CA PHE A 118 5.38 -26.29 8.82
C PHE A 118 4.31 -27.35 9.06
N ASN A 119 3.09 -26.84 9.21
CA ASN A 119 1.95 -27.62 9.68
C ASN A 119 0.79 -26.65 9.87
N CYS A 120 1.09 -25.50 10.48
CA CYS A 120 0.09 -24.49 10.74
C CYS A 120 0.34 -23.24 9.89
N GLY A 121 1.51 -23.15 9.25
CA GLY A 121 1.87 -21.98 8.46
C GLY A 121 3.21 -22.06 7.71
N LYS A 122 4.31 -22.40 8.41
CA LYS A 122 5.65 -22.32 7.81
C LYS A 122 6.70 -23.05 8.66
N GLU A 123 6.95 -22.53 9.85
CA GLU A 123 7.84 -23.16 10.84
C GLU A 123 7.93 -22.41 12.19
N GLY A 124 7.14 -21.37 12.38
CA GLY A 124 7.34 -20.46 13.50
C GLY A 124 7.26 -21.11 14.87
N HIS A 125 6.49 -22.17 15.01
CA HIS A 125 6.37 -22.87 16.29
C HIS A 125 7.02 -24.23 16.13
N ILE A 126 6.50 -25.23 16.82
CA ILE A 126 6.91 -26.60 16.58
C ILE A 126 5.75 -27.37 15.95
N ALA A 127 5.98 -27.88 14.75
CA ALA A 127 4.94 -28.52 13.96
C ALA A 127 4.34 -29.72 14.67
N LYS A 128 5.07 -30.26 15.64
CA LYS A 128 4.60 -31.43 16.37
C LYS A 128 3.60 -31.04 17.47
N ASN A 129 3.52 -29.76 17.80
CA ASN A 129 2.66 -29.32 18.89
C ASN A 129 1.38 -28.71 18.36
N CYS A 130 1.40 -28.24 17.13
CA CYS A 130 0.22 -27.65 16.52
C CYS A 130 -0.69 -28.73 15.95
N ARG A 131 -1.94 -28.71 16.38
CA ARG A 131 -2.93 -29.64 15.87
C ARG A 131 -3.70 -28.99 14.74
N ALA A 132 -3.33 -29.34 13.52
CA ALA A 132 -3.92 -28.76 12.33
C ALA A 132 -4.27 -29.87 11.35
N PRO A 133 -5.09 -29.59 10.34
CA PRO A 133 -5.43 -30.59 9.31
C PRO A 133 -4.23 -30.93 8.43
N ARG A 134 -3.10 -30.31 8.76
CA ARG A 134 -1.82 -30.54 8.10
C ARG A 134 -1.82 -30.08 6.65
N LYS A 135 -0.95 -29.13 6.35
CA LYS A 135 -0.68 -28.77 4.97
C LYS A 135 0.08 -29.91 4.31
N LYS A 136 0.41 -29.77 3.04
CA LYS A 136 1.24 -30.77 2.39
C LYS A 136 2.60 -30.77 3.05
N GLY A 137 3.44 -29.82 2.68
CA GLY A 137 4.70 -29.60 3.35
C GLY A 137 5.68 -30.77 3.23
N CYS A 138 6.93 -30.49 3.54
CA CYS A 138 7.94 -31.51 3.61
C CYS A 138 8.55 -31.50 5.00
N TRP A 139 8.15 -32.46 5.82
CA TRP A 139 8.55 -32.47 7.23
C TRP A 139 9.98 -32.99 7.40
N LYS A 140 10.69 -33.09 6.29
CA LYS A 140 12.05 -33.58 6.29
C LYS A 140 13.04 -32.42 6.20
N CYS A 141 12.74 -31.47 5.30
CA CYS A 141 13.63 -30.34 5.10
C CYS A 141 12.93 -29.03 5.51
N GLY A 142 11.61 -29.09 5.61
CA GLY A 142 10.84 -27.92 6.01
C GLY A 142 10.25 -27.14 4.84
N LYS A 143 10.33 -27.69 3.64
CA LYS A 143 9.76 -27.03 2.46
C LYS A 143 8.25 -27.24 2.39
N GLU A 144 7.63 -26.67 1.37
CA GLU A 144 6.17 -26.69 1.22
C GLU A 144 5.72 -27.88 0.37
N GLY A 145 6.60 -28.38 -0.49
CA GLY A 145 6.25 -29.49 -1.35
C GLY A 145 7.05 -30.74 -1.02
N HIS A 146 7.66 -31.33 -2.05
CA HIS A 146 8.48 -32.53 -1.90
C HIS A 146 7.63 -33.76 -1.56
N GLN A 147 8.20 -34.93 -1.83
CA GLN A 147 7.55 -36.20 -1.52
C GLN A 147 7.86 -36.61 -0.08
N MET A 148 8.86 -35.94 0.49
CA MET A 148 9.34 -36.20 1.86
C MET A 148 10.09 -37.53 1.95
N LYS A 149 9.51 -38.59 1.42
CA LYS A 149 10.14 -39.90 1.41
C LYS A 149 11.43 -39.86 0.58
N ASP A 150 11.36 -39.11 -0.52
CA ASP A 150 12.50 -38.99 -1.43
C ASP A 150 13.48 -37.95 -0.93
N CYS A 151 13.04 -37.14 0.02
CA CYS A 151 13.84 -36.06 0.57
C CYS A 151 14.84 -36.61 1.57
N THR A 152 16.11 -36.58 1.21
CA THR A 152 17.16 -37.04 2.08
C THR A 152 18.17 -35.93 2.31
N GLU A 153 18.58 -35.75 3.56
CA GLU A 153 19.54 -34.72 3.91
C GLU A 153 20.79 -35.35 4.52
N ARG A 154 21.91 -35.18 3.85
CA ARG A 154 23.16 -35.80 4.30
C ARG A 154 23.80 -35.00 5.43
N GLN A 155 23.26 -35.17 6.63
CA GLN A 155 23.80 -34.53 7.82
C GLN A 155 24.28 -35.58 8.81
N ALA A 156 25.53 -35.48 9.20
CA ALA A 156 26.13 -36.45 10.11
C ALA A 156 26.01 -35.98 11.56
N ASN A 157 24.93 -36.37 12.20
CA ASN A 157 24.67 -35.99 13.58
C ASN A 157 25.46 -36.87 14.53
N MET A 1 -5.48 13.07 21.00
CA MET A 1 -5.60 12.49 19.64
C MET A 1 -4.74 13.26 18.64
N TYR A 2 -4.98 14.57 18.55
CA TYR A 2 -4.30 15.42 17.59
C TYR A 2 -4.51 14.87 16.17
N SER A 3 -5.72 15.03 15.68
CA SER A 3 -6.08 14.56 14.36
C SER A 3 -5.24 15.23 13.28
N PRO A 4 -4.55 14.43 12.45
CA PRO A 4 -3.73 14.94 11.36
C PRO A 4 -4.60 15.44 10.20
N THR A 5 -4.00 16.25 9.35
CA THR A 5 -4.70 16.86 8.24
C THR A 5 -4.95 15.83 7.13
N SER A 6 -4.19 14.73 7.20
CA SER A 6 -4.31 13.64 6.25
C SER A 6 -5.72 13.03 6.27
N ILE A 7 -6.48 13.30 7.32
CA ILE A 7 -7.85 12.78 7.42
C ILE A 7 -8.75 13.46 6.39
N LEU A 8 -8.64 14.77 6.26
CA LEU A 8 -9.42 15.50 5.27
C LEU A 8 -8.69 15.49 3.92
N ASP A 9 -7.37 15.41 3.99
CA ASP A 9 -6.52 15.41 2.79
C ASP A 9 -6.24 13.96 2.36
N ILE A 10 -7.19 13.09 2.67
CA ILE A 10 -7.09 11.66 2.38
C ILE A 10 -6.75 11.33 0.93
N ARG A 11 -5.46 11.32 0.61
CA ARG A 11 -4.98 10.89 -0.68
C ARG A 11 -3.76 9.99 -0.52
N GLN A 12 -3.78 8.86 -1.19
CA GLN A 12 -2.77 7.82 -1.01
C GLN A 12 -1.44 8.18 -1.67
N GLY A 13 -0.36 7.97 -0.93
CA GLY A 13 0.96 8.12 -1.49
C GLY A 13 1.56 6.77 -1.86
N PRO A 14 2.83 6.71 -2.26
CA PRO A 14 3.47 5.47 -2.71
C PRO A 14 3.82 4.52 -1.55
N LYS A 15 3.78 5.03 -0.33
CA LYS A 15 4.21 4.23 0.82
C LYS A 15 3.02 3.79 1.66
N GLU A 16 2.01 4.63 1.74
CA GLU A 16 0.84 4.35 2.57
C GLU A 16 -0.04 3.28 1.91
N PRO A 17 -0.34 2.20 2.65
CA PRO A 17 -1.25 1.15 2.16
C PRO A 17 -2.67 1.68 1.96
N PHE A 18 -3.24 1.38 0.80
CA PHE A 18 -4.54 1.91 0.39
C PHE A 18 -5.58 1.86 1.51
N ARG A 19 -5.88 0.66 2.01
CA ARG A 19 -6.94 0.47 3.00
C ARG A 19 -6.65 1.25 4.29
N ASP A 20 -5.38 1.55 4.53
CA ASP A 20 -5.00 2.31 5.71
C ASP A 20 -5.43 3.76 5.56
N TYR A 21 -5.20 4.31 4.37
CA TYR A 21 -5.63 5.68 4.08
C TYR A 21 -7.14 5.72 3.95
N VAL A 22 -7.70 4.69 3.35
CA VAL A 22 -9.14 4.58 3.17
C VAL A 22 -9.84 4.48 4.53
N ASP A 23 -9.12 3.99 5.52
CA ASP A 23 -9.66 3.87 6.86
C ASP A 23 -10.19 5.21 7.35
N ARG A 24 -9.42 6.28 7.17
CA ARG A 24 -9.86 7.60 7.61
C ARG A 24 -10.68 8.28 6.52
N PHE A 25 -10.44 7.91 5.26
CA PHE A 25 -11.24 8.38 4.15
C PHE A 25 -12.70 7.96 4.35
N TYR A 26 -12.87 6.76 4.88
CA TYR A 26 -14.19 6.18 5.10
C TYR A 26 -14.83 6.81 6.34
N LYS A 27 -14.00 7.19 7.29
CA LYS A 27 -14.45 7.83 8.51
C LYS A 27 -15.17 9.14 8.21
N THR A 28 -14.56 10.00 7.40
CA THR A 28 -15.16 11.28 7.07
C THR A 28 -16.44 11.09 6.27
N LEU A 29 -16.55 9.96 5.56
CA LEU A 29 -17.75 9.63 4.82
C LEU A 29 -18.88 9.22 5.76
N ARG A 30 -18.52 8.74 6.94
CA ARG A 30 -19.50 8.35 7.95
C ARG A 30 -20.11 9.58 8.60
N ALA A 31 -19.42 10.69 8.51
CA ALA A 31 -19.94 11.95 9.00
C ALA A 31 -21.08 12.45 8.13
N GLU A 32 -20.86 12.42 6.81
CA GLU A 32 -21.82 12.94 5.85
C GLU A 32 -22.85 11.88 5.44
N GLN A 33 -23.39 11.18 6.43
CA GLN A 33 -24.41 10.15 6.21
C GLN A 33 -25.63 10.68 5.45
N ALA A 34 -25.81 12.00 5.46
CA ALA A 34 -27.01 12.61 4.92
C ALA A 34 -27.01 12.63 3.39
N SER A 35 -25.85 12.91 2.80
CA SER A 35 -25.74 13.03 1.35
C SER A 35 -25.58 11.66 0.69
N GLN A 36 -26.51 10.75 0.97
CA GLN A 36 -26.43 9.36 0.49
C GLN A 36 -26.30 9.28 -1.02
N GLU A 37 -27.09 10.07 -1.74
CA GLU A 37 -27.07 10.04 -3.20
C GLU A 37 -25.71 10.48 -3.74
N VAL A 38 -25.05 11.32 -2.98
CA VAL A 38 -23.74 11.81 -3.37
C VAL A 38 -22.66 10.79 -3.04
N LYS A 39 -22.78 10.17 -1.87
CA LYS A 39 -21.79 9.23 -1.36
C LYS A 39 -21.61 8.05 -2.31
N ASN A 40 -22.70 7.55 -2.84
CA ASN A 40 -22.67 6.40 -3.75
C ASN A 40 -21.74 6.66 -4.93
N ALA A 41 -21.90 7.82 -5.55
CA ALA A 41 -21.08 8.17 -6.69
C ALA A 41 -19.72 8.69 -6.26
N ALA A 42 -19.65 9.25 -5.06
CA ALA A 42 -18.43 9.85 -4.56
C ALA A 42 -17.40 8.81 -4.19
N THR A 43 -17.80 7.79 -3.45
CA THR A 43 -16.86 6.83 -2.89
C THR A 43 -16.03 6.15 -3.97
N GLU A 44 -16.71 5.66 -4.99
CA GLU A 44 -16.08 4.92 -6.08
C GLU A 44 -15.10 5.80 -6.86
N THR A 45 -15.43 7.07 -7.01
CA THR A 45 -14.61 7.99 -7.80
C THR A 45 -13.50 8.59 -6.95
N LEU A 46 -13.86 8.93 -5.71
CA LEU A 46 -12.96 9.64 -4.80
C LEU A 46 -11.80 8.78 -4.35
N LEU A 47 -12.08 7.55 -3.92
CA LEU A 47 -11.04 6.63 -3.48
C LEU A 47 -10.07 6.35 -4.62
N VAL A 48 -10.60 6.38 -5.84
CA VAL A 48 -9.81 6.17 -7.05
C VAL A 48 -9.09 7.47 -7.46
N GLN A 49 -9.75 8.60 -7.29
CA GLN A 49 -9.20 9.88 -7.67
C GLN A 49 -8.07 10.27 -6.74
N ASN A 50 -8.30 10.12 -5.44
CA ASN A 50 -7.30 10.46 -4.44
C ASN A 50 -6.37 9.29 -4.16
N ALA A 51 -6.36 8.31 -5.05
CA ALA A 51 -5.43 7.20 -4.93
C ALA A 51 -4.11 7.57 -5.55
N ASN A 52 -3.08 6.78 -5.27
CA ASN A 52 -1.78 6.97 -5.90
C ASN A 52 -1.89 6.74 -7.40
N PRO A 53 -1.41 7.70 -8.22
CA PRO A 53 -1.51 7.63 -9.69
C PRO A 53 -1.33 6.22 -10.24
N ASP A 54 -0.23 5.58 -9.89
CA ASP A 54 0.09 4.23 -10.38
C ASP A 54 -1.00 3.24 -10.01
N CYS A 55 -1.46 3.36 -8.78
CA CYS A 55 -2.42 2.43 -8.19
C CYS A 55 -3.77 2.51 -8.88
N LYS A 56 -4.26 3.72 -9.13
CA LYS A 56 -5.55 3.87 -9.79
C LYS A 56 -5.43 3.56 -11.28
N THR A 57 -4.21 3.70 -11.78
CA THR A 57 -3.91 3.39 -13.17
C THR A 57 -4.07 1.88 -13.45
N ILE A 58 -3.62 1.04 -12.53
CA ILE A 58 -3.72 -0.41 -12.73
C ILE A 58 -5.15 -0.90 -12.50
N LEU A 59 -5.91 -0.18 -11.68
CA LEU A 59 -7.31 -0.52 -11.40
C LEU A 59 -8.12 -0.67 -12.69
N LYS A 60 -7.93 0.25 -13.63
CA LYS A 60 -8.68 0.21 -14.88
C LYS A 60 -8.17 -0.90 -15.77
N ALA A 61 -6.94 -1.33 -15.53
CA ALA A 61 -6.33 -2.42 -16.29
C ALA A 61 -6.85 -3.77 -15.82
N LEU A 62 -7.52 -3.78 -14.66
CA LEU A 62 -8.14 -5.00 -14.15
C LEU A 62 -9.37 -5.35 -14.95
N GLY A 63 -10.00 -4.35 -15.55
CA GLY A 63 -11.19 -4.59 -16.35
C GLY A 63 -12.36 -3.71 -15.97
N PRO A 64 -13.08 -4.05 -14.88
CA PRO A 64 -14.28 -3.32 -14.46
C PRO A 64 -13.95 -2.04 -13.69
N GLY A 65 -12.66 -1.71 -13.68
CA GLY A 65 -12.21 -0.53 -12.96
C GLY A 65 -12.12 -0.80 -11.48
N ALA A 66 -11.98 -2.08 -11.13
CA ALA A 66 -11.89 -2.53 -9.75
C ALA A 66 -13.21 -2.36 -9.00
N THR A 67 -13.83 -3.49 -8.69
CA THR A 67 -15.13 -3.51 -8.05
C THR A 67 -15.07 -3.03 -6.61
N LEU A 68 -14.63 -3.89 -5.69
CA LEU A 68 -14.56 -3.52 -4.28
C LEU A 68 -13.26 -4.02 -3.66
N GLU A 69 -13.08 -5.33 -3.58
CA GLU A 69 -11.89 -5.88 -2.94
C GLU A 69 -10.69 -5.68 -3.83
N GLU A 70 -10.96 -5.57 -5.13
CA GLU A 70 -9.93 -5.36 -6.11
C GLU A 70 -9.26 -4.02 -5.88
N MET A 71 -10.08 -2.97 -5.83
CA MET A 71 -9.58 -1.60 -5.69
C MET A 71 -8.87 -1.43 -4.35
N MET A 72 -9.33 -2.18 -3.37
CA MET A 72 -8.75 -2.12 -2.04
C MET A 72 -7.39 -2.80 -2.02
N THR A 73 -7.34 -4.00 -2.57
CA THR A 73 -6.16 -4.84 -2.53
C THR A 73 -5.12 -4.40 -3.57
N ALA A 74 -5.58 -3.99 -4.74
CA ALA A 74 -4.70 -3.68 -5.86
C ALA A 74 -3.83 -2.46 -5.60
N CYS A 75 -4.39 -1.46 -4.92
CA CYS A 75 -3.69 -0.21 -4.70
C CYS A 75 -2.63 -0.33 -3.61
N GLN A 76 -2.89 -1.16 -2.61
CA GLN A 76 -1.92 -1.34 -1.53
C GLN A 76 -0.90 -2.41 -1.90
N GLY A 77 0.35 -2.00 -2.01
CA GLY A 77 1.38 -2.89 -2.47
C GLY A 77 1.46 -2.90 -3.98
N VAL A 78 0.43 -2.33 -4.61
CA VAL A 78 0.30 -2.28 -6.06
C VAL A 78 0.37 -3.68 -6.67
N GLY A 79 -0.80 -4.27 -6.88
CA GLY A 79 -0.86 -5.62 -7.39
C GLY A 79 -1.38 -6.58 -6.34
N GLY A 80 -1.38 -6.13 -5.10
CA GLY A 80 -1.89 -6.94 -4.01
C GLY A 80 -0.79 -7.45 -3.11
N PRO A 81 -0.92 -7.26 -1.79
CA PRO A 81 0.08 -7.72 -0.81
C PRO A 81 0.07 -9.24 -0.64
N GLY A 82 -0.77 -9.91 -1.42
CA GLY A 82 -0.84 -11.35 -1.39
C GLY A 82 0.29 -11.99 -2.18
N HIS A 83 1.10 -11.16 -2.82
CA HIS A 83 2.30 -11.63 -3.49
C HIS A 83 3.36 -11.95 -2.46
N LYS A 84 4.08 -13.05 -2.62
CA LYS A 84 5.13 -13.40 -1.68
C LYS A 84 6.50 -13.30 -2.34
N ALA A 85 6.79 -14.21 -3.27
CA ALA A 85 8.10 -14.28 -3.88
C ALA A 85 8.40 -13.03 -4.69
N ARG A 86 7.38 -12.48 -5.32
CA ARG A 86 7.56 -11.29 -6.16
C ARG A 86 7.60 -10.01 -5.34
N VAL A 87 7.06 -10.04 -4.13
CA VAL A 87 7.05 -8.84 -3.31
C VAL A 87 8.36 -8.70 -2.54
N LEU A 88 8.92 -9.82 -2.11
CA LEU A 88 10.16 -9.82 -1.37
C LEU A 88 11.32 -9.46 -2.28
N ALA A 89 11.26 -9.98 -3.50
CA ALA A 89 12.26 -9.64 -4.51
C ALA A 89 12.11 -8.18 -4.91
N GLU A 90 10.88 -7.69 -4.88
CA GLU A 90 10.58 -6.31 -5.24
C GLU A 90 11.06 -5.36 -4.16
N ALA A 91 10.83 -5.70 -2.90
CA ALA A 91 11.15 -4.83 -1.79
C ALA A 91 12.65 -4.73 -1.63
N MET A 92 13.30 -5.84 -1.93
CA MET A 92 14.76 -5.92 -1.88
C MET A 92 15.37 -5.09 -2.99
N SER A 93 14.80 -5.22 -4.19
CA SER A 93 15.29 -4.52 -5.37
C SER A 93 14.95 -3.03 -5.29
N GLN A 94 13.85 -2.70 -4.62
CA GLN A 94 13.33 -1.33 -4.59
C GLN A 94 14.31 -0.40 -3.86
N VAL A 95 15.10 -0.98 -2.97
CA VAL A 95 16.06 -0.20 -2.20
C VAL A 95 17.33 0.07 -2.99
N THR A 96 17.65 -0.83 -3.91
CA THR A 96 18.87 -0.69 -4.71
C THR A 96 18.60 -0.01 -6.04
N ASN A 97 17.33 0.06 -6.43
CA ASN A 97 16.94 0.76 -7.65
C ASN A 97 16.99 2.26 -7.43
N PRO A 98 17.25 3.03 -8.50
CA PRO A 98 17.28 4.50 -8.44
C PRO A 98 15.88 5.09 -8.28
N ALA A 99 15.10 4.49 -7.38
CA ALA A 99 13.75 4.95 -7.12
C ALA A 99 13.78 6.30 -6.40
N THR A 100 14.95 6.64 -5.88
CA THR A 100 15.12 7.88 -5.14
C THR A 100 15.07 9.06 -6.10
N ILE A 101 15.69 8.89 -7.26
CA ILE A 101 15.65 9.92 -8.29
C ILE A 101 14.40 9.76 -9.14
N MET A 102 13.84 8.56 -9.14
CA MET A 102 12.63 8.27 -9.91
C MET A 102 11.44 9.05 -9.37
N ILE A 103 11.32 9.13 -8.05
CA ILE A 103 10.23 9.88 -7.43
C ILE A 103 10.42 11.39 -7.68
N GLN A 104 11.68 11.81 -7.81
CA GLN A 104 11.99 13.19 -8.14
C GLN A 104 11.57 13.50 -9.57
N LYS A 105 11.52 12.45 -10.39
CA LYS A 105 11.03 12.56 -11.75
C LYS A 105 9.51 12.75 -11.75
N GLY A 106 8.87 12.25 -10.70
CA GLY A 106 7.45 12.48 -10.50
C GLY A 106 7.20 13.85 -9.91
N ASN A 107 8.16 14.33 -9.12
CA ASN A 107 8.11 15.67 -8.54
C ASN A 107 8.28 16.73 -9.64
N PHE A 108 8.77 16.28 -10.80
CA PHE A 108 8.97 17.17 -11.94
C PHE A 108 7.64 17.79 -12.36
N ARG A 109 6.54 17.10 -12.07
CA ARG A 109 5.21 17.61 -12.38
C ARG A 109 4.92 18.87 -11.58
N ASN A 110 5.58 19.01 -10.44
CA ASN A 110 5.43 20.18 -9.59
C ASN A 110 6.53 21.19 -9.87
N GLN A 111 7.60 20.72 -10.51
CA GLN A 111 8.73 21.57 -10.85
C GLN A 111 8.37 22.57 -11.94
N ARG A 112 7.86 23.72 -11.55
CA ARG A 112 7.49 24.75 -12.49
C ARG A 112 8.41 25.96 -12.35
N LYS A 113 8.48 26.50 -11.14
CA LYS A 113 9.40 27.58 -10.84
C LYS A 113 10.78 27.03 -10.51
N THR A 114 10.80 25.84 -9.93
CA THR A 114 12.04 25.23 -9.49
C THR A 114 12.72 24.44 -10.60
N VAL A 115 12.00 24.21 -11.70
CA VAL A 115 12.53 23.40 -12.82
C VAL A 115 13.82 23.99 -13.37
N LYS A 116 13.86 25.31 -13.54
CA LYS A 116 15.08 25.96 -13.96
C LYS A 116 15.77 26.52 -12.73
N CYS A 117 16.88 25.93 -12.33
CA CYS A 117 17.68 26.42 -11.21
C CYS A 117 19.15 26.38 -11.50
N PHE A 118 19.91 27.27 -10.89
CA PHE A 118 21.35 27.13 -10.93
C PHE A 118 21.77 26.22 -9.78
N ASN A 119 21.25 24.98 -9.84
CA ASN A 119 21.44 23.97 -8.80
C ASN A 119 20.45 22.81 -8.97
N CYS A 120 19.15 23.11 -8.82
CA CYS A 120 18.15 22.05 -8.76
C CYS A 120 17.41 21.94 -10.09
N GLY A 121 18.11 22.32 -11.17
CA GLY A 121 17.54 22.23 -12.48
C GLY A 121 18.36 22.93 -13.55
N LYS A 122 17.78 23.96 -14.14
CA LYS A 122 18.38 24.62 -15.31
C LYS A 122 19.06 25.95 -14.97
N GLU A 123 18.27 26.94 -14.59
CA GLU A 123 18.81 28.29 -14.33
C GLU A 123 17.97 29.14 -13.37
N GLY A 124 16.73 29.43 -13.75
CA GLY A 124 15.97 30.51 -13.11
C GLY A 124 15.33 30.18 -11.77
N HIS A 125 16.11 29.61 -10.87
CA HIS A 125 15.66 29.35 -9.49
C HIS A 125 16.70 29.90 -8.55
N ILE A 126 16.50 29.67 -7.27
CA ILE A 126 17.40 30.19 -6.27
C ILE A 126 17.99 29.04 -5.48
N ALA A 127 19.19 28.65 -5.88
CA ALA A 127 19.97 27.60 -5.20
C ALA A 127 20.06 27.84 -3.69
N LYS A 128 19.85 29.08 -3.26
CA LYS A 128 19.98 29.44 -1.84
C LYS A 128 18.79 28.98 -1.02
N ASN A 129 17.67 28.68 -1.68
CA ASN A 129 16.45 28.32 -0.98
C ASN A 129 16.03 26.88 -1.23
N CYS A 130 16.73 26.19 -2.11
CA CYS A 130 16.43 24.78 -2.35
C CYS A 130 17.47 23.89 -1.71
N ARG A 131 17.01 22.75 -1.20
CA ARG A 131 17.90 21.81 -0.54
C ARG A 131 18.27 20.70 -1.49
N ALA A 132 19.45 20.81 -2.08
CA ALA A 132 19.92 19.84 -3.05
C ALA A 132 21.42 19.95 -3.25
N PRO A 133 22.17 18.90 -2.91
CA PRO A 133 23.62 18.89 -3.08
C PRO A 133 24.04 18.60 -4.52
N ARG A 134 23.31 19.18 -5.46
CA ARG A 134 23.54 18.93 -6.87
C ARG A 134 24.55 19.92 -7.43
N LYS A 135 24.63 21.09 -6.80
CA LYS A 135 25.61 22.10 -7.20
C LYS A 135 27.01 21.66 -6.80
N LYS A 136 27.68 21.02 -7.74
CA LYS A 136 29.04 20.55 -7.54
C LYS A 136 29.94 21.22 -8.56
N GLY A 137 29.41 22.26 -9.18
CA GLY A 137 30.09 22.90 -10.28
C GLY A 137 29.41 22.54 -11.59
N CYS A 138 29.76 21.40 -12.13
CA CYS A 138 29.08 20.89 -13.32
C CYS A 138 27.90 20.02 -12.93
N TRP A 139 26.84 20.10 -13.71
CA TRP A 139 25.68 19.24 -13.49
C TRP A 139 25.64 18.10 -14.51
N LYS A 140 26.62 18.08 -15.40
CA LYS A 140 26.70 17.05 -16.43
C LYS A 140 27.90 16.14 -16.20
N CYS A 141 29.09 16.74 -16.16
CA CYS A 141 30.32 16.00 -15.96
C CYS A 141 30.87 16.18 -14.55
N GLY A 142 30.18 16.98 -13.76
CA GLY A 142 30.69 17.32 -12.45
C GLY A 142 30.73 16.13 -11.52
N LYS A 143 29.55 15.59 -11.26
CA LYS A 143 29.36 14.48 -10.32
C LYS A 143 29.81 14.86 -8.91
N GLU A 144 31.11 14.95 -8.70
CA GLU A 144 31.67 15.30 -7.41
C GLU A 144 32.41 16.64 -7.51
N GLY A 145 33.03 16.89 -8.66
CA GLY A 145 33.87 18.06 -8.79
C GLY A 145 33.56 18.89 -10.02
N HIS A 146 34.62 19.44 -10.63
CA HIS A 146 34.52 20.35 -11.77
C HIS A 146 34.00 21.71 -11.33
N GLN A 147 34.72 22.74 -11.73
CA GLN A 147 34.37 24.11 -11.37
C GLN A 147 33.35 24.68 -12.35
N MET A 148 33.11 23.93 -13.42
CA MET A 148 32.20 24.32 -14.50
C MET A 148 32.81 25.45 -15.33
N LYS A 149 33.19 26.54 -14.66
CA LYS A 149 33.79 27.70 -15.32
C LYS A 149 35.15 27.34 -15.92
N ASP A 150 35.87 26.44 -15.29
CA ASP A 150 37.18 26.02 -15.75
C ASP A 150 37.07 24.78 -16.63
N CYS A 151 35.87 24.21 -16.66
CA CYS A 151 35.64 22.97 -17.36
C CYS A 151 35.34 23.22 -18.83
N THR A 152 36.28 22.82 -19.68
CA THR A 152 36.06 22.86 -21.12
C THR A 152 35.78 21.46 -21.63
N GLU A 153 34.56 21.24 -22.12
CA GLU A 153 34.13 19.93 -22.57
C GLU A 153 34.93 19.50 -23.81
N ARG A 154 35.79 18.51 -23.62
CA ARG A 154 36.64 18.02 -24.69
C ARG A 154 36.01 16.81 -25.34
N GLN A 155 35.44 17.02 -26.53
CA GLN A 155 34.76 15.96 -27.25
C GLN A 155 35.77 15.00 -27.87
N ALA A 156 35.54 13.71 -27.67
CA ALA A 156 36.41 12.69 -28.22
C ALA A 156 35.92 12.26 -29.59
N ASN A 157 36.65 12.64 -30.62
CA ASN A 157 36.26 12.33 -31.99
C ASN A 157 37.27 11.39 -32.63
N MET A 1 -6.16 23.97 15.79
CA MET A 1 -7.49 23.70 16.37
C MET A 1 -8.42 23.12 15.30
N TYR A 2 -8.97 21.94 15.59
CA TYR A 2 -9.88 21.24 14.68
C TYR A 2 -9.19 20.83 13.38
N SER A 3 -9.09 21.77 12.44
CA SER A 3 -8.51 21.55 11.11
C SER A 3 -9.02 20.25 10.47
N PRO A 4 -10.10 20.35 9.66
CA PRO A 4 -10.68 19.18 8.98
C PRO A 4 -9.86 18.73 7.78
N THR A 5 -8.54 18.81 7.92
CA THR A 5 -7.63 18.48 6.85
C THR A 5 -7.72 17.01 6.47
N SER A 6 -7.75 16.14 7.47
CA SER A 6 -7.76 14.69 7.26
C SER A 6 -8.99 14.26 6.45
N ILE A 7 -9.97 15.13 6.34
CA ILE A 7 -11.19 14.82 5.61
C ILE A 7 -10.99 15.04 4.10
N LEU A 8 -10.47 16.21 3.74
CA LEU A 8 -10.27 16.55 2.34
C LEU A 8 -8.93 16.03 1.82
N ASP A 9 -7.97 15.92 2.71
CA ASP A 9 -6.59 15.55 2.36
C ASP A 9 -6.41 14.04 2.41
N ILE A 10 -7.48 13.31 2.20
CA ILE A 10 -7.43 11.84 2.16
C ILE A 10 -6.69 11.32 0.92
N ARG A 11 -6.03 12.24 0.21
CA ARG A 11 -5.22 11.89 -0.95
C ARG A 11 -3.96 11.16 -0.50
N GLN A 12 -3.51 10.20 -1.28
CA GLN A 12 -2.42 9.33 -0.82
C GLN A 12 -1.43 9.01 -1.93
N GLY A 13 -0.34 8.36 -1.52
CA GLY A 13 0.70 7.96 -2.45
C GLY A 13 0.78 6.45 -2.60
N PRO A 14 1.72 5.93 -3.38
CA PRO A 14 1.86 4.49 -3.62
C PRO A 14 2.55 3.78 -2.45
N LYS A 15 2.89 4.55 -1.43
CA LYS A 15 3.63 4.04 -0.28
C LYS A 15 2.70 3.76 0.88
N GLU A 16 1.40 3.86 0.64
CA GLU A 16 0.42 3.67 1.68
C GLU A 16 -0.52 2.51 1.33
N PRO A 17 -0.70 1.55 2.25
CA PRO A 17 -1.61 0.43 2.07
C PRO A 17 -3.05 0.86 1.79
N PHE A 18 -3.68 0.20 0.84
CA PHE A 18 -5.04 0.54 0.38
C PHE A 18 -5.97 0.84 1.54
N ARG A 19 -6.19 -0.15 2.40
CA ARG A 19 -7.18 -0.06 3.46
C ARG A 19 -6.82 1.02 4.49
N ASP A 20 -5.57 1.47 4.46
CA ASP A 20 -5.10 2.47 5.41
C ASP A 20 -5.61 3.85 5.02
N TYR A 21 -5.44 4.21 3.76
CA TYR A 21 -5.90 5.52 3.30
C TYR A 21 -7.40 5.51 3.01
N VAL A 22 -7.93 4.32 2.86
CA VAL A 22 -9.36 4.14 2.75
C VAL A 22 -10.01 4.24 4.13
N ASP A 23 -9.22 3.95 5.16
CA ASP A 23 -9.71 3.99 6.54
C ASP A 23 -10.00 5.42 6.94
N ARG A 24 -9.13 6.33 6.50
CA ARG A 24 -9.30 7.74 6.77
C ARG A 24 -10.43 8.29 5.93
N PHE A 25 -10.51 7.80 4.71
CA PHE A 25 -11.59 8.15 3.81
C PHE A 25 -12.93 7.69 4.38
N TYR A 26 -12.92 6.58 5.10
CA TYR A 26 -14.16 6.02 5.63
C TYR A 26 -14.54 6.70 6.94
N LYS A 27 -13.58 7.34 7.59
CA LYS A 27 -13.84 7.94 8.89
C LYS A 27 -14.64 9.22 8.72
N THR A 28 -14.53 9.83 7.55
CA THR A 28 -15.36 10.98 7.21
C THR A 28 -16.70 10.49 6.65
N LEU A 29 -16.68 9.33 5.99
CA LEU A 29 -17.89 8.77 5.40
C LEU A 29 -18.82 8.22 6.48
N ARG A 30 -18.22 7.66 7.53
CA ARG A 30 -19.00 7.14 8.66
C ARG A 30 -19.61 8.30 9.44
N ALA A 31 -18.98 9.46 9.31
CA ALA A 31 -19.50 10.68 9.92
C ALA A 31 -20.71 11.18 9.14
N GLU A 32 -20.52 11.40 7.84
CA GLU A 32 -21.61 11.81 6.96
C GLU A 32 -22.34 10.58 6.40
N GLN A 33 -22.52 9.58 7.25
CA GLN A 33 -23.11 8.31 6.83
C GLN A 33 -24.59 8.46 6.47
N ALA A 34 -25.14 9.63 6.75
CA ALA A 34 -26.53 9.91 6.45
C ALA A 34 -26.82 9.71 4.97
N SER A 35 -26.07 10.40 4.13
CA SER A 35 -26.22 10.24 2.69
C SER A 35 -25.41 9.05 2.20
N GLN A 36 -26.08 7.92 2.02
CA GLN A 36 -25.42 6.72 1.53
C GLN A 36 -25.11 6.86 0.05
N GLU A 37 -25.89 7.69 -0.63
CA GLU A 37 -25.74 7.87 -2.07
C GLU A 37 -24.42 8.55 -2.41
N VAL A 38 -24.04 9.53 -1.60
CA VAL A 38 -22.80 10.26 -1.81
C VAL A 38 -21.60 9.36 -1.54
N LYS A 39 -21.71 8.55 -0.49
CA LYS A 39 -20.64 7.61 -0.14
C LYS A 39 -20.39 6.62 -1.27
N ASN A 40 -21.49 6.11 -1.83
CA ASN A 40 -21.43 5.15 -2.93
C ASN A 40 -20.67 5.74 -4.12
N ALA A 41 -21.06 6.95 -4.50
CA ALA A 41 -20.41 7.63 -5.62
C ALA A 41 -18.96 7.97 -5.31
N ALA A 42 -18.73 8.39 -4.07
CA ALA A 42 -17.40 8.80 -3.63
C ALA A 42 -16.43 7.63 -3.64
N THR A 43 -16.83 6.54 -3.02
CA THR A 43 -15.97 5.36 -2.93
C THR A 43 -15.54 4.83 -4.29
N GLU A 44 -16.39 4.97 -5.30
CA GLU A 44 -16.05 4.51 -6.64
C GLU A 44 -15.26 5.56 -7.42
N THR A 45 -15.87 6.71 -7.62
CA THR A 45 -15.29 7.73 -8.50
C THR A 45 -14.25 8.60 -7.79
N LEU A 46 -14.49 8.88 -6.52
CA LEU A 46 -13.67 9.84 -5.79
C LEU A 46 -12.47 9.16 -5.15
N LEU A 47 -12.66 7.96 -4.61
CA LEU A 47 -11.60 7.26 -3.90
C LEU A 47 -10.42 6.95 -4.84
N VAL A 48 -10.74 6.61 -6.08
CA VAL A 48 -9.70 6.37 -7.07
C VAL A 48 -9.07 7.68 -7.51
N GLN A 49 -9.83 8.75 -7.40
CA GLN A 49 -9.38 10.07 -7.79
C GLN A 49 -8.27 10.55 -6.86
N ASN A 50 -8.50 10.44 -5.55
CA ASN A 50 -7.54 10.90 -4.54
C ASN A 50 -6.40 9.91 -4.37
N ALA A 51 -6.44 8.83 -5.13
CA ALA A 51 -5.38 7.84 -5.08
C ALA A 51 -4.26 8.24 -6.01
N ASN A 52 -3.06 7.79 -5.71
CA ASN A 52 -1.90 8.04 -6.55
C ASN A 52 -2.06 7.29 -7.87
N PRO A 53 -1.74 7.95 -9.00
CA PRO A 53 -1.89 7.40 -10.35
C PRO A 53 -1.60 5.90 -10.46
N ASP A 54 -0.46 5.49 -9.92
CA ASP A 54 0.00 4.10 -10.04
C ASP A 54 -0.95 3.13 -9.35
N CYS A 55 -1.62 3.61 -8.32
CA CYS A 55 -2.53 2.78 -7.53
C CYS A 55 -3.91 2.70 -8.18
N LYS A 56 -4.39 3.83 -8.67
CA LYS A 56 -5.73 3.91 -9.24
C LYS A 56 -5.78 3.33 -10.65
N THR A 57 -4.69 3.51 -11.40
CA THR A 57 -4.62 3.00 -12.76
C THR A 57 -4.86 1.48 -12.82
N ILE A 58 -4.46 0.77 -11.76
CA ILE A 58 -4.67 -0.67 -11.71
C ILE A 58 -6.05 -0.99 -11.16
N LEU A 59 -6.50 -0.23 -10.17
CA LEU A 59 -7.81 -0.44 -9.55
C LEU A 59 -8.92 -0.53 -10.59
N LYS A 60 -8.93 0.38 -11.54
CA LYS A 60 -9.99 0.44 -12.54
C LYS A 60 -9.89 -0.73 -13.52
N ALA A 61 -8.69 -1.28 -13.68
CA ALA A 61 -8.50 -2.44 -14.54
C ALA A 61 -8.81 -3.72 -13.78
N LEU A 62 -8.52 -3.71 -12.49
CA LEU A 62 -8.78 -4.84 -11.62
C LEU A 62 -10.26 -5.02 -11.35
N GLY A 63 -10.93 -3.89 -11.08
CA GLY A 63 -12.35 -3.87 -10.67
C GLY A 63 -13.19 -5.04 -11.16
N PRO A 64 -13.32 -5.23 -12.49
CA PRO A 64 -14.11 -6.32 -13.08
C PRO A 64 -13.84 -7.69 -12.45
N GLY A 65 -12.59 -8.13 -12.44
CA GLY A 65 -12.29 -9.46 -11.97
C GLY A 65 -11.76 -9.50 -10.56
N ALA A 66 -11.40 -8.34 -10.04
CA ALA A 66 -10.79 -8.25 -8.72
C ALA A 66 -11.81 -7.90 -7.66
N THR A 67 -11.77 -8.63 -6.56
CA THR A 67 -12.56 -8.33 -5.39
C THR A 67 -11.81 -7.33 -4.51
N LEU A 68 -12.40 -6.95 -3.39
CA LEU A 68 -11.79 -5.97 -2.50
C LEU A 68 -10.42 -6.46 -2.03
N GLU A 69 -10.35 -7.72 -1.62
CA GLU A 69 -9.14 -8.27 -1.03
C GLU A 69 -7.95 -8.21 -1.99
N GLU A 70 -8.17 -8.53 -3.26
CA GLU A 70 -7.05 -8.65 -4.18
C GLU A 70 -6.67 -7.30 -4.79
N MET A 71 -7.59 -6.33 -4.75
CA MET A 71 -7.26 -4.98 -5.19
C MET A 71 -6.63 -4.21 -4.02
N MET A 72 -7.04 -4.55 -2.82
CA MET A 72 -6.47 -3.97 -1.60
C MET A 72 -5.00 -4.36 -1.48
N THR A 73 -4.76 -5.66 -1.59
CA THR A 73 -3.41 -6.21 -1.50
C THR A 73 -2.55 -5.74 -2.69
N ALA A 74 -3.22 -5.37 -3.77
CA ALA A 74 -2.53 -4.93 -4.99
C ALA A 74 -2.02 -3.50 -4.86
N CYS A 75 -2.69 -2.69 -4.06
CA CYS A 75 -2.34 -1.28 -3.95
C CYS A 75 -1.44 -1.00 -2.75
N GLN A 76 -1.33 -1.97 -1.84
CA GLN A 76 -0.45 -1.82 -0.70
C GLN A 76 0.98 -2.12 -1.12
N GLY A 77 1.84 -1.11 -1.02
CA GLY A 77 3.21 -1.25 -1.46
C GLY A 77 3.31 -1.47 -2.94
N VAL A 78 2.79 -0.52 -3.73
CA VAL A 78 2.85 -0.62 -5.18
C VAL A 78 4.30 -0.65 -5.63
N GLY A 79 4.73 -1.80 -6.12
CA GLY A 79 6.12 -1.96 -6.49
C GLY A 79 6.83 -2.93 -5.57
N GLY A 80 6.09 -3.52 -4.63
CA GLY A 80 6.67 -4.52 -3.77
C GLY A 80 6.76 -5.89 -4.46
N PRO A 81 5.70 -6.71 -4.36
CA PRO A 81 5.68 -8.04 -4.97
C PRO A 81 5.92 -8.01 -6.48
N GLY A 82 6.78 -8.90 -6.95
CA GLY A 82 7.08 -8.96 -8.37
C GLY A 82 8.19 -8.01 -8.76
N HIS A 83 8.61 -7.19 -7.82
CA HIS A 83 9.66 -6.20 -8.06
C HIS A 83 10.77 -6.37 -7.04
N LYS A 84 11.96 -5.87 -7.36
CA LYS A 84 13.10 -5.97 -6.46
C LYS A 84 13.12 -4.79 -5.50
N ALA A 85 12.21 -3.84 -5.72
CA ALA A 85 12.05 -2.71 -4.83
C ALA A 85 11.55 -3.18 -3.46
N ARG A 86 10.97 -4.38 -3.45
CA ARG A 86 10.48 -4.99 -2.22
C ARG A 86 11.63 -5.23 -1.23
N VAL A 87 12.86 -5.25 -1.74
CA VAL A 87 14.02 -5.50 -0.89
C VAL A 87 14.37 -4.24 -0.11
N LEU A 88 14.26 -3.10 -0.77
CA LEU A 88 14.52 -1.82 -0.14
C LEU A 88 13.34 -1.43 0.73
N ALA A 89 12.14 -1.75 0.25
CA ALA A 89 10.92 -1.53 1.01
C ALA A 89 10.90 -2.38 2.27
N GLU A 90 11.54 -3.55 2.16
CA GLU A 90 11.67 -4.47 3.28
C GLU A 90 12.48 -3.84 4.41
N ALA A 91 13.50 -3.06 4.05
CA ALA A 91 14.34 -2.41 5.04
C ALA A 91 13.67 -1.14 5.53
N MET A 92 12.94 -0.50 4.62
CA MET A 92 12.19 0.69 4.97
C MET A 92 11.03 0.34 5.89
N SER A 93 10.64 -0.93 5.87
CA SER A 93 9.60 -1.42 6.78
C SER A 93 10.00 -1.19 8.24
N GLN A 94 11.30 -1.26 8.50
CA GLN A 94 11.81 -1.07 9.86
C GLN A 94 11.84 0.39 10.24
N VAL A 95 12.12 1.26 9.29
CA VAL A 95 12.15 2.70 9.58
C VAL A 95 10.75 3.30 9.59
N THR A 96 9.81 2.65 8.91
CA THR A 96 8.43 3.10 8.89
C THR A 96 7.62 2.43 9.98
N ASN A 97 8.32 1.72 10.87
CA ASN A 97 7.70 1.10 12.02
C ASN A 97 7.04 2.18 12.88
N PRO A 98 5.83 1.92 13.39
CA PRO A 98 5.07 2.91 14.14
C PRO A 98 5.77 3.41 15.40
N ALA A 99 6.78 2.69 15.85
CA ALA A 99 7.57 3.13 16.99
C ALA A 99 8.67 4.08 16.55
N THR A 100 9.06 3.95 15.29
CA THR A 100 10.15 4.75 14.75
C THR A 100 9.63 6.08 14.20
N ILE A 101 8.59 6.00 13.38
CA ILE A 101 8.00 7.19 12.77
C ILE A 101 7.36 8.09 13.82
N MET A 102 6.95 7.49 14.93
CA MET A 102 6.34 8.23 16.04
C MET A 102 7.36 9.18 16.66
N ILE A 103 8.61 8.75 16.69
CA ILE A 103 9.69 9.54 17.28
C ILE A 103 10.02 10.75 16.41
N GLN A 104 10.31 10.47 15.13
CA GLN A 104 10.69 11.53 14.21
C GLN A 104 9.54 12.51 13.99
N LYS A 105 8.31 12.02 14.17
CA LYS A 105 7.13 12.85 14.01
C LYS A 105 7.12 13.98 15.04
N GLY A 106 7.70 13.70 16.21
CA GLY A 106 7.74 14.69 17.26
C GLY A 106 8.47 15.95 16.84
N ASN A 107 9.66 15.79 16.30
CA ASN A 107 10.45 16.93 15.84
C ASN A 107 9.99 17.38 14.46
N PHE A 108 9.26 16.51 13.77
CA PHE A 108 8.73 16.83 12.45
C PHE A 108 7.62 17.88 12.58
N ARG A 109 7.02 17.95 13.76
CA ARG A 109 6.02 18.97 14.06
C ARG A 109 6.64 20.36 13.95
N ASN A 110 7.73 20.57 14.69
CA ASN A 110 8.47 21.81 14.63
C ASN A 110 9.92 21.55 15.03
N GLN A 111 10.85 22.03 14.21
CA GLN A 111 12.27 21.83 14.46
C GLN A 111 13.07 22.84 13.67
N ARG A 112 13.86 23.65 14.38
CA ARG A 112 14.67 24.70 13.74
C ARG A 112 13.78 25.72 13.05
N LYS A 113 14.39 26.65 12.35
CA LYS A 113 13.65 27.69 11.64
C LYS A 113 13.18 27.20 10.27
N THR A 114 12.85 25.92 10.18
CA THR A 114 12.37 25.32 8.93
C THR A 114 10.95 25.80 8.61
N VAL A 115 10.32 26.42 9.59
CA VAL A 115 8.93 26.88 9.48
C VAL A 115 8.80 28.02 8.45
N LYS A 116 9.93 28.52 7.96
CA LYS A 116 9.92 29.50 6.90
C LYS A 116 10.01 28.77 5.56
N CYS A 117 9.21 29.19 4.59
CA CYS A 117 9.15 28.49 3.32
C CYS A 117 10.41 28.70 2.51
N PHE A 118 11.19 27.64 2.39
CA PHE A 118 12.39 27.67 1.55
C PHE A 118 12.01 27.57 0.08
N ASN A 119 11.31 28.58 -0.42
CA ASN A 119 10.89 28.62 -1.82
C ASN A 119 10.19 29.93 -2.16
N CYS A 120 9.09 30.22 -1.48
CA CYS A 120 8.27 31.38 -1.82
C CYS A 120 8.57 32.57 -0.89
N GLY A 121 9.75 32.55 -0.29
CA GLY A 121 10.15 33.66 0.55
C GLY A 121 10.74 33.21 1.86
N LYS A 122 9.90 33.17 2.90
CA LYS A 122 10.32 32.86 4.26
C LYS A 122 9.13 32.93 5.20
N GLU A 123 7.97 32.59 4.68
CA GLU A 123 6.73 32.76 5.42
C GLU A 123 6.32 31.44 6.07
N GLY A 124 5.18 31.44 6.74
CA GLY A 124 4.70 30.25 7.41
C GLY A 124 4.10 29.25 6.44
N HIS A 125 4.88 28.90 5.45
CA HIS A 125 4.51 27.93 4.45
C HIS A 125 5.60 26.86 4.38
N ILE A 126 5.29 25.73 3.79
CA ILE A 126 6.25 24.64 3.71
C ILE A 126 6.69 24.41 2.27
N ALA A 127 8.00 24.33 2.07
CA ALA A 127 8.57 24.11 0.74
C ALA A 127 8.20 22.72 0.22
N LYS A 128 7.82 21.84 1.15
CA LYS A 128 7.37 20.49 0.80
C LYS A 128 6.11 20.53 -0.06
N ASN A 129 5.26 21.53 0.21
CA ASN A 129 4.00 21.68 -0.52
C ASN A 129 4.00 23.00 -1.28
N CYS A 130 5.18 23.43 -1.69
CA CYS A 130 5.33 24.67 -2.41
C CYS A 130 5.83 24.38 -3.82
N ARG A 131 5.50 25.26 -4.76
CA ARG A 131 5.93 25.09 -6.13
C ARG A 131 6.41 26.41 -6.72
N ALA A 132 7.66 26.43 -7.14
CA ALA A 132 8.26 27.59 -7.79
C ALA A 132 9.54 27.16 -8.51
N PRO A 133 9.76 27.69 -9.72
CA PRO A 133 10.87 27.26 -10.57
C PRO A 133 12.23 27.83 -10.14
N ARG A 134 12.34 28.23 -8.88
CA ARG A 134 13.58 28.81 -8.39
C ARG A 134 14.16 28.03 -7.21
N LYS A 135 13.28 27.34 -6.47
CA LYS A 135 13.69 26.59 -5.28
C LYS A 135 14.31 27.50 -4.25
N LYS A 136 14.97 26.91 -3.26
CA LYS A 136 15.58 27.68 -2.21
C LYS A 136 17.02 28.04 -2.57
N GLY A 137 17.94 27.15 -2.27
CA GLY A 137 19.35 27.44 -2.46
C GLY A 137 19.81 28.59 -1.60
N CYS A 138 19.97 29.75 -2.21
CA CYS A 138 20.39 30.95 -1.54
C CYS A 138 19.76 32.15 -2.21
N TRP A 139 19.51 33.19 -1.46
CA TRP A 139 18.72 34.29 -1.94
C TRP A 139 19.47 35.62 -1.78
N LYS A 140 19.89 35.93 -0.57
CA LYS A 140 20.74 37.11 -0.40
C LYS A 140 22.13 36.74 -0.90
N CYS A 141 22.38 35.45 -0.82
CA CYS A 141 23.55 34.84 -1.40
C CYS A 141 23.20 34.31 -2.80
N GLY A 142 22.09 34.81 -3.35
CA GLY A 142 21.64 34.36 -4.65
C GLY A 142 20.50 35.20 -5.20
N LYS A 143 19.26 34.77 -4.93
CA LYS A 143 18.05 35.49 -5.39
C LYS A 143 17.88 36.87 -4.71
N GLU A 144 17.01 36.98 -3.68
CA GLU A 144 16.81 38.29 -3.03
C GLU A 144 17.17 38.35 -1.55
N GLY A 145 16.87 37.31 -0.75
CA GLY A 145 17.14 37.39 0.68
C GLY A 145 17.26 36.04 1.38
N HIS A 146 18.49 35.70 1.81
CA HIS A 146 18.77 34.47 2.56
C HIS A 146 19.34 34.88 3.90
N GLN A 147 19.89 33.93 4.64
CA GLN A 147 20.59 34.28 5.86
C GLN A 147 21.86 35.05 5.49
N MET A 148 22.59 34.48 4.53
CA MET A 148 23.84 35.02 3.96
C MET A 148 24.92 35.37 4.99
N LYS A 149 24.62 36.26 5.92
CA LYS A 149 25.57 36.67 6.94
C LYS A 149 25.94 35.49 7.83
N ASP A 150 24.93 34.70 8.17
CA ASP A 150 25.09 33.51 8.98
C ASP A 150 24.83 32.28 8.11
N CYS A 151 24.94 32.47 6.80
CA CYS A 151 24.75 31.38 5.86
C CYS A 151 25.97 30.45 5.89
N THR A 152 25.97 29.55 6.85
CA THR A 152 27.03 28.58 6.97
C THR A 152 26.60 27.27 6.36
N GLU A 153 27.48 26.69 5.54
CA GLU A 153 27.22 25.41 4.92
C GLU A 153 26.83 24.38 5.97
N ARG A 154 25.66 23.77 5.79
CA ARG A 154 25.08 22.88 6.79
C ARG A 154 25.83 21.57 6.87
N GLN A 155 26.99 21.61 7.50
CA GLN A 155 27.79 20.43 7.75
C GLN A 155 27.14 19.58 8.84
N ALA A 156 26.61 18.43 8.45
CA ALA A 156 25.91 17.57 9.39
C ALA A 156 26.89 16.87 10.34
N ASN A 157 26.96 17.38 11.55
CA ASN A 157 27.80 16.77 12.57
C ASN A 157 26.93 16.08 13.61
N MET A 1 -5.64 18.99 18.31
CA MET A 1 -4.61 19.01 17.25
C MET A 1 -4.17 17.60 16.88
N TYR A 2 -5.14 16.74 16.57
CA TYR A 2 -4.84 15.38 16.15
C TYR A 2 -5.55 15.06 14.84
N SER A 3 -5.47 15.99 13.91
CA SER A 3 -6.05 15.82 12.60
C SER A 3 -4.99 16.10 11.52
N PRO A 4 -4.17 15.09 11.19
CA PRO A 4 -3.09 15.23 10.21
C PRO A 4 -3.61 15.30 8.77
N THR A 5 -2.84 15.94 7.92
CA THR A 5 -3.28 16.32 6.58
C THR A 5 -3.78 15.13 5.74
N SER A 6 -2.92 14.14 5.54
CA SER A 6 -3.21 13.01 4.66
C SER A 6 -4.47 12.24 5.08
N ILE A 7 -4.85 12.40 6.34
CA ILE A 7 -5.99 11.68 6.89
C ILE A 7 -7.29 12.38 6.53
N LEU A 8 -7.27 13.71 6.56
CA LEU A 8 -8.44 14.50 6.19
C LEU A 8 -8.57 14.60 4.68
N ASP A 9 -7.47 14.34 3.97
CA ASP A 9 -7.50 14.31 2.51
C ASP A 9 -7.93 12.95 2.01
N ILE A 10 -8.12 12.01 2.95
CA ILE A 10 -8.57 10.64 2.68
C ILE A 10 -8.12 10.11 1.32
N ARG A 11 -6.80 10.07 1.12
CA ARG A 11 -6.24 9.59 -0.13
C ARG A 11 -5.07 8.65 0.12
N GLN A 12 -4.71 7.92 -0.91
CA GLN A 12 -3.68 6.89 -0.84
C GLN A 12 -2.36 7.43 -1.35
N GLY A 13 -1.28 7.14 -0.64
CA GLY A 13 0.04 7.49 -1.10
C GLY A 13 0.77 6.29 -1.65
N PRO A 14 2.07 6.42 -1.95
CA PRO A 14 2.86 5.33 -2.55
C PRO A 14 3.08 4.15 -1.62
N LYS A 15 2.94 4.39 -0.31
CA LYS A 15 3.21 3.37 0.68
C LYS A 15 1.96 3.06 1.51
N GLU A 16 0.83 3.61 1.09
CA GLU A 16 -0.40 3.45 1.85
C GLU A 16 -1.27 2.34 1.26
N PRO A 17 -1.63 1.34 2.08
CA PRO A 17 -2.52 0.26 1.65
C PRO A 17 -3.96 0.73 1.44
N PHE A 18 -4.67 0.10 0.49
CA PHE A 18 -6.04 0.48 0.17
C PHE A 18 -6.91 0.55 1.42
N ARG A 19 -7.04 -0.59 2.11
CA ARG A 19 -7.93 -0.71 3.26
C ARG A 19 -7.49 0.16 4.44
N ASP A 20 -6.36 0.85 4.28
CA ASP A 20 -5.86 1.72 5.33
C ASP A 20 -6.44 3.11 5.16
N TYR A 21 -6.26 3.69 3.98
CA TYR A 21 -6.78 5.03 3.72
C TYR A 21 -8.29 4.98 3.55
N VAL A 22 -8.79 3.86 3.06
CA VAL A 22 -10.24 3.66 2.93
C VAL A 22 -10.88 3.64 4.32
N ASP A 23 -10.09 3.23 5.30
CA ASP A 23 -10.54 3.24 6.68
C ASP A 23 -10.82 4.67 7.12
N ARG A 24 -9.91 5.57 6.76
CA ARG A 24 -10.06 6.98 7.05
C ARG A 24 -11.21 7.52 6.22
N PHE A 25 -11.18 7.21 4.93
CA PHE A 25 -12.16 7.66 3.97
C PHE A 25 -13.58 7.33 4.43
N TYR A 26 -13.74 6.20 5.09
CA TYR A 26 -15.06 5.70 5.41
C TYR A 26 -15.54 6.28 6.72
N LYS A 27 -14.66 6.33 7.71
CA LYS A 27 -15.07 6.73 9.03
C LYS A 27 -15.12 8.25 9.17
N THR A 28 -14.42 8.96 8.28
CA THR A 28 -14.52 10.40 8.22
C THR A 28 -15.76 10.80 7.43
N LEU A 29 -16.13 9.94 6.48
CA LEU A 29 -17.32 10.14 5.66
C LEU A 29 -18.56 10.16 6.57
N ARG A 30 -18.51 9.33 7.59
CA ARG A 30 -19.62 9.21 8.53
C ARG A 30 -19.62 10.38 9.50
N ALA A 31 -18.47 11.02 9.64
CA ALA A 31 -18.32 12.17 10.54
C ALA A 31 -18.93 13.41 9.92
N GLU A 32 -18.81 13.54 8.60
CA GLU A 32 -19.46 14.62 7.88
C GLU A 32 -20.87 14.22 7.49
N GLN A 33 -21.41 14.81 6.42
CA GLN A 33 -22.75 14.47 5.95
C GLN A 33 -22.84 12.99 5.58
N ALA A 34 -23.48 12.24 6.46
CA ALA A 34 -23.60 10.80 6.33
C ALA A 34 -24.60 10.39 5.24
N SER A 35 -25.47 11.33 4.87
CA SER A 35 -26.49 11.09 3.85
C SER A 35 -25.88 10.47 2.59
N GLN A 36 -26.18 9.20 2.37
CA GLN A 36 -25.54 8.40 1.33
C GLN A 36 -25.99 8.82 -0.07
N GLU A 37 -27.17 9.40 -0.16
CA GLU A 37 -27.75 9.79 -1.46
C GLU A 37 -26.75 10.57 -2.32
N VAL A 38 -26.07 11.53 -1.72
CA VAL A 38 -25.06 12.30 -2.44
C VAL A 38 -23.71 11.61 -2.37
N LYS A 39 -23.45 10.98 -1.23
CA LYS A 39 -22.14 10.44 -0.93
C LYS A 39 -21.81 9.20 -1.76
N ASN A 40 -22.79 8.34 -1.99
CA ASN A 40 -22.55 7.10 -2.74
C ASN A 40 -22.10 7.43 -4.17
N ALA A 41 -22.83 8.33 -4.81
CA ALA A 41 -22.50 8.73 -6.18
C ALA A 41 -21.12 9.35 -6.26
N ALA A 42 -20.72 10.02 -5.19
CA ALA A 42 -19.40 10.63 -5.13
C ALA A 42 -18.33 9.59 -4.83
N THR A 43 -18.45 8.94 -3.68
CA THR A 43 -17.43 8.02 -3.16
C THR A 43 -16.99 6.98 -4.16
N GLU A 44 -17.91 6.45 -4.97
CA GLU A 44 -17.58 5.42 -5.94
C GLU A 44 -16.40 5.83 -6.83
N THR A 45 -16.54 6.95 -7.52
CA THR A 45 -15.46 7.44 -8.38
C THR A 45 -14.44 8.26 -7.59
N LEU A 46 -14.90 8.91 -6.54
CA LEU A 46 -14.05 9.79 -5.75
C LEU A 46 -12.96 8.99 -5.01
N LEU A 47 -13.30 7.79 -4.57
CA LEU A 47 -12.35 6.95 -3.83
C LEU A 47 -11.19 6.52 -4.72
N VAL A 48 -11.49 6.10 -5.95
CA VAL A 48 -10.44 5.65 -6.87
C VAL A 48 -9.61 6.84 -7.35
N GLN A 49 -10.23 8.01 -7.39
CA GLN A 49 -9.52 9.24 -7.74
C GLN A 49 -8.58 9.65 -6.62
N ASN A 50 -8.86 9.15 -5.41
CA ASN A 50 -8.04 9.46 -4.24
C ASN A 50 -7.01 8.37 -4.00
N ALA A 51 -6.70 7.58 -5.01
CA ALA A 51 -5.68 6.56 -4.85
C ALA A 51 -4.33 7.11 -5.30
N ASN A 52 -3.29 6.28 -5.23
CA ASN A 52 -1.97 6.68 -5.67
C ASN A 52 -1.90 6.66 -7.19
N PRO A 53 -1.25 7.66 -7.81
CA PRO A 53 -1.12 7.75 -9.27
C PRO A 53 -0.92 6.39 -9.95
N ASP A 54 0.08 5.64 -9.49
CA ASP A 54 0.41 4.35 -10.09
C ASP A 54 -0.69 3.33 -9.80
N CYS A 55 -1.21 3.39 -8.58
CA CYS A 55 -2.28 2.50 -8.17
C CYS A 55 -3.55 2.74 -8.99
N LYS A 56 -3.89 4.00 -9.21
CA LYS A 56 -5.04 4.35 -10.07
C LYS A 56 -4.78 3.82 -11.47
N THR A 57 -3.53 3.93 -11.88
CA THR A 57 -3.08 3.46 -13.19
C THR A 57 -3.41 1.97 -13.40
N ILE A 58 -3.22 1.17 -12.36
CA ILE A 58 -3.52 -0.26 -12.46
C ILE A 58 -4.98 -0.54 -12.14
N LEU A 59 -5.54 0.21 -11.19
CA LEU A 59 -6.94 0.05 -10.79
C LEU A 59 -7.88 0.18 -11.98
N LYS A 60 -7.61 1.13 -12.86
CA LYS A 60 -8.46 1.35 -14.02
C LYS A 60 -8.26 0.24 -15.05
N ALA A 61 -7.15 -0.47 -14.95
CA ALA A 61 -6.86 -1.56 -15.86
C ALA A 61 -7.56 -2.84 -15.44
N LEU A 62 -7.56 -3.10 -14.13
CA LEU A 62 -8.13 -4.35 -13.61
C LEU A 62 -9.54 -4.15 -13.07
N GLY A 63 -9.93 -2.88 -12.93
CA GLY A 63 -11.23 -2.52 -12.37
C GLY A 63 -12.40 -3.36 -12.88
N PRO A 64 -12.61 -3.48 -14.20
CA PRO A 64 -13.69 -4.28 -14.79
C PRO A 64 -13.90 -5.64 -14.12
N GLY A 65 -12.81 -6.37 -13.91
CA GLY A 65 -12.92 -7.70 -13.34
C GLY A 65 -12.60 -7.74 -11.86
N ALA A 66 -12.01 -6.67 -11.36
CA ALA A 66 -11.59 -6.63 -9.97
C ALA A 66 -12.66 -6.01 -9.07
N THR A 67 -13.07 -6.76 -8.06
CA THR A 67 -14.04 -6.29 -7.09
C THR A 67 -13.35 -5.41 -6.04
N LEU A 68 -14.11 -4.95 -5.06
CA LEU A 68 -13.57 -4.06 -4.02
C LEU A 68 -12.38 -4.70 -3.32
N GLU A 69 -12.50 -5.98 -3.00
CA GLU A 69 -11.44 -6.68 -2.28
C GLU A 69 -10.25 -7.00 -3.18
N GLU A 70 -10.51 -7.18 -4.47
CA GLU A 70 -9.43 -7.42 -5.42
C GLU A 70 -8.63 -6.17 -5.61
N MET A 71 -9.33 -5.07 -5.84
CA MET A 71 -8.68 -3.77 -6.03
C MET A 71 -8.00 -3.32 -4.73
N MET A 72 -8.49 -3.85 -3.62
CA MET A 72 -7.87 -3.63 -2.32
C MET A 72 -6.48 -4.26 -2.30
N THR A 73 -6.43 -5.50 -2.76
CA THR A 73 -5.17 -6.23 -2.89
C THR A 73 -4.27 -5.58 -3.95
N ALA A 74 -4.88 -5.05 -5.01
CA ALA A 74 -4.17 -4.42 -6.10
C ALA A 74 -3.31 -3.24 -5.64
N CYS A 75 -3.83 -2.45 -4.70
CA CYS A 75 -3.12 -1.27 -4.24
C CYS A 75 -2.05 -1.61 -3.22
N GLN A 76 -2.37 -2.51 -2.29
CA GLN A 76 -1.44 -2.86 -1.23
C GLN A 76 -0.29 -3.68 -1.81
N GLY A 77 0.91 -3.12 -1.72
CA GLY A 77 2.07 -3.76 -2.32
C GLY A 77 2.04 -3.68 -3.84
N VAL A 78 1.05 -2.96 -4.35
CA VAL A 78 0.79 -2.82 -5.78
C VAL A 78 0.85 -4.17 -6.49
N GLY A 79 -0.26 -4.89 -6.43
CA GLY A 79 -0.35 -6.19 -7.06
C GLY A 79 -0.19 -7.33 -6.07
N GLY A 80 -0.14 -6.99 -4.79
CA GLY A 80 0.03 -8.00 -3.77
C GLY A 80 0.90 -7.52 -2.63
N PRO A 81 0.44 -7.69 -1.37
CA PRO A 81 1.17 -7.24 -0.18
C PRO A 81 2.36 -8.14 0.16
N GLY A 82 3.27 -8.30 -0.79
CA GLY A 82 4.46 -9.08 -0.56
C GLY A 82 5.54 -8.76 -1.57
N HIS A 83 5.44 -7.59 -2.18
CA HIS A 83 6.38 -7.19 -3.21
C HIS A 83 7.55 -6.42 -2.61
N LYS A 84 8.75 -6.80 -3.00
CA LYS A 84 9.96 -6.17 -2.48
C LYS A 84 10.34 -4.95 -3.30
N ALA A 85 9.38 -4.47 -4.09
CA ALA A 85 9.57 -3.26 -4.89
C ALA A 85 9.88 -2.06 -4.01
N ARG A 86 9.55 -2.18 -2.73
CA ARG A 86 9.81 -1.13 -1.76
C ARG A 86 11.28 -0.72 -1.77
N VAL A 87 12.18 -1.69 -1.96
CA VAL A 87 13.61 -1.45 -1.81
C VAL A 87 14.12 -0.60 -2.97
N LEU A 88 13.44 -0.69 -4.10
CA LEU A 88 13.79 0.11 -5.25
C LEU A 88 13.09 1.45 -5.18
N ALA A 89 11.89 1.45 -4.63
CA ALA A 89 11.12 2.66 -4.40
C ALA A 89 11.86 3.58 -3.42
N GLU A 90 12.54 2.96 -2.45
CA GLU A 90 13.34 3.71 -1.48
C GLU A 90 14.47 4.45 -2.19
N ALA A 91 14.93 3.87 -3.30
CA ALA A 91 15.98 4.49 -4.10
C ALA A 91 15.37 5.53 -5.03
N MET A 92 14.19 5.21 -5.55
CA MET A 92 13.48 6.09 -6.47
C MET A 92 13.13 7.41 -5.80
N SER A 93 12.85 7.37 -4.52
CA SER A 93 12.55 8.58 -3.77
C SER A 93 13.83 9.28 -3.33
N GLN A 94 14.93 8.53 -3.31
CA GLN A 94 16.21 9.05 -2.83
C GLN A 94 16.95 9.81 -3.95
N VAL A 95 16.74 9.39 -5.20
CA VAL A 95 17.41 10.00 -6.34
C VAL A 95 17.10 11.50 -6.46
N THR A 96 16.02 11.93 -5.81
CA THR A 96 15.66 13.35 -5.78
C THR A 96 16.81 14.19 -5.23
N ASN A 97 17.64 13.57 -4.39
CA ASN A 97 18.80 14.23 -3.82
C ASN A 97 20.05 13.40 -4.15
N PRO A 98 20.66 13.67 -5.32
CA PRO A 98 21.82 12.91 -5.80
C PRO A 98 23.08 13.20 -4.98
N ALA A 99 22.99 14.19 -4.12
CA ALA A 99 24.14 14.62 -3.33
C ALA A 99 24.55 13.53 -2.34
N THR A 100 23.56 12.79 -1.85
CA THR A 100 23.81 11.77 -0.84
C THR A 100 24.25 10.45 -1.46
N ILE A 101 23.56 10.04 -2.52
CA ILE A 101 23.83 8.76 -3.16
C ILE A 101 25.15 8.77 -3.92
N MET A 102 25.59 9.93 -4.37
CA MET A 102 26.81 10.05 -5.15
C MET A 102 28.04 9.93 -4.25
N ILE A 103 27.94 10.46 -3.03
CA ILE A 103 29.04 10.40 -2.08
C ILE A 103 29.27 8.97 -1.63
N GLN A 104 28.23 8.36 -1.09
CA GLN A 104 28.31 7.03 -0.51
C GLN A 104 28.66 5.98 -1.57
N LYS A 105 28.32 6.26 -2.82
CA LYS A 105 28.60 5.36 -3.92
C LYS A 105 30.10 5.26 -4.17
N GLY A 106 30.82 6.32 -3.82
CA GLY A 106 32.25 6.33 -4.01
C GLY A 106 33.02 5.64 -2.89
N ASN A 107 32.92 6.20 -1.69
CA ASN A 107 33.72 5.73 -0.55
C ASN A 107 33.04 4.59 0.21
N PHE A 108 31.75 4.74 0.50
CA PHE A 108 31.04 3.78 1.35
C PHE A 108 30.78 2.47 0.63
N ARG A 109 30.45 2.56 -0.65
CA ARG A 109 30.13 1.38 -1.44
C ARG A 109 31.27 0.37 -1.43
N ASN A 110 32.44 0.79 -1.89
CA ASN A 110 33.58 -0.10 -2.10
C ASN A 110 33.21 -1.18 -3.12
N GLN A 111 32.58 -2.23 -2.63
CA GLN A 111 32.03 -3.27 -3.48
C GLN A 111 30.58 -3.50 -3.09
N ARG A 112 30.38 -3.90 -1.83
CA ARG A 112 29.06 -4.01 -1.22
C ARG A 112 28.12 -4.85 -2.09
N LYS A 113 28.57 -6.03 -2.49
CA LYS A 113 27.74 -6.94 -3.26
C LYS A 113 26.77 -7.67 -2.35
N THR A 114 26.87 -7.41 -1.05
CA THR A 114 26.04 -8.07 -0.04
C THR A 114 24.55 -7.73 -0.21
N VAL A 115 24.26 -6.70 -1.00
CA VAL A 115 22.88 -6.33 -1.27
C VAL A 115 22.28 -7.29 -2.29
N LYS A 116 23.15 -7.90 -3.08
CA LYS A 116 22.71 -8.85 -4.09
C LYS A 116 23.11 -10.26 -3.70
N CYS A 117 22.34 -11.22 -4.16
CA CYS A 117 22.54 -12.59 -3.78
C CYS A 117 23.51 -13.28 -4.71
N PHE A 118 24.76 -13.38 -4.30
CA PHE A 118 25.75 -14.09 -5.09
C PHE A 118 25.79 -15.57 -4.71
N ASN A 119 24.67 -16.26 -4.98
CA ASN A 119 24.57 -17.69 -4.72
C ASN A 119 23.27 -18.27 -5.28
N CYS A 120 22.14 -17.55 -5.16
CA CYS A 120 20.86 -18.12 -5.56
C CYS A 120 20.02 -17.20 -6.45
N GLY A 121 20.27 -15.89 -6.43
CA GLY A 121 19.34 -14.98 -7.06
C GLY A 121 19.98 -13.85 -7.85
N LYS A 122 21.11 -13.34 -7.37
CA LYS A 122 21.76 -12.18 -7.95
C LYS A 122 20.86 -10.94 -7.83
N GLU A 123 20.01 -10.98 -6.82
CA GLU A 123 19.05 -9.92 -6.56
C GLU A 123 19.10 -9.54 -5.09
N GLY A 124 18.06 -8.87 -4.59
CA GLY A 124 18.07 -8.34 -3.24
C GLY A 124 17.86 -9.39 -2.17
N HIS A 125 18.75 -10.37 -2.11
CA HIS A 125 18.86 -11.25 -0.95
C HIS A 125 20.24 -11.07 -0.35
N ILE A 126 20.34 -11.14 0.96
CA ILE A 126 21.65 -11.24 1.58
C ILE A 126 22.14 -12.68 1.45
N ALA A 127 23.31 -12.84 0.83
CA ALA A 127 23.87 -14.17 0.58
C ALA A 127 23.99 -14.98 1.86
N LYS A 128 23.95 -14.30 3.00
CA LYS A 128 24.05 -14.94 4.30
C LYS A 128 22.87 -15.89 4.56
N ASN A 129 21.65 -15.48 4.19
CA ASN A 129 20.46 -16.23 4.57
C ASN A 129 20.12 -17.27 3.52
N CYS A 130 20.57 -17.04 2.30
CA CYS A 130 20.36 -18.00 1.22
C CYS A 130 21.40 -19.12 1.31
N ARG A 131 20.95 -20.35 1.36
CA ARG A 131 21.83 -21.49 1.43
C ARG A 131 22.18 -21.98 0.02
N ALA A 132 23.33 -21.55 -0.47
CA ALA A 132 23.80 -21.92 -1.80
C ALA A 132 25.29 -21.57 -1.92
N PRO A 133 26.02 -22.19 -2.87
CA PRO A 133 27.45 -21.93 -3.04
C PRO A 133 27.75 -20.47 -3.39
N ARG A 134 28.88 -19.98 -2.87
CA ARG A 134 29.34 -18.59 -3.01
C ARG A 134 28.63 -17.69 -2.02
N LYS A 135 27.85 -18.27 -1.13
CA LYS A 135 27.26 -17.51 -0.05
C LYS A 135 28.33 -17.10 0.94
N LYS A 136 29.37 -17.93 1.05
CA LYS A 136 30.58 -17.56 1.78
C LYS A 136 31.48 -16.77 0.85
N GLY A 137 31.00 -16.62 -0.38
CA GLY A 137 31.75 -15.92 -1.40
C GLY A 137 32.61 -16.83 -2.26
N CYS A 138 32.70 -18.10 -1.88
CA CYS A 138 33.62 -19.02 -2.53
C CYS A 138 32.93 -20.22 -3.17
N TRP A 139 33.50 -20.68 -4.28
CA TRP A 139 33.05 -21.93 -4.91
C TRP A 139 34.12 -23.04 -4.90
N LYS A 140 35.10 -22.99 -3.99
CA LYS A 140 36.15 -24.02 -3.98
C LYS A 140 36.93 -24.10 -2.65
N CYS A 141 37.44 -22.97 -2.17
CA CYS A 141 38.25 -22.95 -0.94
C CYS A 141 37.38 -23.31 0.25
N GLY A 142 36.06 -23.20 0.07
CA GLY A 142 35.12 -23.47 1.14
C GLY A 142 35.20 -22.44 2.24
N LYS A 143 35.79 -21.30 1.93
CA LYS A 143 36.05 -20.27 2.92
C LYS A 143 36.09 -18.90 2.26
N GLU A 144 35.73 -17.87 3.01
CA GLU A 144 35.64 -16.51 2.48
C GLU A 144 37.00 -15.84 2.41
N GLY A 145 38.03 -16.53 2.88
CA GLY A 145 39.38 -15.99 2.82
C GLY A 145 40.03 -16.25 1.48
N HIS A 146 39.39 -15.76 0.43
CA HIS A 146 39.85 -15.99 -0.93
C HIS A 146 39.45 -14.80 -1.81
N GLN A 147 40.08 -14.64 -2.95
CA GLN A 147 39.75 -13.54 -3.86
C GLN A 147 38.66 -13.94 -4.87
N MET A 148 38.24 -15.21 -4.84
CA MET A 148 37.24 -15.75 -5.78
C MET A 148 37.76 -15.84 -7.21
N LYS A 149 38.37 -14.79 -7.71
CA LYS A 149 39.05 -14.86 -9.00
C LYS A 149 40.30 -15.70 -8.85
N ASP A 150 41.02 -15.47 -7.75
CA ASP A 150 42.21 -16.24 -7.42
C ASP A 150 41.83 -17.48 -6.61
N CYS A 151 40.56 -17.88 -6.71
CA CYS A 151 40.05 -19.05 -6.02
C CYS A 151 40.88 -20.26 -6.39
N THR A 152 41.51 -20.87 -5.39
CA THR A 152 42.40 -21.99 -5.62
C THR A 152 41.64 -23.19 -6.19
N GLU A 153 41.92 -23.49 -7.45
CA GLU A 153 41.32 -24.64 -8.11
C GLU A 153 42.41 -25.57 -8.60
N ARG A 154 42.28 -26.85 -8.32
CA ARG A 154 43.35 -27.81 -8.56
C ARG A 154 43.05 -28.68 -9.79
N GLN A 155 41.77 -28.80 -10.12
CA GLN A 155 41.35 -29.65 -11.22
C GLN A 155 41.71 -29.02 -12.56
N ALA A 156 41.50 -27.71 -12.66
CA ALA A 156 41.89 -26.96 -13.84
C ALA A 156 43.38 -26.60 -13.78
N ASN A 157 44.22 -27.62 -13.96
CA ASN A 157 45.68 -27.45 -13.87
C ASN A 157 46.19 -26.58 -15.01
#